data_1RSS
# 
_entry.id   1RSS 
# 
_audit_conform.dict_name       mmcif_pdbx.dic 
_audit_conform.dict_version    5.386 
_audit_conform.dict_location   http://mmcif.pdb.org/dictionaries/ascii/mmcif_pdbx.dic 
# 
loop_
_database_2.database_id 
_database_2.database_code 
_database_2.pdbx_database_accession 
_database_2.pdbx_DOI 
PDB   1RSS         pdb_00001rss 10.2210/pdb1rss/pdb 
WWPDB D_1000176202 ?            ?                   
# 
loop_
_pdbx_audit_revision_history.ordinal 
_pdbx_audit_revision_history.data_content_type 
_pdbx_audit_revision_history.major_revision 
_pdbx_audit_revision_history.minor_revision 
_pdbx_audit_revision_history.revision_date 
1 'Structure model' 1 0 1998-02-11 
2 'Structure model' 1 1 2008-03-24 
3 'Structure model' 1 2 2011-07-13 
4 'Structure model' 1 3 2024-02-14 
# 
_pdbx_audit_revision_details.ordinal             1 
_pdbx_audit_revision_details.revision_ordinal    1 
_pdbx_audit_revision_details.data_content_type   'Structure model' 
_pdbx_audit_revision_details.provider            repository 
_pdbx_audit_revision_details.type                'Initial release' 
_pdbx_audit_revision_details.description         ? 
_pdbx_audit_revision_details.details             ? 
# 
loop_
_pdbx_audit_revision_group.ordinal 
_pdbx_audit_revision_group.revision_ordinal 
_pdbx_audit_revision_group.data_content_type 
_pdbx_audit_revision_group.group 
1 2 'Structure model' 'Version format compliance' 
2 3 'Structure model' 'Version format compliance' 
3 4 'Structure model' 'Data collection'           
4 4 'Structure model' 'Database references'       
# 
loop_
_pdbx_audit_revision_category.ordinal 
_pdbx_audit_revision_category.revision_ordinal 
_pdbx_audit_revision_category.data_content_type 
_pdbx_audit_revision_category.category 
1 4 'Structure model' chem_comp_atom 
2 4 'Structure model' chem_comp_bond 
3 4 'Structure model' database_2     
# 
loop_
_pdbx_audit_revision_item.ordinal 
_pdbx_audit_revision_item.revision_ordinal 
_pdbx_audit_revision_item.data_content_type 
_pdbx_audit_revision_item.item 
1 4 'Structure model' '_database_2.pdbx_DOI'                
2 4 'Structure model' '_database_2.pdbx_database_accession' 
# 
_pdbx_database_status.status_code                     REL 
_pdbx_database_status.entry_id                        1RSS 
_pdbx_database_status.recvd_initial_deposition_date   1997-08-05 
_pdbx_database_status.deposit_site                    ? 
_pdbx_database_status.process_site                    BNL 
_pdbx_database_status.status_code_sf                  REL 
_pdbx_database_status.status_code_mr                  ? 
_pdbx_database_status.SG_entry                        ? 
_pdbx_database_status.pdb_format_compatible           Y 
_pdbx_database_status.status_code_cs                  ? 
_pdbx_database_status.status_code_nmr_data            ? 
_pdbx_database_status.methods_development_category    ? 
# 
loop_
_audit_author.name 
_audit_author.pdbx_ordinal 
'Wimberly, B.'     1 
'White, S.'        2 
'Ramakrishnan, V.' 3 
# 
_citation.id                        primary 
_citation.title                     
'The structure of ribosomal protein S7 at 1.9 A resolution reveals a beta-hairpin motif that binds double-stranded nucleic acids.' 
_citation.journal_abbrev            Structure 
_citation.journal_volume            5 
_citation.page_first                1187 
_citation.page_last                 1198 
_citation.year                      1997 
_citation.journal_id_ASTM           STRUE6 
_citation.country                   UK 
_citation.journal_id_ISSN           0969-2126 
_citation.journal_id_CSD            2005 
_citation.book_publisher            ? 
_citation.pdbx_database_id_PubMed   9331418 
_citation.pdbx_database_id_DOI      '10.1016/S0969-2126(97)00269-4' 
# 
loop_
_citation_author.citation_id 
_citation_author.name 
_citation_author.ordinal 
_citation_author.identifier_ORCID 
primary 'Wimberly, B.T.'   1 ? 
primary 'White, S.W.'      2 ? 
primary 'Ramakrishnan, V.' 3 ? 
# 
loop_
_entity.id 
_entity.type 
_entity.src_method 
_entity.pdbx_description 
_entity.formula_weight 
_entity.pdbx_number_of_molecules 
_entity.pdbx_ec 
_entity.pdbx_mutation 
_entity.pdbx_fragment 
_entity.details 
1 polymer man 'RIBOSOMAL PROTEIN S7' 17351.115 1   ? '5 RESIDUES DELETED FROM N-TERMINUS' ? ? 
2 water   nat water                  18.015    146 ? ?                                    ? ? 
# 
_entity_poly.entity_id                      1 
_entity_poly.type                           'polypeptide(L)' 
_entity_poly.nstd_linkage                   no 
_entity_poly.nstd_monomer                   no 
_entity_poly.pdbx_seq_one_letter_code       
;MAEVRQLQPDLVYGDVLVTAFINKIMRDGKKNLAARIFYDACKIIQEKTGQEPLKVFKQAVENVKPRMEVRSRRVGGANY
QVPMEVSPRRQQSLALRWLVQAANQRPERRAAVRIAHELMDAAEGKGGAVKKKEDVERMAEANRAYAHYRW
;
_entity_poly.pdbx_seq_one_letter_code_can   
;MAEVRQLQPDLVYGDVLVTAFINKIMRDGKKNLAARIFYDACKIIQEKTGQEPLKVFKQAVENVKPRMEVRSRRVGGANY
QVPMEVSPRRQQSLALRWLVQAANQRPERRAAVRIAHELMDAAEGKGGAVKKKEDVERMAEANRAYAHYRW
;
_entity_poly.pdbx_strand_id                 A 
_entity_poly.pdbx_target_identifier         ? 
# 
_pdbx_entity_nonpoly.entity_id   2 
_pdbx_entity_nonpoly.name        water 
_pdbx_entity_nonpoly.comp_id     HOH 
# 
loop_
_entity_poly_seq.entity_id 
_entity_poly_seq.num 
_entity_poly_seq.mon_id 
_entity_poly_seq.hetero 
1 1   MET n 
1 2   ALA n 
1 3   GLU n 
1 4   VAL n 
1 5   ARG n 
1 6   GLN n 
1 7   LEU n 
1 8   GLN n 
1 9   PRO n 
1 10  ASP n 
1 11  LEU n 
1 12  VAL n 
1 13  TYR n 
1 14  GLY n 
1 15  ASP n 
1 16  VAL n 
1 17  LEU n 
1 18  VAL n 
1 19  THR n 
1 20  ALA n 
1 21  PHE n 
1 22  ILE n 
1 23  ASN n 
1 24  LYS n 
1 25  ILE n 
1 26  MET n 
1 27  ARG n 
1 28  ASP n 
1 29  GLY n 
1 30  LYS n 
1 31  LYS n 
1 32  ASN n 
1 33  LEU n 
1 34  ALA n 
1 35  ALA n 
1 36  ARG n 
1 37  ILE n 
1 38  PHE n 
1 39  TYR n 
1 40  ASP n 
1 41  ALA n 
1 42  CYS n 
1 43  LYS n 
1 44  ILE n 
1 45  ILE n 
1 46  GLN n 
1 47  GLU n 
1 48  LYS n 
1 49  THR n 
1 50  GLY n 
1 51  GLN n 
1 52  GLU n 
1 53  PRO n 
1 54  LEU n 
1 55  LYS n 
1 56  VAL n 
1 57  PHE n 
1 58  LYS n 
1 59  GLN n 
1 60  ALA n 
1 61  VAL n 
1 62  GLU n 
1 63  ASN n 
1 64  VAL n 
1 65  LYS n 
1 66  PRO n 
1 67  ARG n 
1 68  MET n 
1 69  GLU n 
1 70  VAL n 
1 71  ARG n 
1 72  SER n 
1 73  ARG n 
1 74  ARG n 
1 75  VAL n 
1 76  GLY n 
1 77  GLY n 
1 78  ALA n 
1 79  ASN n 
1 80  TYR n 
1 81  GLN n 
1 82  VAL n 
1 83  PRO n 
1 84  MET n 
1 85  GLU n 
1 86  VAL n 
1 87  SER n 
1 88  PRO n 
1 89  ARG n 
1 90  ARG n 
1 91  GLN n 
1 92  GLN n 
1 93  SER n 
1 94  LEU n 
1 95  ALA n 
1 96  LEU n 
1 97  ARG n 
1 98  TRP n 
1 99  LEU n 
1 100 VAL n 
1 101 GLN n 
1 102 ALA n 
1 103 ALA n 
1 104 ASN n 
1 105 GLN n 
1 106 ARG n 
1 107 PRO n 
1 108 GLU n 
1 109 ARG n 
1 110 ARG n 
1 111 ALA n 
1 112 ALA n 
1 113 VAL n 
1 114 ARG n 
1 115 ILE n 
1 116 ALA n 
1 117 HIS n 
1 118 GLU n 
1 119 LEU n 
1 120 MET n 
1 121 ASP n 
1 122 ALA n 
1 123 ALA n 
1 124 GLU n 
1 125 GLY n 
1 126 LYS n 
1 127 GLY n 
1 128 GLY n 
1 129 ALA n 
1 130 VAL n 
1 131 LYS n 
1 132 LYS n 
1 133 LYS n 
1 134 GLU n 
1 135 ASP n 
1 136 VAL n 
1 137 GLU n 
1 138 ARG n 
1 139 MET n 
1 140 ALA n 
1 141 GLU n 
1 142 ALA n 
1 143 ASN n 
1 144 ARG n 
1 145 ALA n 
1 146 TYR n 
1 147 ALA n 
1 148 HIS n 
1 149 TYR n 
1 150 ARG n 
1 151 TRP n 
# 
_entity_src_gen.entity_id                          1 
_entity_src_gen.pdbx_src_id                        1 
_entity_src_gen.pdbx_alt_source_flag               sample 
_entity_src_gen.pdbx_seq_type                      ? 
_entity_src_gen.pdbx_beg_seq_num                   ? 
_entity_src_gen.pdbx_end_seq_num                   ? 
_entity_src_gen.gene_src_common_name               ? 
_entity_src_gen.gene_src_genus                     Thermus 
_entity_src_gen.pdbx_gene_src_gene                 S7 
_entity_src_gen.gene_src_species                   ? 
_entity_src_gen.gene_src_strain                    ? 
_entity_src_gen.gene_src_tissue                    ? 
_entity_src_gen.gene_src_tissue_fraction           ? 
_entity_src_gen.gene_src_details                   ? 
_entity_src_gen.pdbx_gene_src_fragment             ? 
_entity_src_gen.pdbx_gene_src_scientific_name      'Thermus thermophilus' 
_entity_src_gen.pdbx_gene_src_ncbi_taxonomy_id     274 
_entity_src_gen.pdbx_gene_src_variant              ? 
_entity_src_gen.pdbx_gene_src_cell_line            BL21 
_entity_src_gen.pdbx_gene_src_atcc                 ? 
_entity_src_gen.pdbx_gene_src_organ                ? 
_entity_src_gen.pdbx_gene_src_organelle            ? 
_entity_src_gen.pdbx_gene_src_cell                 ? 
_entity_src_gen.pdbx_gene_src_cellular_location    ? 
_entity_src_gen.host_org_common_name               ? 
_entity_src_gen.pdbx_host_org_scientific_name      'Escherichia coli BL21(DE3)' 
_entity_src_gen.pdbx_host_org_ncbi_taxonomy_id     469008 
_entity_src_gen.host_org_genus                     Escherichia 
_entity_src_gen.pdbx_host_org_gene                 S7 
_entity_src_gen.pdbx_host_org_organ                ? 
_entity_src_gen.host_org_species                   'Escherichia coli' 
_entity_src_gen.pdbx_host_org_tissue               ? 
_entity_src_gen.pdbx_host_org_tissue_fraction      ? 
_entity_src_gen.pdbx_host_org_strain               'BL21 (DE3)' 
_entity_src_gen.pdbx_host_org_variant              ? 
_entity_src_gen.pdbx_host_org_cell_line            ? 
_entity_src_gen.pdbx_host_org_atcc                 ? 
_entity_src_gen.pdbx_host_org_culture_collection   ? 
_entity_src_gen.pdbx_host_org_cell                 ? 
_entity_src_gen.pdbx_host_org_organelle            ? 
_entity_src_gen.pdbx_host_org_cellular_location    ? 
_entity_src_gen.pdbx_host_org_vector_type          PLASMID 
_entity_src_gen.pdbx_host_org_vector               ? 
_entity_src_gen.host_org_details                   ? 
_entity_src_gen.expression_system_id               ? 
_entity_src_gen.plasmid_name                       PET-13A 
_entity_src_gen.plasmid_details                    ? 
_entity_src_gen.pdbx_description                   ? 
# 
loop_
_chem_comp.id 
_chem_comp.type 
_chem_comp.mon_nstd_flag 
_chem_comp.name 
_chem_comp.pdbx_synonyms 
_chem_comp.formula 
_chem_comp.formula_weight 
ALA 'L-peptide linking' y ALANINE         ? 'C3 H7 N O2'     89.093  
ARG 'L-peptide linking' y ARGININE        ? 'C6 H15 N4 O2 1' 175.209 
ASN 'L-peptide linking' y ASPARAGINE      ? 'C4 H8 N2 O3'    132.118 
ASP 'L-peptide linking' y 'ASPARTIC ACID' ? 'C4 H7 N O4'     133.103 
CYS 'L-peptide linking' y CYSTEINE        ? 'C3 H7 N O2 S'   121.158 
GLN 'L-peptide linking' y GLUTAMINE       ? 'C5 H10 N2 O3'   146.144 
GLU 'L-peptide linking' y 'GLUTAMIC ACID' ? 'C5 H9 N O4'     147.129 
GLY 'peptide linking'   y GLYCINE         ? 'C2 H5 N O2'     75.067  
HIS 'L-peptide linking' y HISTIDINE       ? 'C6 H10 N3 O2 1' 156.162 
HOH non-polymer         . WATER           ? 'H2 O'           18.015  
ILE 'L-peptide linking' y ISOLEUCINE      ? 'C6 H13 N O2'    131.173 
LEU 'L-peptide linking' y LEUCINE         ? 'C6 H13 N O2'    131.173 
LYS 'L-peptide linking' y LYSINE          ? 'C6 H15 N2 O2 1' 147.195 
MET 'L-peptide linking' y METHIONINE      ? 'C5 H11 N O2 S'  149.211 
PHE 'L-peptide linking' y PHENYLALANINE   ? 'C9 H11 N O2'    165.189 
PRO 'L-peptide linking' y PROLINE         ? 'C5 H9 N O2'     115.130 
SER 'L-peptide linking' y SERINE          ? 'C3 H7 N O3'     105.093 
THR 'L-peptide linking' y THREONINE       ? 'C4 H9 N O3'     119.119 
TRP 'L-peptide linking' y TRYPTOPHAN      ? 'C11 H12 N2 O2'  204.225 
TYR 'L-peptide linking' y TYROSINE        ? 'C9 H11 N O3'    181.189 
VAL 'L-peptide linking' y VALINE          ? 'C5 H11 N O2'    117.146 
# 
loop_
_pdbx_poly_seq_scheme.asym_id 
_pdbx_poly_seq_scheme.entity_id 
_pdbx_poly_seq_scheme.seq_id 
_pdbx_poly_seq_scheme.mon_id 
_pdbx_poly_seq_scheme.ndb_seq_num 
_pdbx_poly_seq_scheme.pdb_seq_num 
_pdbx_poly_seq_scheme.auth_seq_num 
_pdbx_poly_seq_scheme.pdb_mon_id 
_pdbx_poly_seq_scheme.auth_mon_id 
_pdbx_poly_seq_scheme.pdb_strand_id 
_pdbx_poly_seq_scheme.pdb_ins_code 
_pdbx_poly_seq_scheme.hetero 
A 1 1   MET 1   6   ?   ?   ?   A . n 
A 1 2   ALA 2   7   ?   ?   ?   A . n 
A 1 3   GLU 3   8   ?   ?   ?   A . n 
A 1 4   VAL 4   9   ?   ?   ?   A . n 
A 1 5   ARG 5   10  ?   ?   ?   A . n 
A 1 6   GLN 6   11  ?   ?   ?   A . n 
A 1 7   LEU 7   12  12  LEU LEU A . n 
A 1 8   GLN 8   13  13  GLN GLN A . n 
A 1 9   PRO 9   14  14  PRO PRO A . n 
A 1 10  ASP 10  15  15  ASP ASP A . n 
A 1 11  LEU 11  16  16  LEU LEU A . n 
A 1 12  VAL 12  17  17  VAL VAL A . n 
A 1 13  TYR 13  18  18  TYR TYR A . n 
A 1 14  GLY 14  19  19  GLY GLY A . n 
A 1 15  ASP 15  20  20  ASP ASP A . n 
A 1 16  VAL 16  21  21  VAL VAL A . n 
A 1 17  LEU 17  22  22  LEU LEU A . n 
A 1 18  VAL 18  23  23  VAL VAL A . n 
A 1 19  THR 19  24  24  THR THR A . n 
A 1 20  ALA 20  25  25  ALA ALA A . n 
A 1 21  PHE 21  26  26  PHE PHE A . n 
A 1 22  ILE 22  27  27  ILE ILE A . n 
A 1 23  ASN 23  28  28  ASN ASN A . n 
A 1 24  LYS 24  29  29  LYS LYS A . n 
A 1 25  ILE 25  30  30  ILE ILE A . n 
A 1 26  MET 26  31  31  MET MET A . n 
A 1 27  ARG 27  32  32  ARG ARG A . n 
A 1 28  ASP 28  33  33  ASP ASP A . n 
A 1 29  GLY 29  34  34  GLY GLY A . n 
A 1 30  LYS 30  35  35  LYS LYS A . n 
A 1 31  LYS 31  36  36  LYS LYS A . n 
A 1 32  ASN 32  37  37  ASN ASN A . n 
A 1 33  LEU 33  38  38  LEU LEU A . n 
A 1 34  ALA 34  39  39  ALA ALA A . n 
A 1 35  ALA 35  40  40  ALA ALA A . n 
A 1 36  ARG 36  41  41  ARG ARG A . n 
A 1 37  ILE 37  42  42  ILE ILE A . n 
A 1 38  PHE 38  43  43  PHE PHE A . n 
A 1 39  TYR 39  44  44  TYR TYR A . n 
A 1 40  ASP 40  45  45  ASP ASP A . n 
A 1 41  ALA 41  46  46  ALA ALA A . n 
A 1 42  CYS 42  47  47  CYS CYS A . n 
A 1 43  LYS 43  48  48  LYS LYS A . n 
A 1 44  ILE 44  49  49  ILE ILE A . n 
A 1 45  ILE 45  50  50  ILE ILE A . n 
A 1 46  GLN 46  51  51  GLN GLN A . n 
A 1 47  GLU 47  52  52  GLU GLU A . n 
A 1 48  LYS 48  53  53  LYS LYS A . n 
A 1 49  THR 49  54  54  THR THR A . n 
A 1 50  GLY 50  55  55  GLY GLY A . n 
A 1 51  GLN 51  56  56  GLN GLN A . n 
A 1 52  GLU 52  57  57  GLU GLU A . n 
A 1 53  PRO 53  58  58  PRO PRO A . n 
A 1 54  LEU 54  59  59  LEU LEU A . n 
A 1 55  LYS 55  60  60  LYS LYS A . n 
A 1 56  VAL 56  61  61  VAL VAL A . n 
A 1 57  PHE 57  62  62  PHE PHE A . n 
A 1 58  LYS 58  63  63  LYS LYS A . n 
A 1 59  GLN 59  64  64  GLN GLN A . n 
A 1 60  ALA 60  65  65  ALA ALA A . n 
A 1 61  VAL 61  66  66  VAL VAL A . n 
A 1 62  GLU 62  67  67  GLU GLU A . n 
A 1 63  ASN 63  68  68  ASN ASN A . n 
A 1 64  VAL 64  69  69  VAL VAL A . n 
A 1 65  LYS 65  70  70  LYS LYS A . n 
A 1 66  PRO 66  71  71  PRO PRO A . n 
A 1 67  ARG 67  72  72  ARG ARG A . n 
A 1 68  MET 68  73  73  MET MET A . n 
A 1 69  GLU 69  74  74  GLU GLU A . n 
A 1 70  VAL 70  75  75  VAL VAL A . n 
A 1 71  ARG 71  76  76  ARG ARG A . n 
A 1 72  SER 72  77  77  SER SER A . n 
A 1 73  ARG 73  78  78  ARG ARG A . n 
A 1 74  ARG 74  79  79  ARG ARG A . n 
A 1 75  VAL 75  80  80  VAL VAL A . n 
A 1 76  GLY 76  81  81  GLY GLY A . n 
A 1 77  GLY 77  82  82  GLY GLY A . n 
A 1 78  ALA 78  83  83  ALA ALA A . n 
A 1 79  ASN 79  84  84  ASN ASN A . n 
A 1 80  TYR 80  85  85  TYR TYR A . n 
A 1 81  GLN 81  86  86  GLN GLN A . n 
A 1 82  VAL 82  87  87  VAL VAL A . n 
A 1 83  PRO 83  88  88  PRO PRO A . n 
A 1 84  MET 84  89  89  MET MET A . n 
A 1 85  GLU 85  90  90  GLU GLU A . n 
A 1 86  VAL 86  91  91  VAL VAL A . n 
A 1 87  SER 87  92  92  SER SER A . n 
A 1 88  PRO 88  93  93  PRO PRO A . n 
A 1 89  ARG 89  94  94  ARG ARG A . n 
A 1 90  ARG 90  95  95  ARG ARG A . n 
A 1 91  GLN 91  96  96  GLN GLN A . n 
A 1 92  GLN 92  97  97  GLN GLN A . n 
A 1 93  SER 93  98  98  SER SER A . n 
A 1 94  LEU 94  99  99  LEU LEU A . n 
A 1 95  ALA 95  100 100 ALA ALA A . n 
A 1 96  LEU 96  101 101 LEU LEU A . n 
A 1 97  ARG 97  102 102 ARG ARG A . n 
A 1 98  TRP 98  103 103 TRP TRP A . n 
A 1 99  LEU 99  104 104 LEU LEU A . n 
A 1 100 VAL 100 105 105 VAL VAL A . n 
A 1 101 GLN 101 106 106 GLN GLN A . n 
A 1 102 ALA 102 107 107 ALA ALA A . n 
A 1 103 ALA 103 108 108 ALA ALA A . n 
A 1 104 ASN 104 109 109 ASN ASN A . n 
A 1 105 GLN 105 110 110 GLN GLN A . n 
A 1 106 ARG 106 111 111 ARG ARG A . n 
A 1 107 PRO 107 112 112 PRO PRO A . n 
A 1 108 GLU 108 113 113 GLU GLU A . n 
A 1 109 ARG 109 114 114 ARG ARG A . n 
A 1 110 ARG 110 115 115 ARG ARG A . n 
A 1 111 ALA 111 116 116 ALA ALA A . n 
A 1 112 ALA 112 117 117 ALA ALA A . n 
A 1 113 VAL 113 118 118 VAL VAL A . n 
A 1 114 ARG 114 119 119 ARG ARG A . n 
A 1 115 ILE 115 120 120 ILE ILE A . n 
A 1 116 ALA 116 121 121 ALA ALA A . n 
A 1 117 HIS 117 122 122 HIS HIS A . n 
A 1 118 GLU 118 123 123 GLU GLU A . n 
A 1 119 LEU 119 124 124 LEU LEU A . n 
A 1 120 MET 120 125 125 MET MET A . n 
A 1 121 ASP 121 126 126 ASP ASP A . n 
A 1 122 ALA 122 127 127 ALA ALA A . n 
A 1 123 ALA 123 128 128 ALA ALA A . n 
A 1 124 GLU 124 129 129 GLU GLU A . n 
A 1 125 GLY 125 130 130 GLY GLY A . n 
A 1 126 LYS 126 131 131 LYS LYS A . n 
A 1 127 GLY 127 132 132 GLY GLY A . n 
A 1 128 GLY 128 133 133 GLY GLY A . n 
A 1 129 ALA 129 134 134 ALA ALA A . n 
A 1 130 VAL 130 135 135 VAL VAL A . n 
A 1 131 LYS 131 136 136 LYS LYS A . n 
A 1 132 LYS 132 137 137 LYS LYS A . n 
A 1 133 LYS 133 138 138 LYS LYS A . n 
A 1 134 GLU 134 139 139 GLU GLU A . n 
A 1 135 ASP 135 140 140 ASP ASP A . n 
A 1 136 VAL 136 141 141 VAL VAL A . n 
A 1 137 GLU 137 142 142 GLU GLU A . n 
A 1 138 ARG 138 143 143 ARG ARG A . n 
A 1 139 MET 139 144 144 MET MET A . n 
A 1 140 ALA 140 145 145 ALA ALA A . n 
A 1 141 GLU 141 146 146 GLU GLU A . n 
A 1 142 ALA 142 147 ?   ?   ?   A . n 
A 1 143 ASN 143 148 ?   ?   ?   A . n 
A 1 144 ARG 144 149 ?   ?   ?   A . n 
A 1 145 ALA 145 150 ?   ?   ?   A . n 
A 1 146 TYR 146 151 ?   ?   ?   A . n 
A 1 147 ALA 147 152 152 ALA ALA A . n 
A 1 148 HIS 148 153 153 HIS HIS A . n 
A 1 149 TYR 149 154 154 TYR TYR A . n 
A 1 150 ARG 150 155 155 ARG ARG A . n 
A 1 151 TRP 151 156 156 TRP TRP A . n 
# 
loop_
_pdbx_nonpoly_scheme.asym_id 
_pdbx_nonpoly_scheme.entity_id 
_pdbx_nonpoly_scheme.mon_id 
_pdbx_nonpoly_scheme.ndb_seq_num 
_pdbx_nonpoly_scheme.pdb_seq_num 
_pdbx_nonpoly_scheme.auth_seq_num 
_pdbx_nonpoly_scheme.pdb_mon_id 
_pdbx_nonpoly_scheme.auth_mon_id 
_pdbx_nonpoly_scheme.pdb_strand_id 
_pdbx_nonpoly_scheme.pdb_ins_code 
B 2 HOH 1   157 1   HOH HOH A . 
B 2 HOH 2   158 2   HOH HOH A . 
B 2 HOH 3   159 3   HOH HOH A . 
B 2 HOH 4   160 4   HOH HOH A . 
B 2 HOH 5   161 5   HOH HOH A . 
B 2 HOH 6   162 6   HOH HOH A . 
B 2 HOH 7   163 7   HOH HOH A . 
B 2 HOH 8   164 8   HOH HOH A . 
B 2 HOH 9   165 9   HOH HOH A . 
B 2 HOH 10  166 10  HOH HOH A . 
B 2 HOH 11  167 11  HOH HOH A . 
B 2 HOH 12  168 12  HOH HOH A . 
B 2 HOH 13  169 13  HOH HOH A . 
B 2 HOH 14  170 14  HOH HOH A . 
B 2 HOH 15  171 15  HOH HOH A . 
B 2 HOH 16  172 16  HOH HOH A . 
B 2 HOH 17  173 17  HOH HOH A . 
B 2 HOH 18  174 18  HOH HOH A . 
B 2 HOH 19  175 19  HOH HOH A . 
B 2 HOH 20  176 20  HOH HOH A . 
B 2 HOH 21  177 21  HOH HOH A . 
B 2 HOH 22  178 22  HOH HOH A . 
B 2 HOH 23  179 23  HOH HOH A . 
B 2 HOH 24  180 24  HOH HOH A . 
B 2 HOH 25  181 25  HOH HOH A . 
B 2 HOH 26  182 26  HOH HOH A . 
B 2 HOH 27  183 27  HOH HOH A . 
B 2 HOH 28  184 28  HOH HOH A . 
B 2 HOH 29  185 29  HOH HOH A . 
B 2 HOH 30  186 30  HOH HOH A . 
B 2 HOH 31  187 31  HOH HOH A . 
B 2 HOH 32  188 33  HOH HOH A . 
B 2 HOH 33  189 35  HOH HOH A . 
B 2 HOH 34  190 36  HOH HOH A . 
B 2 HOH 35  191 37  HOH HOH A . 
B 2 HOH 36  192 38  HOH HOH A . 
B 2 HOH 37  193 39  HOH HOH A . 
B 2 HOH 38  194 40  HOH HOH A . 
B 2 HOH 39  195 41  HOH HOH A . 
B 2 HOH 40  196 42  HOH HOH A . 
B 2 HOH 41  197 43  HOH HOH A . 
B 2 HOH 42  198 44  HOH HOH A . 
B 2 HOH 43  199 46  HOH HOH A . 
B 2 HOH 44  200 47  HOH HOH A . 
B 2 HOH 45  201 48  HOH HOH A . 
B 2 HOH 46  202 49  HOH HOH A . 
B 2 HOH 47  203 50  HOH HOH A . 
B 2 HOH 48  204 51  HOH HOH A . 
B 2 HOH 49  205 52  HOH HOH A . 
B 2 HOH 50  206 54  HOH HOH A . 
B 2 HOH 51  207 55  HOH HOH A . 
B 2 HOH 52  208 56  HOH HOH A . 
B 2 HOH 53  209 57  HOH HOH A . 
B 2 HOH 54  210 58  HOH HOH A . 
B 2 HOH 55  211 60  HOH HOH A . 
B 2 HOH 56  212 61  HOH HOH A . 
B 2 HOH 57  213 62  HOH HOH A . 
B 2 HOH 58  214 63  HOH HOH A . 
B 2 HOH 59  215 64  HOH HOH A . 
B 2 HOH 60  216 66  HOH HOH A . 
B 2 HOH 61  217 67  HOH HOH A . 
B 2 HOH 62  218 68  HOH HOH A . 
B 2 HOH 63  219 69  HOH HOH A . 
B 2 HOH 64  220 70  HOH HOH A . 
B 2 HOH 65  221 71  HOH HOH A . 
B 2 HOH 66  222 72  HOH HOH A . 
B 2 HOH 67  223 73  HOH HOH A . 
B 2 HOH 68  224 75  HOH HOH A . 
B 2 HOH 69  225 76  HOH HOH A . 
B 2 HOH 70  226 77  HOH HOH A . 
B 2 HOH 71  227 79  HOH HOH A . 
B 2 HOH 72  228 81  HOH HOH A . 
B 2 HOH 73  229 82  HOH HOH A . 
B 2 HOH 74  230 83  HOH HOH A . 
B 2 HOH 75  231 84  HOH HOH A . 
B 2 HOH 76  232 85  HOH HOH A . 
B 2 HOH 77  233 86  HOH HOH A . 
B 2 HOH 78  234 90  HOH HOH A . 
B 2 HOH 79  235 92  HOH HOH A . 
B 2 HOH 80  236 94  HOH HOH A . 
B 2 HOH 81  237 97  HOH HOH A . 
B 2 HOH 82  238 99  HOH HOH A . 
B 2 HOH 83  239 100 HOH HOH A . 
B 2 HOH 84  240 101 HOH HOH A . 
B 2 HOH 85  241 102 HOH HOH A . 
B 2 HOH 86  242 103 HOH HOH A . 
B 2 HOH 87  243 104 HOH HOH A . 
B 2 HOH 88  244 106 HOH HOH A . 
B 2 HOH 89  245 107 HOH HOH A . 
B 2 HOH 90  246 108 HOH HOH A . 
B 2 HOH 91  247 109 HOH HOH A . 
B 2 HOH 92  248 110 HOH HOH A . 
B 2 HOH 93  249 111 HOH HOH A . 
B 2 HOH 94  250 112 HOH HOH A . 
B 2 HOH 95  251 113 HOH HOH A . 
B 2 HOH 96  252 114 HOH HOH A . 
B 2 HOH 97  253 115 HOH HOH A . 
B 2 HOH 98  254 116 HOH HOH A . 
B 2 HOH 99  255 117 HOH HOH A . 
B 2 HOH 100 256 118 HOH HOH A . 
B 2 HOH 101 257 119 HOH HOH A . 
B 2 HOH 102 258 120 HOH HOH A . 
B 2 HOH 103 259 121 HOH HOH A . 
B 2 HOH 104 260 122 HOH HOH A . 
B 2 HOH 105 261 123 HOH HOH A . 
B 2 HOH 106 262 124 HOH HOH A . 
B 2 HOH 107 263 125 HOH HOH A . 
B 2 HOH 108 264 126 HOH HOH A . 
B 2 HOH 109 265 127 HOH HOH A . 
B 2 HOH 110 266 128 HOH HOH A . 
B 2 HOH 111 267 129 HOH HOH A . 
B 2 HOH 112 268 130 HOH HOH A . 
B 2 HOH 113 269 131 HOH HOH A . 
B 2 HOH 114 270 132 HOH HOH A . 
B 2 HOH 115 271 133 HOH HOH A . 
B 2 HOH 116 272 134 HOH HOH A . 
B 2 HOH 117 273 135 HOH HOH A . 
B 2 HOH 118 274 136 HOH HOH A . 
B 2 HOH 119 275 137 HOH HOH A . 
B 2 HOH 120 276 138 HOH HOH A . 
B 2 HOH 121 277 139 HOH HOH A . 
B 2 HOH 122 278 140 HOH HOH A . 
B 2 HOH 123 279 141 HOH HOH A . 
B 2 HOH 124 280 142 HOH HOH A . 
B 2 HOH 125 281 143 HOH HOH A . 
B 2 HOH 126 282 144 HOH HOH A . 
B 2 HOH 127 283 145 HOH HOH A . 
B 2 HOH 128 284 146 HOH HOH A . 
B 2 HOH 129 285 147 HOH HOH A . 
B 2 HOH 130 286 148 HOH HOH A . 
B 2 HOH 131 287 149 HOH HOH A . 
B 2 HOH 132 288 150 HOH HOH A . 
B 2 HOH 133 289 151 HOH HOH A . 
B 2 HOH 134 290 152 HOH HOH A . 
B 2 HOH 135 291 153 HOH HOH A . 
B 2 HOH 136 292 154 HOH HOH A . 
B 2 HOH 137 293 156 HOH HOH A . 
B 2 HOH 138 294 157 HOH HOH A . 
B 2 HOH 139 295 158 HOH HOH A . 
B 2 HOH 140 296 159 HOH HOH A . 
B 2 HOH 141 297 160 HOH HOH A . 
B 2 HOH 142 298 161 HOH HOH A . 
B 2 HOH 143 299 162 HOH HOH A . 
B 2 HOH 144 300 163 HOH HOH A . 
B 2 HOH 145 301 164 HOH HOH A . 
B 2 HOH 146 302 165 HOH HOH A . 
# 
loop_
_software.name 
_software.classification 
_software.version 
_software.citation_id 
_software.pdbx_ordinal 
SHARP     phasing          .     ? 1 
X-PLOR    'model building' 3.843 ? 2 
X-PLOR    refinement       3.843 ? 3 
DENZO     'data reduction' .     ? 4 
SCALEPACK 'data scaling'   .     ? 5 
X-PLOR    phasing          3.843 ? 6 
# 
_cell.entry_id           1RSS 
_cell.length_a           55.530 
_cell.length_b           55.530 
_cell.length_c           103.610 
_cell.angle_alpha        90.00 
_cell.angle_beta         90.00 
_cell.angle_gamma        90.00 
_cell.Z_PDB              8 
_cell.pdbx_unique_axis   ? 
# 
_symmetry.entry_id                         1RSS 
_symmetry.space_group_name_H-M             'P 43 21 2' 
_symmetry.pdbx_full_space_group_name_H-M   ? 
_symmetry.cell_setting                     ? 
_symmetry.Int_Tables_number                96 
# 
_exptl.entry_id          1RSS 
_exptl.method            'X-RAY DIFFRACTION' 
_exptl.crystals_number   1 
# 
_exptl_crystal.id                    1 
_exptl_crystal.density_meas          ? 
_exptl_crystal.density_Matthews      2.7 
_exptl_crystal.density_percent_sol   40. 
_exptl_crystal.description           '2 WAVELENGTH MAD EXPERIMENT' 
# 
_exptl_crystal_grow.crystal_id      1 
_exptl_crystal_grow.method          ? 
_exptl_crystal_grow.temp            277 
_exptl_crystal_grow.temp_details    ? 
_exptl_crystal_grow.pH              8.0 
_exptl_crystal_grow.pdbx_pH_range   ? 
_exptl_crystal_grow.pdbx_details    
'CRYSTALLIZED FROM 15% PEG 8000, 20% GLYCEROL, 6% MPD, 0.1 M NAHCO3, 0.1 M TRIS PH 8.0 AT 4 C, temperature 277K' 
# 
_diffrn.id                     1 
_diffrn.ambient_temp           100 
_diffrn.ambient_temp_details   ? 
_diffrn.crystal_id             1 
# 
_diffrn_detector.diffrn_id              1 
_diffrn_detector.detector               CCD 
_diffrn_detector.type                   BRANDEIS 
_diffrn_detector.pdbx_collection_date   1997-05-15 
_diffrn_detector.details                ? 
# 
_diffrn_radiation.diffrn_id                        1 
_diffrn_radiation.wavelength_id                    1 
_diffrn_radiation.pdbx_monochromatic_or_laue_m_l   M 
_diffrn_radiation.monochromator                    ? 
_diffrn_radiation.pdbx_diffrn_protocol             ? 
_diffrn_radiation.pdbx_scattering_type             x-ray 
# 
loop_
_diffrn_radiation_wavelength.id 
_diffrn_radiation_wavelength.wavelength 
_diffrn_radiation_wavelength.wt 
1 0.98 1.0 
2 1.01 1.0 
# 
_diffrn_source.diffrn_id                   1 
_diffrn_source.source                      SYNCHROTRON 
_diffrn_source.type                        'NSLS BEAMLINE X12C' 
_diffrn_source.pdbx_synchrotron_site       NSLS 
_diffrn_source.pdbx_synchrotron_beamline   X12C 
_diffrn_source.pdbx_wavelength             0.98 
_diffrn_source.pdbx_wavelength_list        '0.98, 1.01' 
# 
_reflns.entry_id                     1RSS 
_reflns.observed_criterion_sigma_I   0.0 
_reflns.observed_criterion_sigma_F   ? 
_reflns.d_resolution_low             100. 
_reflns.d_resolution_high            1.90 
_reflns.number_obs                   13428 
_reflns.number_all                   ? 
_reflns.percent_possible_obs         99.8 
_reflns.pdbx_Rmerge_I_obs            0.0330000 
_reflns.pdbx_Rsym_value              0.0400000 
_reflns.pdbx_netI_over_sigmaI        37. 
_reflns.B_iso_Wilson_estimate        25.9 
_reflns.pdbx_redundancy              7.7 
_reflns.pdbx_diffrn_id               1 
_reflns.pdbx_ordinal                 1 
# 
_reflns_shell.d_res_high             1.9 
_reflns_shell.d_res_low              1.98 
_reflns_shell.percent_possible_all   95. 
_reflns_shell.Rmerge_I_obs           0.0640000 
_reflns_shell.pdbx_Rsym_value        0.3070000 
_reflns_shell.meanI_over_sigI_obs    5. 
_reflns_shell.pdbx_redundancy        5. 
_reflns_shell.pdbx_diffrn_id         ? 
_reflns_shell.pdbx_ordinal           1 
# 
_refine.entry_id                                 1RSS 
_refine.ls_number_reflns_obs                     12890 
_refine.ls_number_reflns_all                     ? 
_refine.pdbx_ls_sigma_I                          ? 
_refine.pdbx_ls_sigma_F                          0.0 
_refine.pdbx_data_cutoff_high_absF               1000000. 
_refine.pdbx_data_cutoff_low_absF                0.001 
_refine.pdbx_data_cutoff_high_rms_absF           ? 
_refine.ls_d_res_low                             6.0 
_refine.ls_d_res_high                            1.9 
_refine.ls_percent_reflns_obs                    99.9 
_refine.ls_R_factor_obs                          0.2290000 
_refine.ls_R_factor_all                          ? 
_refine.ls_R_factor_R_work                       0.2290000 
_refine.ls_R_factor_R_free                       0.2840000 
_refine.ls_R_factor_R_free_error                 0.008 
_refine.ls_R_factor_R_free_error_details         ? 
_refine.ls_percent_reflns_R_free                 9.9 
_refine.ls_number_reflns_R_free                  1279 
_refine.ls_number_parameters                     ? 
_refine.ls_number_restraints                     ? 
_refine.occupancy_min                            ? 
_refine.occupancy_max                            ? 
_refine.B_iso_mean                               35.9 
_refine.aniso_B[1][1]                            0.05 
_refine.aniso_B[2][2]                            0.05 
_refine.aniso_B[3][3]                            -0.10 
_refine.aniso_B[1][2]                            0.0 
_refine.aniso_B[1][3]                            0.0 
_refine.aniso_B[2][3]                            0.0 
_refine.solvent_model_details                    ? 
_refine.solvent_model_param_ksol                 ? 
_refine.solvent_model_param_bsol                 ? 
_refine.pdbx_ls_cross_valid_method               THROUGHOUT 
_refine.details                                  ? 
_refine.pdbx_starting_model                      ? 
_refine.pdbx_method_to_determine_struct          MAD 
_refine.pdbx_isotropic_thermal_model             RESTRAINED 
_refine.pdbx_stereochemistry_target_values       ? 
_refine.pdbx_stereochem_target_val_spec_case     ? 
_refine.pdbx_R_Free_selection_details            RANDOM 
_refine.pdbx_overall_ESU_R                       ? 
_refine.pdbx_overall_ESU_R_Free                  ? 
_refine.overall_SU_ML                            ? 
_refine.overall_SU_B                             ? 
_refine.pdbx_refine_id                           'X-RAY DIFFRACTION' 
_refine.pdbx_diffrn_id                           1 
_refine.pdbx_TLS_residual_ADP_flag               ? 
_refine.correlation_coeff_Fo_to_Fc               ? 
_refine.correlation_coeff_Fo_to_Fc_free          ? 
_refine.pdbx_solvent_vdw_probe_radii             ? 
_refine.pdbx_solvent_ion_probe_radii             ? 
_refine.pdbx_solvent_shrinkage_radii             ? 
_refine.pdbx_overall_phase_error                 ? 
_refine.overall_SU_R_Cruickshank_DPI             ? 
_refine.pdbx_overall_SU_R_free_Cruickshank_DPI   ? 
_refine.pdbx_overall_SU_R_Blow_DPI               ? 
_refine.pdbx_overall_SU_R_free_Blow_DPI          ? 
# 
_refine_analyze.entry_id                        1RSS 
_refine_analyze.Luzzati_coordinate_error_obs    0.25 
_refine_analyze.Luzzati_sigma_a_obs             0.26 
_refine_analyze.Luzzati_d_res_low_obs           6.00 
_refine_analyze.Luzzati_coordinate_error_free   0.30 
_refine_analyze.Luzzati_sigma_a_free            0.20 
_refine_analyze.Luzzati_d_res_low_free          ? 
_refine_analyze.number_disordered_residues      ? 
_refine_analyze.occupancy_sum_hydrogen          ? 
_refine_analyze.occupancy_sum_non_hydrogen      ? 
_refine_analyze.pdbx_refine_id                  'X-RAY DIFFRACTION' 
# 
_refine_hist.pdbx_refine_id                   'X-RAY DIFFRACTION' 
_refine_hist.cycle_id                         LAST 
_refine_hist.pdbx_number_atoms_protein        1127 
_refine_hist.pdbx_number_atoms_nucleic_acid   0 
_refine_hist.pdbx_number_atoms_ligand         0 
_refine_hist.number_atoms_solvent             130 
_refine_hist.number_atoms_total               1257 
_refine_hist.d_res_high                       1.9 
_refine_hist.d_res_low                        6.0 
# 
loop_
_refine_ls_restr.type 
_refine_ls_restr.dev_ideal 
_refine_ls_restr.dev_ideal_target 
_refine_ls_restr.weight 
_refine_ls_restr.number 
_refine_ls_restr.pdbx_refine_id 
_refine_ls_restr.pdbx_restraint_function 
x_bond_d                0.007 ?    ? ? 'X-RAY DIFFRACTION' ? 
x_bond_d_na             ?     ?    ? ? 'X-RAY DIFFRACTION' ? 
x_bond_d_prot           ?     ?    ? ? 'X-RAY DIFFRACTION' ? 
x_angle_d               ?     ?    ? ? 'X-RAY DIFFRACTION' ? 
x_angle_d_na            ?     ?    ? ? 'X-RAY DIFFRACTION' ? 
x_angle_d_prot          ?     ?    ? ? 'X-RAY DIFFRACTION' ? 
x_angle_deg             1.2   ?    ? ? 'X-RAY DIFFRACTION' ? 
x_angle_deg_na          ?     ?    ? ? 'X-RAY DIFFRACTION' ? 
x_angle_deg_prot        ?     ?    ? ? 'X-RAY DIFFRACTION' ? 
x_dihedral_angle_d      21.2  ?    ? ? 'X-RAY DIFFRACTION' ? 
x_dihedral_angle_d_na   ?     ?    ? ? 'X-RAY DIFFRACTION' ? 
x_dihedral_angle_d_prot ?     ?    ? ? 'X-RAY DIFFRACTION' ? 
x_improper_angle_d      1.18  ?    ? ? 'X-RAY DIFFRACTION' ? 
x_improper_angle_d_na   ?     ?    ? ? 'X-RAY DIFFRACTION' ? 
x_improper_angle_d_prot ?     ?    ? ? 'X-RAY DIFFRACTION' ? 
x_mcbond_it             1.32  1.50 ? ? 'X-RAY DIFFRACTION' ? 
x_mcangle_it            2.20  2.00 ? ? 'X-RAY DIFFRACTION' ? 
x_scbond_it             2.54  2.00 ? ? 'X-RAY DIFFRACTION' ? 
x_scangle_it            4.14  2.50 ? ? 'X-RAY DIFFRACTION' ? 
# 
_refine_ls_shell.pdbx_total_number_of_bins_used   6 
_refine_ls_shell.d_res_high                       1.90 
_refine_ls_shell.d_res_low                        2.01 
_refine_ls_shell.number_reflns_R_work             1868 
_refine_ls_shell.R_factor_R_work                  0.3620000 
_refine_ls_shell.percent_reflns_obs               99.6 
_refine_ls_shell.R_factor_R_free                  0.3330000 
_refine_ls_shell.R_factor_R_free_error            0.022 
_refine_ls_shell.percent_reflns_R_free            10.5 
_refine_ls_shell.number_reflns_R_free             220 
_refine_ls_shell.pdbx_refine_id                   'X-RAY DIFFRACTION' 
_refine_ls_shell.number_reflns_all                ? 
_refine_ls_shell.R_factor_all                     ? 
# 
loop_
_pdbx_xplor_file.serial_no 
_pdbx_xplor_file.param_file 
_pdbx_xplor_file.topol_file 
_pdbx_xplor_file.pdbx_refine_id 
1 PARHCSDX.PRO TOPHCSDX.PRO 'X-RAY DIFFRACTION' 
2 PARAM19.SOL  TOPH19.SOL   'X-RAY DIFFRACTION' 
# 
_struct.entry_id                  1RSS 
_struct.title                     'RIBOSOMAL PROTEIN S7 FROM THERMUS THERMOPHILUS' 
_struct.pdbx_model_details        ? 
_struct.pdbx_CASP_flag            ? 
_struct.pdbx_model_type_details   ? 
# 
_struct_keywords.entry_id        1RSS 
_struct_keywords.pdbx_keywords   'RIBOSOMAL PROTEIN' 
_struct_keywords.text            'RIBOSOMAL PROTEIN, RNA-BINDING, TRANSLATION' 
# 
loop_
_struct_asym.id 
_struct_asym.pdbx_blank_PDB_chainid_flag 
_struct_asym.pdbx_modified 
_struct_asym.entity_id 
_struct_asym.details 
A N N 1 ? 
B N N 2 ? 
# 
_struct_ref.id                         1 
_struct_ref.db_name                    UNP 
_struct_ref.db_code                    RS7_THET8 
_struct_ref.entity_id                  1 
_struct_ref.pdbx_db_accession          P17291 
_struct_ref.pdbx_align_begin           1 
_struct_ref.pdbx_seq_one_letter_code   
;ARRRRAEVRQLQPDLVYGDVLVTAFINKIMRDGKKNLAARIFYDACKIIQEKTGQEPLKVFKQAVENVKPRMEVRSRRVG
GANYQVPMEVSPRRQQSLALRWLVQAANQRPERRAAVRIAHELMDAAEGKGGAVKKKEDVERMAEANRAYAHYRW
;
_struct_ref.pdbx_db_isoform            ? 
# 
_struct_ref_seq.align_id                      1 
_struct_ref_seq.ref_id                        1 
_struct_ref_seq.pdbx_PDB_id_code              1RSS 
_struct_ref_seq.pdbx_strand_id                A 
_struct_ref_seq.seq_align_beg                 2 
_struct_ref_seq.pdbx_seq_align_beg_ins_code   ? 
_struct_ref_seq.seq_align_end                 151 
_struct_ref_seq.pdbx_seq_align_end_ins_code   ? 
_struct_ref_seq.pdbx_db_accession             P17291 
_struct_ref_seq.db_align_beg                  6 
_struct_ref_seq.pdbx_db_align_beg_ins_code    ? 
_struct_ref_seq.db_align_end                  155 
_struct_ref_seq.pdbx_db_align_end_ins_code    ? 
_struct_ref_seq.pdbx_auth_seq_align_beg       7 
_struct_ref_seq.pdbx_auth_seq_align_end       156 
# 
_pdbx_struct_assembly.id                   1 
_pdbx_struct_assembly.details              author_defined_assembly 
_pdbx_struct_assembly.method_details       ? 
_pdbx_struct_assembly.oligomeric_details   monomeric 
_pdbx_struct_assembly.oligomeric_count     1 
# 
_pdbx_struct_assembly_gen.assembly_id       1 
_pdbx_struct_assembly_gen.oper_expression   1 
_pdbx_struct_assembly_gen.asym_id_list      A,B 
# 
_pdbx_struct_oper_list.id                   1 
_pdbx_struct_oper_list.type                 'identity operation' 
_pdbx_struct_oper_list.name                 1_555 
_pdbx_struct_oper_list.symmetry_operation   x,y,z 
_pdbx_struct_oper_list.matrix[1][1]         1.0000000000 
_pdbx_struct_oper_list.matrix[1][2]         0.0000000000 
_pdbx_struct_oper_list.matrix[1][3]         0.0000000000 
_pdbx_struct_oper_list.vector[1]            0.0000000000 
_pdbx_struct_oper_list.matrix[2][1]         0.0000000000 
_pdbx_struct_oper_list.matrix[2][2]         1.0000000000 
_pdbx_struct_oper_list.matrix[2][3]         0.0000000000 
_pdbx_struct_oper_list.vector[2]            0.0000000000 
_pdbx_struct_oper_list.matrix[3][1]         0.0000000000 
_pdbx_struct_oper_list.matrix[3][2]         0.0000000000 
_pdbx_struct_oper_list.matrix[3][3]         1.0000000000 
_pdbx_struct_oper_list.vector[3]            0.0000000000 
# 
_struct_biol.id   1 
# 
loop_
_struct_conf.conf_type_id 
_struct_conf.id 
_struct_conf.pdbx_PDB_helix_id 
_struct_conf.beg_label_comp_id 
_struct_conf.beg_label_asym_id 
_struct_conf.beg_label_seq_id 
_struct_conf.pdbx_beg_PDB_ins_code 
_struct_conf.end_label_comp_id 
_struct_conf.end_label_asym_id 
_struct_conf.end_label_seq_id 
_struct_conf.pdbx_end_PDB_ins_code 
_struct_conf.beg_auth_comp_id 
_struct_conf.beg_auth_asym_id 
_struct_conf.beg_auth_seq_id 
_struct_conf.end_auth_comp_id 
_struct_conf.end_auth_asym_id 
_struct_conf.end_auth_seq_id 
_struct_conf.pdbx_PDB_helix_class 
_struct_conf.details 
_struct_conf.pdbx_PDB_helix_length 
HELX_P HELX_P1 1 VAL A 16  ? ILE A 25  ? VAL A 21  ILE A 30  1 ? 10 
HELX_P HELX_P2 2 LYS A 31  ? THR A 49  ? LYS A 36  THR A 54  1 ? 19 
HELX_P HELX_P3 3 PRO A 53  ? VAL A 64  ? PRO A 58  VAL A 69  1 ? 12 
HELX_P HELX_P4 4 PRO A 88  ? GLN A 105 ? PRO A 93  GLN A 110 1 ? 18 
HELX_P HELX_P5 5 ALA A 111 ? GLU A 124 ? ALA A 116 GLU A 129 1 ? 14 
HELX_P HELX_P6 6 GLY A 128 ? ALA A 140 ? GLY A 133 ALA A 145 1 ? 13 
# 
_struct_conf_type.id          HELX_P 
_struct_conf_type.criteria    ? 
_struct_conf_type.reference   ? 
# 
_struct_sheet.id               A 
_struct_sheet.type             ? 
_struct_sheet.number_strands   2 
_struct_sheet.details          ? 
# 
_struct_sheet_order.sheet_id     A 
_struct_sheet_order.range_id_1   1 
_struct_sheet_order.range_id_2   2 
_struct_sheet_order.offset       ? 
_struct_sheet_order.sense        anti-parallel 
# 
loop_
_struct_sheet_range.sheet_id 
_struct_sheet_range.id 
_struct_sheet_range.beg_label_comp_id 
_struct_sheet_range.beg_label_asym_id 
_struct_sheet_range.beg_label_seq_id 
_struct_sheet_range.pdbx_beg_PDB_ins_code 
_struct_sheet_range.end_label_comp_id 
_struct_sheet_range.end_label_asym_id 
_struct_sheet_range.end_label_seq_id 
_struct_sheet_range.pdbx_end_PDB_ins_code 
_struct_sheet_range.beg_auth_comp_id 
_struct_sheet_range.beg_auth_asym_id 
_struct_sheet_range.beg_auth_seq_id 
_struct_sheet_range.end_auth_comp_id 
_struct_sheet_range.end_auth_asym_id 
_struct_sheet_range.end_auth_seq_id 
A 1 MET A 68 ? VAL A 75 ? MET A 73 VAL A 80 
A 2 ALA A 78 ? GLU A 85 ? ALA A 83 GLU A 90 
# 
_pdbx_struct_sheet_hbond.sheet_id                A 
_pdbx_struct_sheet_hbond.range_id_1              1 
_pdbx_struct_sheet_hbond.range_id_2              2 
_pdbx_struct_sheet_hbond.range_1_label_atom_id   O 
_pdbx_struct_sheet_hbond.range_1_label_comp_id   GLU 
_pdbx_struct_sheet_hbond.range_1_label_asym_id   A 
_pdbx_struct_sheet_hbond.range_1_label_seq_id    69 
_pdbx_struct_sheet_hbond.range_1_PDB_ins_code    ? 
_pdbx_struct_sheet_hbond.range_1_auth_atom_id    O 
_pdbx_struct_sheet_hbond.range_1_auth_comp_id    GLU 
_pdbx_struct_sheet_hbond.range_1_auth_asym_id    A 
_pdbx_struct_sheet_hbond.range_1_auth_seq_id     74 
_pdbx_struct_sheet_hbond.range_2_label_atom_id   N 
_pdbx_struct_sheet_hbond.range_2_label_comp_id   MET 
_pdbx_struct_sheet_hbond.range_2_label_asym_id   A 
_pdbx_struct_sheet_hbond.range_2_label_seq_id    84 
_pdbx_struct_sheet_hbond.range_2_PDB_ins_code    ? 
_pdbx_struct_sheet_hbond.range_2_auth_atom_id    N 
_pdbx_struct_sheet_hbond.range_2_auth_comp_id    MET 
_pdbx_struct_sheet_hbond.range_2_auth_asym_id    A 
_pdbx_struct_sheet_hbond.range_2_auth_seq_id     89 
# 
loop_
_pdbx_validate_torsion.id 
_pdbx_validate_torsion.PDB_model_num 
_pdbx_validate_torsion.auth_comp_id 
_pdbx_validate_torsion.auth_asym_id 
_pdbx_validate_torsion.auth_seq_id 
_pdbx_validate_torsion.PDB_ins_code 
_pdbx_validate_torsion.label_alt_id 
_pdbx_validate_torsion.phi 
_pdbx_validate_torsion.psi 
1 1 LYS A 35  ? ? -101.48 68.53  
2 1 HIS A 153 ? ? -102.39 -97.72 
# 
loop_
_pdbx_unobs_or_zero_occ_residues.id 
_pdbx_unobs_or_zero_occ_residues.PDB_model_num 
_pdbx_unobs_or_zero_occ_residues.polymer_flag 
_pdbx_unobs_or_zero_occ_residues.occupancy_flag 
_pdbx_unobs_or_zero_occ_residues.auth_asym_id 
_pdbx_unobs_or_zero_occ_residues.auth_comp_id 
_pdbx_unobs_or_zero_occ_residues.auth_seq_id 
_pdbx_unobs_or_zero_occ_residues.PDB_ins_code 
_pdbx_unobs_or_zero_occ_residues.label_asym_id 
_pdbx_unobs_or_zero_occ_residues.label_comp_id 
_pdbx_unobs_or_zero_occ_residues.label_seq_id 
1  1 Y 1 A MET 6   ? A MET 1   
2  1 Y 1 A ALA 7   ? A ALA 2   
3  1 Y 1 A GLU 8   ? A GLU 3   
4  1 Y 1 A VAL 9   ? A VAL 4   
5  1 Y 1 A ARG 10  ? A ARG 5   
6  1 Y 1 A GLN 11  ? A GLN 6   
7  1 Y 1 A ALA 147 ? A ALA 142 
8  1 Y 1 A ASN 148 ? A ASN 143 
9  1 Y 1 A ARG 149 ? A ARG 144 
10 1 Y 1 A ALA 150 ? A ALA 145 
11 1 Y 1 A TYR 151 ? A TYR 146 
# 
loop_
_chem_comp_atom.comp_id 
_chem_comp_atom.atom_id 
_chem_comp_atom.type_symbol 
_chem_comp_atom.pdbx_aromatic_flag 
_chem_comp_atom.pdbx_stereo_config 
_chem_comp_atom.pdbx_ordinal 
ALA N    N N N 1   
ALA CA   C N S 2   
ALA C    C N N 3   
ALA O    O N N 4   
ALA CB   C N N 5   
ALA OXT  O N N 6   
ALA H    H N N 7   
ALA H2   H N N 8   
ALA HA   H N N 9   
ALA HB1  H N N 10  
ALA HB2  H N N 11  
ALA HB3  H N N 12  
ALA HXT  H N N 13  
ARG N    N N N 14  
ARG CA   C N S 15  
ARG C    C N N 16  
ARG O    O N N 17  
ARG CB   C N N 18  
ARG CG   C N N 19  
ARG CD   C N N 20  
ARG NE   N N N 21  
ARG CZ   C N N 22  
ARG NH1  N N N 23  
ARG NH2  N N N 24  
ARG OXT  O N N 25  
ARG H    H N N 26  
ARG H2   H N N 27  
ARG HA   H N N 28  
ARG HB2  H N N 29  
ARG HB3  H N N 30  
ARG HG2  H N N 31  
ARG HG3  H N N 32  
ARG HD2  H N N 33  
ARG HD3  H N N 34  
ARG HE   H N N 35  
ARG HH11 H N N 36  
ARG HH12 H N N 37  
ARG HH21 H N N 38  
ARG HH22 H N N 39  
ARG HXT  H N N 40  
ASN N    N N N 41  
ASN CA   C N S 42  
ASN C    C N N 43  
ASN O    O N N 44  
ASN CB   C N N 45  
ASN CG   C N N 46  
ASN OD1  O N N 47  
ASN ND2  N N N 48  
ASN OXT  O N N 49  
ASN H    H N N 50  
ASN H2   H N N 51  
ASN HA   H N N 52  
ASN HB2  H N N 53  
ASN HB3  H N N 54  
ASN HD21 H N N 55  
ASN HD22 H N N 56  
ASN HXT  H N N 57  
ASP N    N N N 58  
ASP CA   C N S 59  
ASP C    C N N 60  
ASP O    O N N 61  
ASP CB   C N N 62  
ASP CG   C N N 63  
ASP OD1  O N N 64  
ASP OD2  O N N 65  
ASP OXT  O N N 66  
ASP H    H N N 67  
ASP H2   H N N 68  
ASP HA   H N N 69  
ASP HB2  H N N 70  
ASP HB3  H N N 71  
ASP HD2  H N N 72  
ASP HXT  H N N 73  
CYS N    N N N 74  
CYS CA   C N R 75  
CYS C    C N N 76  
CYS O    O N N 77  
CYS CB   C N N 78  
CYS SG   S N N 79  
CYS OXT  O N N 80  
CYS H    H N N 81  
CYS H2   H N N 82  
CYS HA   H N N 83  
CYS HB2  H N N 84  
CYS HB3  H N N 85  
CYS HG   H N N 86  
CYS HXT  H N N 87  
GLN N    N N N 88  
GLN CA   C N S 89  
GLN C    C N N 90  
GLN O    O N N 91  
GLN CB   C N N 92  
GLN CG   C N N 93  
GLN CD   C N N 94  
GLN OE1  O N N 95  
GLN NE2  N N N 96  
GLN OXT  O N N 97  
GLN H    H N N 98  
GLN H2   H N N 99  
GLN HA   H N N 100 
GLN HB2  H N N 101 
GLN HB3  H N N 102 
GLN HG2  H N N 103 
GLN HG3  H N N 104 
GLN HE21 H N N 105 
GLN HE22 H N N 106 
GLN HXT  H N N 107 
GLU N    N N N 108 
GLU CA   C N S 109 
GLU C    C N N 110 
GLU O    O N N 111 
GLU CB   C N N 112 
GLU CG   C N N 113 
GLU CD   C N N 114 
GLU OE1  O N N 115 
GLU OE2  O N N 116 
GLU OXT  O N N 117 
GLU H    H N N 118 
GLU H2   H N N 119 
GLU HA   H N N 120 
GLU HB2  H N N 121 
GLU HB3  H N N 122 
GLU HG2  H N N 123 
GLU HG3  H N N 124 
GLU HE2  H N N 125 
GLU HXT  H N N 126 
GLY N    N N N 127 
GLY CA   C N N 128 
GLY C    C N N 129 
GLY O    O N N 130 
GLY OXT  O N N 131 
GLY H    H N N 132 
GLY H2   H N N 133 
GLY HA2  H N N 134 
GLY HA3  H N N 135 
GLY HXT  H N N 136 
HIS N    N N N 137 
HIS CA   C N S 138 
HIS C    C N N 139 
HIS O    O N N 140 
HIS CB   C N N 141 
HIS CG   C Y N 142 
HIS ND1  N Y N 143 
HIS CD2  C Y N 144 
HIS CE1  C Y N 145 
HIS NE2  N Y N 146 
HIS OXT  O N N 147 
HIS H    H N N 148 
HIS H2   H N N 149 
HIS HA   H N N 150 
HIS HB2  H N N 151 
HIS HB3  H N N 152 
HIS HD1  H N N 153 
HIS HD2  H N N 154 
HIS HE1  H N N 155 
HIS HE2  H N N 156 
HIS HXT  H N N 157 
HOH O    O N N 158 
HOH H1   H N N 159 
HOH H2   H N N 160 
ILE N    N N N 161 
ILE CA   C N S 162 
ILE C    C N N 163 
ILE O    O N N 164 
ILE CB   C N S 165 
ILE CG1  C N N 166 
ILE CG2  C N N 167 
ILE CD1  C N N 168 
ILE OXT  O N N 169 
ILE H    H N N 170 
ILE H2   H N N 171 
ILE HA   H N N 172 
ILE HB   H N N 173 
ILE HG12 H N N 174 
ILE HG13 H N N 175 
ILE HG21 H N N 176 
ILE HG22 H N N 177 
ILE HG23 H N N 178 
ILE HD11 H N N 179 
ILE HD12 H N N 180 
ILE HD13 H N N 181 
ILE HXT  H N N 182 
LEU N    N N N 183 
LEU CA   C N S 184 
LEU C    C N N 185 
LEU O    O N N 186 
LEU CB   C N N 187 
LEU CG   C N N 188 
LEU CD1  C N N 189 
LEU CD2  C N N 190 
LEU OXT  O N N 191 
LEU H    H N N 192 
LEU H2   H N N 193 
LEU HA   H N N 194 
LEU HB2  H N N 195 
LEU HB3  H N N 196 
LEU HG   H N N 197 
LEU HD11 H N N 198 
LEU HD12 H N N 199 
LEU HD13 H N N 200 
LEU HD21 H N N 201 
LEU HD22 H N N 202 
LEU HD23 H N N 203 
LEU HXT  H N N 204 
LYS N    N N N 205 
LYS CA   C N S 206 
LYS C    C N N 207 
LYS O    O N N 208 
LYS CB   C N N 209 
LYS CG   C N N 210 
LYS CD   C N N 211 
LYS CE   C N N 212 
LYS NZ   N N N 213 
LYS OXT  O N N 214 
LYS H    H N N 215 
LYS H2   H N N 216 
LYS HA   H N N 217 
LYS HB2  H N N 218 
LYS HB3  H N N 219 
LYS HG2  H N N 220 
LYS HG3  H N N 221 
LYS HD2  H N N 222 
LYS HD3  H N N 223 
LYS HE2  H N N 224 
LYS HE3  H N N 225 
LYS HZ1  H N N 226 
LYS HZ2  H N N 227 
LYS HZ3  H N N 228 
LYS HXT  H N N 229 
MET N    N N N 230 
MET CA   C N S 231 
MET C    C N N 232 
MET O    O N N 233 
MET CB   C N N 234 
MET CG   C N N 235 
MET SD   S N N 236 
MET CE   C N N 237 
MET OXT  O N N 238 
MET H    H N N 239 
MET H2   H N N 240 
MET HA   H N N 241 
MET HB2  H N N 242 
MET HB3  H N N 243 
MET HG2  H N N 244 
MET HG3  H N N 245 
MET HE1  H N N 246 
MET HE2  H N N 247 
MET HE3  H N N 248 
MET HXT  H N N 249 
PHE N    N N N 250 
PHE CA   C N S 251 
PHE C    C N N 252 
PHE O    O N N 253 
PHE CB   C N N 254 
PHE CG   C Y N 255 
PHE CD1  C Y N 256 
PHE CD2  C Y N 257 
PHE CE1  C Y N 258 
PHE CE2  C Y N 259 
PHE CZ   C Y N 260 
PHE OXT  O N N 261 
PHE H    H N N 262 
PHE H2   H N N 263 
PHE HA   H N N 264 
PHE HB2  H N N 265 
PHE HB3  H N N 266 
PHE HD1  H N N 267 
PHE HD2  H N N 268 
PHE HE1  H N N 269 
PHE HE2  H N N 270 
PHE HZ   H N N 271 
PHE HXT  H N N 272 
PRO N    N N N 273 
PRO CA   C N S 274 
PRO C    C N N 275 
PRO O    O N N 276 
PRO CB   C N N 277 
PRO CG   C N N 278 
PRO CD   C N N 279 
PRO OXT  O N N 280 
PRO H    H N N 281 
PRO HA   H N N 282 
PRO HB2  H N N 283 
PRO HB3  H N N 284 
PRO HG2  H N N 285 
PRO HG3  H N N 286 
PRO HD2  H N N 287 
PRO HD3  H N N 288 
PRO HXT  H N N 289 
SER N    N N N 290 
SER CA   C N S 291 
SER C    C N N 292 
SER O    O N N 293 
SER CB   C N N 294 
SER OG   O N N 295 
SER OXT  O N N 296 
SER H    H N N 297 
SER H2   H N N 298 
SER HA   H N N 299 
SER HB2  H N N 300 
SER HB3  H N N 301 
SER HG   H N N 302 
SER HXT  H N N 303 
THR N    N N N 304 
THR CA   C N S 305 
THR C    C N N 306 
THR O    O N N 307 
THR CB   C N R 308 
THR OG1  O N N 309 
THR CG2  C N N 310 
THR OXT  O N N 311 
THR H    H N N 312 
THR H2   H N N 313 
THR HA   H N N 314 
THR HB   H N N 315 
THR HG1  H N N 316 
THR HG21 H N N 317 
THR HG22 H N N 318 
THR HG23 H N N 319 
THR HXT  H N N 320 
TRP N    N N N 321 
TRP CA   C N S 322 
TRP C    C N N 323 
TRP O    O N N 324 
TRP CB   C N N 325 
TRP CG   C Y N 326 
TRP CD1  C Y N 327 
TRP CD2  C Y N 328 
TRP NE1  N Y N 329 
TRP CE2  C Y N 330 
TRP CE3  C Y N 331 
TRP CZ2  C Y N 332 
TRP CZ3  C Y N 333 
TRP CH2  C Y N 334 
TRP OXT  O N N 335 
TRP H    H N N 336 
TRP H2   H N N 337 
TRP HA   H N N 338 
TRP HB2  H N N 339 
TRP HB3  H N N 340 
TRP HD1  H N N 341 
TRP HE1  H N N 342 
TRP HE3  H N N 343 
TRP HZ2  H N N 344 
TRP HZ3  H N N 345 
TRP HH2  H N N 346 
TRP HXT  H N N 347 
TYR N    N N N 348 
TYR CA   C N S 349 
TYR C    C N N 350 
TYR O    O N N 351 
TYR CB   C N N 352 
TYR CG   C Y N 353 
TYR CD1  C Y N 354 
TYR CD2  C Y N 355 
TYR CE1  C Y N 356 
TYR CE2  C Y N 357 
TYR CZ   C Y N 358 
TYR OH   O N N 359 
TYR OXT  O N N 360 
TYR H    H N N 361 
TYR H2   H N N 362 
TYR HA   H N N 363 
TYR HB2  H N N 364 
TYR HB3  H N N 365 
TYR HD1  H N N 366 
TYR HD2  H N N 367 
TYR HE1  H N N 368 
TYR HE2  H N N 369 
TYR HH   H N N 370 
TYR HXT  H N N 371 
VAL N    N N N 372 
VAL CA   C N S 373 
VAL C    C N N 374 
VAL O    O N N 375 
VAL CB   C N N 376 
VAL CG1  C N N 377 
VAL CG2  C N N 378 
VAL OXT  O N N 379 
VAL H    H N N 380 
VAL H2   H N N 381 
VAL HA   H N N 382 
VAL HB   H N N 383 
VAL HG11 H N N 384 
VAL HG12 H N N 385 
VAL HG13 H N N 386 
VAL HG21 H N N 387 
VAL HG22 H N N 388 
VAL HG23 H N N 389 
VAL HXT  H N N 390 
# 
loop_
_chem_comp_bond.comp_id 
_chem_comp_bond.atom_id_1 
_chem_comp_bond.atom_id_2 
_chem_comp_bond.value_order 
_chem_comp_bond.pdbx_aromatic_flag 
_chem_comp_bond.pdbx_stereo_config 
_chem_comp_bond.pdbx_ordinal 
ALA N   CA   sing N N 1   
ALA N   H    sing N N 2   
ALA N   H2   sing N N 3   
ALA CA  C    sing N N 4   
ALA CA  CB   sing N N 5   
ALA CA  HA   sing N N 6   
ALA C   O    doub N N 7   
ALA C   OXT  sing N N 8   
ALA CB  HB1  sing N N 9   
ALA CB  HB2  sing N N 10  
ALA CB  HB3  sing N N 11  
ALA OXT HXT  sing N N 12  
ARG N   CA   sing N N 13  
ARG N   H    sing N N 14  
ARG N   H2   sing N N 15  
ARG CA  C    sing N N 16  
ARG CA  CB   sing N N 17  
ARG CA  HA   sing N N 18  
ARG C   O    doub N N 19  
ARG C   OXT  sing N N 20  
ARG CB  CG   sing N N 21  
ARG CB  HB2  sing N N 22  
ARG CB  HB3  sing N N 23  
ARG CG  CD   sing N N 24  
ARG CG  HG2  sing N N 25  
ARG CG  HG3  sing N N 26  
ARG CD  NE   sing N N 27  
ARG CD  HD2  sing N N 28  
ARG CD  HD3  sing N N 29  
ARG NE  CZ   sing N N 30  
ARG NE  HE   sing N N 31  
ARG CZ  NH1  sing N N 32  
ARG CZ  NH2  doub N N 33  
ARG NH1 HH11 sing N N 34  
ARG NH1 HH12 sing N N 35  
ARG NH2 HH21 sing N N 36  
ARG NH2 HH22 sing N N 37  
ARG OXT HXT  sing N N 38  
ASN N   CA   sing N N 39  
ASN N   H    sing N N 40  
ASN N   H2   sing N N 41  
ASN CA  C    sing N N 42  
ASN CA  CB   sing N N 43  
ASN CA  HA   sing N N 44  
ASN C   O    doub N N 45  
ASN C   OXT  sing N N 46  
ASN CB  CG   sing N N 47  
ASN CB  HB2  sing N N 48  
ASN CB  HB3  sing N N 49  
ASN CG  OD1  doub N N 50  
ASN CG  ND2  sing N N 51  
ASN ND2 HD21 sing N N 52  
ASN ND2 HD22 sing N N 53  
ASN OXT HXT  sing N N 54  
ASP N   CA   sing N N 55  
ASP N   H    sing N N 56  
ASP N   H2   sing N N 57  
ASP CA  C    sing N N 58  
ASP CA  CB   sing N N 59  
ASP CA  HA   sing N N 60  
ASP C   O    doub N N 61  
ASP C   OXT  sing N N 62  
ASP CB  CG   sing N N 63  
ASP CB  HB2  sing N N 64  
ASP CB  HB3  sing N N 65  
ASP CG  OD1  doub N N 66  
ASP CG  OD2  sing N N 67  
ASP OD2 HD2  sing N N 68  
ASP OXT HXT  sing N N 69  
CYS N   CA   sing N N 70  
CYS N   H    sing N N 71  
CYS N   H2   sing N N 72  
CYS CA  C    sing N N 73  
CYS CA  CB   sing N N 74  
CYS CA  HA   sing N N 75  
CYS C   O    doub N N 76  
CYS C   OXT  sing N N 77  
CYS CB  SG   sing N N 78  
CYS CB  HB2  sing N N 79  
CYS CB  HB3  sing N N 80  
CYS SG  HG   sing N N 81  
CYS OXT HXT  sing N N 82  
GLN N   CA   sing N N 83  
GLN N   H    sing N N 84  
GLN N   H2   sing N N 85  
GLN CA  C    sing N N 86  
GLN CA  CB   sing N N 87  
GLN CA  HA   sing N N 88  
GLN C   O    doub N N 89  
GLN C   OXT  sing N N 90  
GLN CB  CG   sing N N 91  
GLN CB  HB2  sing N N 92  
GLN CB  HB3  sing N N 93  
GLN CG  CD   sing N N 94  
GLN CG  HG2  sing N N 95  
GLN CG  HG3  sing N N 96  
GLN CD  OE1  doub N N 97  
GLN CD  NE2  sing N N 98  
GLN NE2 HE21 sing N N 99  
GLN NE2 HE22 sing N N 100 
GLN OXT HXT  sing N N 101 
GLU N   CA   sing N N 102 
GLU N   H    sing N N 103 
GLU N   H2   sing N N 104 
GLU CA  C    sing N N 105 
GLU CA  CB   sing N N 106 
GLU CA  HA   sing N N 107 
GLU C   O    doub N N 108 
GLU C   OXT  sing N N 109 
GLU CB  CG   sing N N 110 
GLU CB  HB2  sing N N 111 
GLU CB  HB3  sing N N 112 
GLU CG  CD   sing N N 113 
GLU CG  HG2  sing N N 114 
GLU CG  HG3  sing N N 115 
GLU CD  OE1  doub N N 116 
GLU CD  OE2  sing N N 117 
GLU OE2 HE2  sing N N 118 
GLU OXT HXT  sing N N 119 
GLY N   CA   sing N N 120 
GLY N   H    sing N N 121 
GLY N   H2   sing N N 122 
GLY CA  C    sing N N 123 
GLY CA  HA2  sing N N 124 
GLY CA  HA3  sing N N 125 
GLY C   O    doub N N 126 
GLY C   OXT  sing N N 127 
GLY OXT HXT  sing N N 128 
HIS N   CA   sing N N 129 
HIS N   H    sing N N 130 
HIS N   H2   sing N N 131 
HIS CA  C    sing N N 132 
HIS CA  CB   sing N N 133 
HIS CA  HA   sing N N 134 
HIS C   O    doub N N 135 
HIS C   OXT  sing N N 136 
HIS CB  CG   sing N N 137 
HIS CB  HB2  sing N N 138 
HIS CB  HB3  sing N N 139 
HIS CG  ND1  sing Y N 140 
HIS CG  CD2  doub Y N 141 
HIS ND1 CE1  doub Y N 142 
HIS ND1 HD1  sing N N 143 
HIS CD2 NE2  sing Y N 144 
HIS CD2 HD2  sing N N 145 
HIS CE1 NE2  sing Y N 146 
HIS CE1 HE1  sing N N 147 
HIS NE2 HE2  sing N N 148 
HIS OXT HXT  sing N N 149 
HOH O   H1   sing N N 150 
HOH O   H2   sing N N 151 
ILE N   CA   sing N N 152 
ILE N   H    sing N N 153 
ILE N   H2   sing N N 154 
ILE CA  C    sing N N 155 
ILE CA  CB   sing N N 156 
ILE CA  HA   sing N N 157 
ILE C   O    doub N N 158 
ILE C   OXT  sing N N 159 
ILE CB  CG1  sing N N 160 
ILE CB  CG2  sing N N 161 
ILE CB  HB   sing N N 162 
ILE CG1 CD1  sing N N 163 
ILE CG1 HG12 sing N N 164 
ILE CG1 HG13 sing N N 165 
ILE CG2 HG21 sing N N 166 
ILE CG2 HG22 sing N N 167 
ILE CG2 HG23 sing N N 168 
ILE CD1 HD11 sing N N 169 
ILE CD1 HD12 sing N N 170 
ILE CD1 HD13 sing N N 171 
ILE OXT HXT  sing N N 172 
LEU N   CA   sing N N 173 
LEU N   H    sing N N 174 
LEU N   H2   sing N N 175 
LEU CA  C    sing N N 176 
LEU CA  CB   sing N N 177 
LEU CA  HA   sing N N 178 
LEU C   O    doub N N 179 
LEU C   OXT  sing N N 180 
LEU CB  CG   sing N N 181 
LEU CB  HB2  sing N N 182 
LEU CB  HB3  sing N N 183 
LEU CG  CD1  sing N N 184 
LEU CG  CD2  sing N N 185 
LEU CG  HG   sing N N 186 
LEU CD1 HD11 sing N N 187 
LEU CD1 HD12 sing N N 188 
LEU CD1 HD13 sing N N 189 
LEU CD2 HD21 sing N N 190 
LEU CD2 HD22 sing N N 191 
LEU CD2 HD23 sing N N 192 
LEU OXT HXT  sing N N 193 
LYS N   CA   sing N N 194 
LYS N   H    sing N N 195 
LYS N   H2   sing N N 196 
LYS CA  C    sing N N 197 
LYS CA  CB   sing N N 198 
LYS CA  HA   sing N N 199 
LYS C   O    doub N N 200 
LYS C   OXT  sing N N 201 
LYS CB  CG   sing N N 202 
LYS CB  HB2  sing N N 203 
LYS CB  HB3  sing N N 204 
LYS CG  CD   sing N N 205 
LYS CG  HG2  sing N N 206 
LYS CG  HG3  sing N N 207 
LYS CD  CE   sing N N 208 
LYS CD  HD2  sing N N 209 
LYS CD  HD3  sing N N 210 
LYS CE  NZ   sing N N 211 
LYS CE  HE2  sing N N 212 
LYS CE  HE3  sing N N 213 
LYS NZ  HZ1  sing N N 214 
LYS NZ  HZ2  sing N N 215 
LYS NZ  HZ3  sing N N 216 
LYS OXT HXT  sing N N 217 
MET N   CA   sing N N 218 
MET N   H    sing N N 219 
MET N   H2   sing N N 220 
MET CA  C    sing N N 221 
MET CA  CB   sing N N 222 
MET CA  HA   sing N N 223 
MET C   O    doub N N 224 
MET C   OXT  sing N N 225 
MET CB  CG   sing N N 226 
MET CB  HB2  sing N N 227 
MET CB  HB3  sing N N 228 
MET CG  SD   sing N N 229 
MET CG  HG2  sing N N 230 
MET CG  HG3  sing N N 231 
MET SD  CE   sing N N 232 
MET CE  HE1  sing N N 233 
MET CE  HE2  sing N N 234 
MET CE  HE3  sing N N 235 
MET OXT HXT  sing N N 236 
PHE N   CA   sing N N 237 
PHE N   H    sing N N 238 
PHE N   H2   sing N N 239 
PHE CA  C    sing N N 240 
PHE CA  CB   sing N N 241 
PHE CA  HA   sing N N 242 
PHE C   O    doub N N 243 
PHE C   OXT  sing N N 244 
PHE CB  CG   sing N N 245 
PHE CB  HB2  sing N N 246 
PHE CB  HB3  sing N N 247 
PHE CG  CD1  doub Y N 248 
PHE CG  CD2  sing Y N 249 
PHE CD1 CE1  sing Y N 250 
PHE CD1 HD1  sing N N 251 
PHE CD2 CE2  doub Y N 252 
PHE CD2 HD2  sing N N 253 
PHE CE1 CZ   doub Y N 254 
PHE CE1 HE1  sing N N 255 
PHE CE2 CZ   sing Y N 256 
PHE CE2 HE2  sing N N 257 
PHE CZ  HZ   sing N N 258 
PHE OXT HXT  sing N N 259 
PRO N   CA   sing N N 260 
PRO N   CD   sing N N 261 
PRO N   H    sing N N 262 
PRO CA  C    sing N N 263 
PRO CA  CB   sing N N 264 
PRO CA  HA   sing N N 265 
PRO C   O    doub N N 266 
PRO C   OXT  sing N N 267 
PRO CB  CG   sing N N 268 
PRO CB  HB2  sing N N 269 
PRO CB  HB3  sing N N 270 
PRO CG  CD   sing N N 271 
PRO CG  HG2  sing N N 272 
PRO CG  HG3  sing N N 273 
PRO CD  HD2  sing N N 274 
PRO CD  HD3  sing N N 275 
PRO OXT HXT  sing N N 276 
SER N   CA   sing N N 277 
SER N   H    sing N N 278 
SER N   H2   sing N N 279 
SER CA  C    sing N N 280 
SER CA  CB   sing N N 281 
SER CA  HA   sing N N 282 
SER C   O    doub N N 283 
SER C   OXT  sing N N 284 
SER CB  OG   sing N N 285 
SER CB  HB2  sing N N 286 
SER CB  HB3  sing N N 287 
SER OG  HG   sing N N 288 
SER OXT HXT  sing N N 289 
THR N   CA   sing N N 290 
THR N   H    sing N N 291 
THR N   H2   sing N N 292 
THR CA  C    sing N N 293 
THR CA  CB   sing N N 294 
THR CA  HA   sing N N 295 
THR C   O    doub N N 296 
THR C   OXT  sing N N 297 
THR CB  OG1  sing N N 298 
THR CB  CG2  sing N N 299 
THR CB  HB   sing N N 300 
THR OG1 HG1  sing N N 301 
THR CG2 HG21 sing N N 302 
THR CG2 HG22 sing N N 303 
THR CG2 HG23 sing N N 304 
THR OXT HXT  sing N N 305 
TRP N   CA   sing N N 306 
TRP N   H    sing N N 307 
TRP N   H2   sing N N 308 
TRP CA  C    sing N N 309 
TRP CA  CB   sing N N 310 
TRP CA  HA   sing N N 311 
TRP C   O    doub N N 312 
TRP C   OXT  sing N N 313 
TRP CB  CG   sing N N 314 
TRP CB  HB2  sing N N 315 
TRP CB  HB3  sing N N 316 
TRP CG  CD1  doub Y N 317 
TRP CG  CD2  sing Y N 318 
TRP CD1 NE1  sing Y N 319 
TRP CD1 HD1  sing N N 320 
TRP CD2 CE2  doub Y N 321 
TRP CD2 CE3  sing Y N 322 
TRP NE1 CE2  sing Y N 323 
TRP NE1 HE1  sing N N 324 
TRP CE2 CZ2  sing Y N 325 
TRP CE3 CZ3  doub Y N 326 
TRP CE3 HE3  sing N N 327 
TRP CZ2 CH2  doub Y N 328 
TRP CZ2 HZ2  sing N N 329 
TRP CZ3 CH2  sing Y N 330 
TRP CZ3 HZ3  sing N N 331 
TRP CH2 HH2  sing N N 332 
TRP OXT HXT  sing N N 333 
TYR N   CA   sing N N 334 
TYR N   H    sing N N 335 
TYR N   H2   sing N N 336 
TYR CA  C    sing N N 337 
TYR CA  CB   sing N N 338 
TYR CA  HA   sing N N 339 
TYR C   O    doub N N 340 
TYR C   OXT  sing N N 341 
TYR CB  CG   sing N N 342 
TYR CB  HB2  sing N N 343 
TYR CB  HB3  sing N N 344 
TYR CG  CD1  doub Y N 345 
TYR CG  CD2  sing Y N 346 
TYR CD1 CE1  sing Y N 347 
TYR CD1 HD1  sing N N 348 
TYR CD2 CE2  doub Y N 349 
TYR CD2 HD2  sing N N 350 
TYR CE1 CZ   doub Y N 351 
TYR CE1 HE1  sing N N 352 
TYR CE2 CZ   sing Y N 353 
TYR CE2 HE2  sing N N 354 
TYR CZ  OH   sing N N 355 
TYR OH  HH   sing N N 356 
TYR OXT HXT  sing N N 357 
VAL N   CA   sing N N 358 
VAL N   H    sing N N 359 
VAL N   H2   sing N N 360 
VAL CA  C    sing N N 361 
VAL CA  CB   sing N N 362 
VAL CA  HA   sing N N 363 
VAL C   O    doub N N 364 
VAL C   OXT  sing N N 365 
VAL CB  CG1  sing N N 366 
VAL CB  CG2  sing N N 367 
VAL CB  HB   sing N N 368 
VAL CG1 HG11 sing N N 369 
VAL CG1 HG12 sing N N 370 
VAL CG1 HG13 sing N N 371 
VAL CG2 HG21 sing N N 372 
VAL CG2 HG22 sing N N 373 
VAL CG2 HG23 sing N N 374 
VAL OXT HXT  sing N N 375 
# 
_atom_sites.entry_id                    1RSS 
_atom_sites.fract_transf_matrix[1][1]   -0.00514130 
_atom_sites.fract_transf_matrix[1][2]   -0.01062335 
_atom_sites.fract_transf_matrix[1][3]   0.01360145 
_atom_sites.fract_transf_matrix[2][1]   0.01510688 
_atom_sites.fract_transf_matrix[2][2]   -0.00963241 
_atom_sites.fract_transf_matrix[2][3]   -0.00181301 
_atom_sites.fract_transf_matrix[3][1]   0.00447273 
_atom_sites.fract_transf_matrix[3][2]   0.00583827 
_atom_sites.fract_transf_matrix[3][3]   0.00625063 
_atom_sites.fract_transf_vector[1]      0.753915 
_atom_sites.fract_transf_vector[2]      0.320066 
_atom_sites.fract_transf_vector[3]      0.512817 
# 
loop_
_atom_type.symbol 
C 
N 
O 
S 
# 
loop_
_atom_site.group_PDB 
_atom_site.id 
_atom_site.type_symbol 
_atom_site.label_atom_id 
_atom_site.label_alt_id 
_atom_site.label_comp_id 
_atom_site.label_asym_id 
_atom_site.label_entity_id 
_atom_site.label_seq_id 
_atom_site.pdbx_PDB_ins_code 
_atom_site.Cartn_x 
_atom_site.Cartn_y 
_atom_site.Cartn_z 
_atom_site.occupancy 
_atom_site.B_iso_or_equiv 
_atom_site.pdbx_formal_charge 
_atom_site.auth_seq_id 
_atom_site.auth_comp_id 
_atom_site.auth_asym_id 
_atom_site.auth_atom_id 
_atom_site.pdbx_PDB_model_num 
ATOM   1    N N   . LEU A 1 7   ? -6.437  4.693   15.361  1.00 42.98  ? 12  LEU A N   1 
ATOM   2    C CA  . LEU A 1 7   ? -5.097  4.075   15.623  1.00 41.28  ? 12  LEU A CA  1 
ATOM   3    C C   . LEU A 1 7   ? -4.179  4.953   16.464  1.00 40.63  ? 12  LEU A C   1 
ATOM   4    O O   . LEU A 1 7   ? -4.263  6.178   16.439  1.00 39.95  ? 12  LEU A O   1 
ATOM   5    C CB  . LEU A 1 7   ? -4.376  3.746   14.306  1.00 40.97  ? 12  LEU A CB  1 
ATOM   6    C CG  . LEU A 1 7   ? -4.960  2.696   13.355  1.00 40.15  ? 12  LEU A CG  1 
ATOM   7    C CD1 . LEU A 1 7   ? -4.023  2.531   12.189  1.00 36.94  ? 12  LEU A CD1 1 
ATOM   8    C CD2 . LEU A 1 7   ? -5.146  1.364   14.058  1.00 41.04  ? 12  LEU A CD2 1 
ATOM   9    N N   . GLN A 1 8   ? -3.275  4.308   17.184  1.00 40.75  ? 13  GLN A N   1 
ATOM   10   C CA  . GLN A 1 8   ? -2.308  5.009   18.012  1.00 41.26  ? 13  GLN A CA  1 
ATOM   11   C C   . GLN A 1 8   ? -1.139  5.361   17.113  1.00 40.65  ? 13  GLN A C   1 
ATOM   12   O O   . GLN A 1 8   ? -0.848  4.643   16.162  1.00 40.36  ? 13  GLN A O   1 
ATOM   13   C CB  . GLN A 1 8   ? -1.806  4.087   19.125  1.00 41.52  ? 13  GLN A CB  1 
ATOM   14   C CG  . GLN A 1 8   ? -2.819  3.810   20.207  1.00 44.37  ? 13  GLN A CG  1 
ATOM   15   C CD  . GLN A 1 8   ? -3.014  4.993   21.139  1.00 45.12  ? 13  GLN A CD  1 
ATOM   16   O OE1 . GLN A 1 8   ? -2.085  5.402   21.842  1.00 44.79  ? 13  GLN A OE1 1 
ATOM   17   N NE2 . GLN A 1 8   ? -4.227  5.545   21.153  1.00 45.16  ? 13  GLN A NE2 1 
ATOM   18   N N   . PRO A 1 9   ? -0.496  6.506   17.356  1.00 40.91  ? 14  PRO A N   1 
ATOM   19   C CA  . PRO A 1 9   ? 0.649   6.869   16.516  1.00 42.11  ? 14  PRO A CA  1 
ATOM   20   C C   . PRO A 1 9   ? 1.795   5.897   16.847  1.00 42.43  ? 14  PRO A C   1 
ATOM   21   O O   . PRO A 1 9   ? 1.918   5.442   17.989  1.00 43.21  ? 14  PRO A O   1 
ATOM   22   C CB  . PRO A 1 9   ? 0.949   8.302   16.961  1.00 41.62  ? 14  PRO A CB  1 
ATOM   23   C CG  . PRO A 1 9   ? 0.539   8.303   18.399  1.00 42.60  ? 14  PRO A CG  1 
ATOM   24   C CD  . PRO A 1 9   ? -0.764  7.543   18.365  1.00 41.40  ? 14  PRO A CD  1 
ATOM   25   N N   . ASP A 1 10  ? 2.599   5.542   15.850  1.00 41.04  ? 15  ASP A N   1 
ATOM   26   C CA  . ASP A 1 10  ? 3.691   4.603   16.078  1.00 40.20  ? 15  ASP A CA  1 
ATOM   27   C C   . ASP A 1 10  ? 4.732   5.140   17.060  1.00 40.78  ? 15  ASP A C   1 
ATOM   28   O O   . ASP A 1 10  ? 4.798   6.345   17.310  1.00 39.60  ? 15  ASP A O   1 
ATOM   29   C CB  . ASP A 1 10  ? 4.338   4.190   14.746  1.00 39.19  ? 15  ASP A CB  1 
ATOM   30   C CG  . ASP A 1 10  ? 5.342   5.210   14.229  1.00 38.06  ? 15  ASP A CG  1 
ATOM   31   O OD1 . ASP A 1 10  ? 4.924   6.324   13.852  1.00 36.05  ? 15  ASP A OD1 1 
ATOM   32   O OD2 . ASP A 1 10  ? 6.551   4.879   14.179  1.00 36.06  ? 15  ASP A OD2 1 
ATOM   33   N N   . LEU A 1 11  ? 5.532   4.231   17.617  1.00 42.44  ? 16  LEU A N   1 
ATOM   34   C CA  . LEU A 1 11  ? 6.577   4.570   18.586  1.00 44.26  ? 16  LEU A CA  1 
ATOM   35   C C   . LEU A 1 11  ? 7.644   5.563   18.104  1.00 44.05  ? 16  LEU A C   1 
ATOM   36   O O   . LEU A 1 11  ? 7.872   6.594   18.742  1.00 44.88  ? 16  LEU A O   1 
ATOM   37   C CB  . LEU A 1 11  ? 7.272   3.291   19.085  1.00 47.38  ? 16  LEU A CB  1 
ATOM   38   C CG  . LEU A 1 11  ? 8.665   3.440   19.731  1.00 49.55  ? 16  LEU A CG  1 
ATOM   39   C CD1 . LEU A 1 11  ? 8.539   3.997   21.150  1.00 50.93  ? 16  LEU A CD1 1 
ATOM   40   C CD2 . LEU A 1 11  ? 9.407   2.099   19.740  1.00 50.49  ? 16  LEU A CD2 1 
ATOM   41   N N   . VAL A 1 12  ? 8.283   5.252   16.977  1.00 41.95  ? 17  VAL A N   1 
ATOM   42   C CA  . VAL A 1 12  ? 9.364   6.075   16.434  1.00 39.38  ? 17  VAL A CA  1 
ATOM   43   C C   . VAL A 1 12  ? 8.978   7.398   15.774  1.00 38.72  ? 17  VAL A C   1 
ATOM   44   O O   . VAL A 1 12  ? 9.534   8.444   16.107  1.00 39.49  ? 17  VAL A O   1 
ATOM   45   C CB  . VAL A 1 12  ? 10.251  5.243   15.461  1.00 37.57  ? 17  VAL A CB  1 
ATOM   46   C CG1 . VAL A 1 12  ? 11.378  6.087   14.906  1.00 35.88  ? 17  VAL A CG1 1 
ATOM   47   C CG2 . VAL A 1 12  ? 10.816  4.036   16.178  1.00 37.61  ? 17  VAL A CG2 1 
ATOM   48   N N   . TYR A 1 13  ? 8.016   7.356   14.858  1.00 38.62  ? 18  TYR A N   1 
ATOM   49   C CA  . TYR A 1 13  ? 7.596   8.550   14.131  1.00 37.24  ? 18  TYR A CA  1 
ATOM   50   C C   . TYR A 1 13  ? 6.328   9.213   14.659  1.00 38.44  ? 18  TYR A C   1 
ATOM   51   O O   . TYR A 1 13  ? 5.983   10.308  14.212  1.00 39.30  ? 18  TYR A O   1 
ATOM   52   C CB  . TYR A 1 13  ? 7.423   8.225   12.638  1.00 35.60  ? 18  TYR A CB  1 
ATOM   53   C CG  . TYR A 1 13  ? 8.672   7.679   11.985  1.00 34.42  ? 18  TYR A CG  1 
ATOM   54   C CD1 . TYR A 1 13  ? 9.768   8.506   11.749  1.00 35.89  ? 18  TYR A CD1 1 
ATOM   55   C CD2 . TYR A 1 13  ? 8.778   6.328   11.644  1.00 32.72  ? 18  TYR A CD2 1 
ATOM   56   C CE1 . TYR A 1 13  ? 10.948  8.006   11.191  1.00 34.69  ? 18  TYR A CE1 1 
ATOM   57   C CE2 . TYR A 1 13  ? 9.951   5.816   11.089  1.00 33.38  ? 18  TYR A CE2 1 
ATOM   58   C CZ  . TYR A 1 13  ? 11.035  6.664   10.866  1.00 35.15  ? 18  TYR A CZ  1 
ATOM   59   O OH  . TYR A 1 13  ? 12.209  6.181   10.332  1.00 33.86  ? 18  TYR A OH  1 
ATOM   60   N N   . GLY A 1 14  ? 5.640   8.566   15.602  1.00 38.59  ? 19  GLY A N   1 
ATOM   61   C CA  . GLY A 1 14  ? 4.409   9.127   16.141  1.00 37.70  ? 19  GLY A CA  1 
ATOM   62   C C   . GLY A 1 14  ? 3.446   9.417   15.002  1.00 38.23  ? 19  GLY A C   1 
ATOM   63   O O   . GLY A 1 14  ? 2.825   10.484  14.936  1.00 38.23  ? 19  GLY A O   1 
ATOM   64   N N   . ASP A 1 15  ? 3.276   8.420   14.142  1.00 37.29  ? 20  ASP A N   1 
ATOM   65   C CA  . ASP A 1 15  ? 2.443   8.543   12.958  1.00 36.31  ? 20  ASP A CA  1 
ATOM   66   C C   . ASP A 1 15  ? 1.452   7.388   12.878  1.00 35.97  ? 20  ASP A C   1 
ATOM   67   O O   . ASP A 1 15  ? 1.843   6.225   13.002  1.00 36.50  ? 20  ASP A O   1 
ATOM   68   C CB  . ASP A 1 15  ? 3.356   8.537   11.735  1.00 36.41  ? 20  ASP A CB  1 
ATOM   69   C CG  . ASP A 1 15  ? 2.636   8.907   10.468  1.00 36.85  ? 20  ASP A CG  1 
ATOM   70   O OD1 . ASP A 1 15  ? 1.891   8.060   9.935   1.00 36.99  ? 20  ASP A OD1 1 
ATOM   71   O OD2 . ASP A 1 15  ? 2.833   10.046  9.997   1.00 37.82  ? 20  ASP A OD2 1 
ATOM   72   N N   . VAL A 1 16  ? 0.185   7.713   12.616  1.00 34.70  ? 21  VAL A N   1 
ATOM   73   C CA  . VAL A 1 16  ? -0.881  6.711   12.532  1.00 34.21  ? 21  VAL A CA  1 
ATOM   74   C C   . VAL A 1 16  ? -0.933  5.928   11.230  1.00 32.43  ? 21  VAL A C   1 
ATOM   75   O O   . VAL A 1 16  ? -1.496  4.838   11.196  1.00 33.59  ? 21  VAL A O   1 
ATOM   76   C CB  . VAL A 1 16  ? -2.281  7.315   12.809  1.00 35.80  ? 21  VAL A CB  1 
ATOM   77   C CG1 . VAL A 1 16  ? -2.302  7.983   14.194  1.00 38.33  ? 21  VAL A CG1 1 
ATOM   78   C CG2 . VAL A 1 16  ? -2.684  8.297   11.701  1.00 34.10  ? 21  VAL A CG2 1 
ATOM   79   N N   . LEU A 1 17  ? -0.413  6.510   10.150  1.00 30.67  ? 22  LEU A N   1 
ATOM   80   C CA  . LEU A 1 17  ? -0.378  5.818   8.865   1.00 29.35  ? 22  LEU A CA  1 
ATOM   81   C C   . LEU A 1 17  ? 0.676   4.709   8.965   1.00 27.10  ? 22  LEU A C   1 
ATOM   82   O O   . LEU A 1 17  ? 0.533   3.647   8.364   1.00 26.20  ? 22  LEU A O   1 
ATOM   83   C CB  . LEU A 1 17  ? -0.035  6.782   7.726   1.00 28.90  ? 22  LEU A CB  1 
ATOM   84   C CG  . LEU A 1 17  ? 0.056   6.132   6.343   1.00 28.55  ? 22  LEU A CG  1 
ATOM   85   C CD1 . LEU A 1 17  ? -1.318  5.646   5.926   1.00 28.04  ? 22  LEU A CD1 1 
ATOM   86   C CD2 . LEU A 1 17  ? 0.611   7.121   5.326   1.00 28.54  ? 22  LEU A CD2 1 
ATOM   87   N N   . VAL A 1 18  ? 1.726   4.968   9.743   1.00 26.88  ? 23  VAL A N   1 
ATOM   88   C CA  . VAL A 1 18  ? 2.789   3.989   9.960   1.00 26.17  ? 23  VAL A CA  1 
ATOM   89   C C   . VAL A 1 18  ? 2.194   2.795   10.719  1.00 26.16  ? 23  VAL A C   1 
ATOM   90   O O   . VAL A 1 18  ? 2.415   1.640   10.357  1.00 25.08  ? 23  VAL A O   1 
ATOM   91   C CB  . VAL A 1 18  ? 3.966   4.603   10.764  1.00 25.92  ? 23  VAL A CB  1 
ATOM   92   C CG1 . VAL A 1 18  ? 4.932   3.510   11.196  1.00 24.93  ? 23  VAL A CG1 1 
ATOM   93   C CG2 . VAL A 1 18  ? 4.699   5.656   9.925   1.00 24.11  ? 23  VAL A CG2 1 
ATOM   94   N N   . THR A 1 19  ? 1.407   3.091   11.751  1.00 26.20  ? 24  THR A N   1 
ATOM   95   C CA  . THR A 1 19  ? 0.754   2.056   12.544  1.00 26.75  ? 24  THR A CA  1 
ATOM   96   C C   . THR A 1 19  ? -0.164  1.174   11.688  1.00 27.42  ? 24  THR A C   1 
ATOM   97   O O   . THR A 1 19  ? -0.181  -0.046  11.841  1.00 29.36  ? 24  THR A O   1 
ATOM   98   C CB  . THR A 1 19  ? -0.057  2.683   13.698  1.00 25.60  ? 24  THR A CB  1 
ATOM   99   O OG1 . THR A 1 19  ? 0.844   3.340   14.590  1.00 26.31  ? 24  THR A OG1 1 
ATOM   100  C CG2 . THR A 1 19  ? -0.847  1.617   14.465  1.00 23.64  ? 24  THR A CG2 1 
ATOM   101  N N   . ALA A 1 20  ? -0.921  1.788   10.783  1.00 27.90  ? 25  ALA A N   1 
ATOM   102  C CA  . ALA A 1 20  ? -1.822  1.030   9.916   1.00 27.50  ? 25  ALA A CA  1 
ATOM   103  C C   . ALA A 1 20  ? -1.032  0.111   8.983   1.00 28.23  ? 25  ALA A C   1 
ATOM   104  O O   . ALA A 1 20  ? -1.486  -0.992  8.666   1.00 26.39  ? 25  ALA A O   1 
ATOM   105  C CB  . ALA A 1 20  ? -2.716  1.978   9.107   1.00 25.67  ? 25  ALA A CB  1 
ATOM   106  N N   . PHE A 1 21  ? 0.162   0.551   8.579   1.00 27.62  ? 26  PHE A N   1 
ATOM   107  C CA  . PHE A 1 21  ? 0.994   -0.245  7.683   1.00 28.23  ? 26  PHE A CA  1 
ATOM   108  C C   . PHE A 1 21  ? 1.578   -1.404  8.463   1.00 27.55  ? 26  PHE A C   1 
ATOM   109  O O   . PHE A 1 21  ? 1.576   -2.536  7.991   1.00 25.63  ? 26  PHE A O   1 
ATOM   110  C CB  . PHE A 1 21  ? 2.117   0.594   7.061   1.00 29.77  ? 26  PHE A CB  1 
ATOM   111  C CG  . PHE A 1 21  ? 2.786   -0.063  5.886   1.00 30.96  ? 26  PHE A CG  1 
ATOM   112  C CD1 . PHE A 1 21  ? 2.134   -0.167  4.671   1.00 30.56  ? 26  PHE A CD1 1 
ATOM   113  C CD2 . PHE A 1 21  ? 4.063   -0.597  5.999   1.00 35.17  ? 26  PHE A CD2 1 
ATOM   114  C CE1 . PHE A 1 21  ? 2.743   -0.791  3.592   1.00 32.32  ? 26  PHE A CE1 1 
ATOM   115  C CE2 . PHE A 1 21  ? 4.677   -1.225  4.919   1.00 34.28  ? 26  PHE A CE2 1 
ATOM   116  C CZ  . PHE A 1 21  ? 4.013   -1.319  3.716   1.00 32.73  ? 26  PHE A CZ  1 
ATOM   117  N N   . ILE A 1 22  ? 2.055   -1.116  9.668   1.00 27.86  ? 27  ILE A N   1 
ATOM   118  C CA  . ILE A 1 22  ? 2.618   -2.150  10.526  1.00 28.38  ? 27  ILE A CA  1 
ATOM   119  C C   . ILE A 1 22  ? 1.550   -3.215  10.800  1.00 28.48  ? 27  ILE A C   1 
ATOM   120  O O   . ILE A 1 22  ? 1.869   -4.395  10.928  1.00 30.20  ? 27  ILE A O   1 
ATOM   121  C CB  . ILE A 1 22  ? 3.159   -1.545  11.844  1.00 27.54  ? 27  ILE A CB  1 
ATOM   122  C CG1 . ILE A 1 22  ? 4.415   -0.707  11.557  1.00 27.28  ? 27  ILE A CG1 1 
ATOM   123  C CG2 . ILE A 1 22  ? 3.422   -2.639  12.880  1.00 27.81  ? 27  ILE A CG2 1 
ATOM   124  C CD1 . ILE A 1 22  ? 4.948   0.093   12.757  1.00 24.82  ? 27  ILE A CD1 1 
ATOM   125  N N   . ASN A 1 23  ? 0.284   -2.804  10.838  1.00 29.86  ? 28  ASN A N   1 
ATOM   126  C CA  . ASN A 1 23  ? -0.817  -3.737  11.071  1.00 33.06  ? 28  ASN A CA  1 
ATOM   127  C C   . ASN A 1 23  ? -1.046  -4.618  9.848   1.00 34.90  ? 28  ASN A C   1 
ATOM   128  O O   . ASN A 1 23  ? -1.572  -5.729  9.966   1.00 35.00  ? 28  ASN A O   1 
ATOM   129  C CB  . ASN A 1 23  ? -2.111  -2.993  11.410  1.00 33.38  ? 28  ASN A CB  1 
ATOM   130  C CG  . ASN A 1 23  ? -2.086  -2.367  12.787  1.00 34.62  ? 28  ASN A CG  1 
ATOM   131  O OD1 . ASN A 1 23  ? -1.116  -2.507  13.532  1.00 36.79  ? 28  ASN A OD1 1 
ATOM   132  N ND2 . ASN A 1 23  ? -3.159  -1.670  13.136  1.00 33.82  ? 28  ASN A ND2 1 
ATOM   133  N N   . LYS A 1 24  ? -0.693  -4.091  8.674   1.00 37.59  ? 29  LYS A N   1 
ATOM   134  C CA  . LYS A 1 24  ? -0.831  -4.814  7.406   1.00 39.96  ? 29  LYS A CA  1 
ATOM   135  C C   . LYS A 1 24  ? 0.277   -5.844  7.277   1.00 40.87  ? 29  LYS A C   1 
ATOM   136  O O   . LYS A 1 24  ? 0.046   -6.960  6.828   1.00 42.61  ? 29  LYS A O   1 
ATOM   137  C CB  . LYS A 1 24  ? -0.759  -3.854  6.211   1.00 40.14  ? 29  LYS A CB  1 
ATOM   138  C CG  . LYS A 1 24  ? -2.046  -3.108  5.904   1.00 41.62  ? 29  LYS A CG  1 
ATOM   139  C CD  . LYS A 1 24  ? -3.152  -4.075  5.535   1.00 43.42  ? 29  LYS A CD  1 
ATOM   140  C CE  . LYS A 1 24  ? -2.770  -4.938  4.341   1.00 43.61  ? 29  LYS A CE  1 
ATOM   141  N NZ  . LYS A 1 24  ? -3.848  -5.908  4.009   1.00 44.17  ? 29  LYS A NZ  1 
ATOM   142  N N   . ILE A 1 25  ? 1.483   -5.443  7.666   1.00 42.54  ? 30  ILE A N   1 
ATOM   143  C CA  . ILE A 1 25  ? 2.660   -6.300  7.625   1.00 43.89  ? 30  ILE A CA  1 
ATOM   144  C C   . ILE A 1 25  ? 2.513   -7.414  8.664   1.00 47.42  ? 30  ILE A C   1 
ATOM   145  O O   . ILE A 1 25  ? 2.987   -8.533  8.457   1.00 49.11  ? 30  ILE A O   1 
ATOM   146  C CB  . ILE A 1 25  ? 3.931   -5.481  7.956   1.00 41.60  ? 30  ILE A CB  1 
ATOM   147  C CG1 . ILE A 1 25  ? 4.200   -4.459  6.857   1.00 41.37  ? 30  ILE A CG1 1 
ATOM   148  C CG2 . ILE A 1 25  ? 5.133   -6.382  8.142   1.00 42.35  ? 30  ILE A CG2 1 
ATOM   149  C CD1 . ILE A 1 25  ? 5.406   -3.599  7.125   1.00 40.16  ? 30  ILE A CD1 1 
ATOM   150  N N   . MET A 1 26  ? 1.831   -7.101  9.764   1.00 50.08  ? 31  MET A N   1 
ATOM   151  C CA  . MET A 1 26  ? 1.624   -8.038  10.868  1.00 53.73  ? 31  MET A CA  1 
ATOM   152  C C   . MET A 1 26  ? 0.864   -9.320  10.527  1.00 56.46  ? 31  MET A C   1 
ATOM   153  O O   . MET A 1 26  ? -0.044  -9.334  9.692   1.00 55.69  ? 31  MET A O   1 
ATOM   154  C CB  . MET A 1 26  ? 0.948   -7.327  12.043  1.00 53.44  ? 31  MET A CB  1 
ATOM   155  C CG  . MET A 1 26  ? 0.814   -8.168  13.303  1.00 53.96  ? 31  MET A CG  1 
ATOM   156  S SD  . MET A 1 26  ? -0.112  -7.367  14.627  1.00 54.17  ? 31  MET A SD  1 
ATOM   157  C CE  . MET A 1 26  ? -0.448  -5.773  13.932  1.00 54.70  ? 31  MET A CE  1 
ATOM   158  N N   . ARG A 1 27  ? 1.249   -10.390 11.215  1.00 60.57  ? 32  ARG A N   1 
ATOM   159  C CA  . ARG A 1 27  ? 0.663   -11.709 11.042  1.00 65.36  ? 32  ARG A CA  1 
ATOM   160  C C   . ARG A 1 27  ? 0.877   -12.460 12.357  1.00 66.73  ? 32  ARG A C   1 
ATOM   161  O O   . ARG A 1 27  ? 1.923   -12.321 12.999  1.00 67.03  ? 32  ARG A O   1 
ATOM   162  C CB  . ARG A 1 27  ? 1.351   -12.441 9.878   1.00 67.35  ? 32  ARG A CB  1 
ATOM   163  C CG  . ARG A 1 27  ? 0.394   -13.116 8.903   1.00 70.76  ? 32  ARG A CG  1 
ATOM   164  C CD  . ARG A 1 27  ? 1.053   -13.351 7.549   1.00 74.11  ? 32  ARG A CD  1 
ATOM   165  N NE  . ARG A 1 27  ? 0.102   -13.833 6.546   1.00 77.21  ? 32  ARG A NE  1 
ATOM   166  C CZ  . ARG A 1 27  ? 0.159   -13.547 5.244   1.00 78.55  ? 32  ARG A CZ  1 
ATOM   167  N NH1 . ARG A 1 27  ? 1.123   -12.769 4.762   1.00 78.53  ? 32  ARG A NH1 1 
ATOM   168  N NH2 . ARG A 1 27  ? -0.753  -14.046 4.417   1.00 78.26  ? 32  ARG A NH2 1 
ATOM   169  N N   . ASP A 1 28  ? -0.131  -13.229 12.764  1.00 69.00  ? 33  ASP A N   1 
ATOM   170  C CA  . ASP A 1 28  ? -0.088  -14.001 14.011  1.00 70.60  ? 33  ASP A CA  1 
ATOM   171  C C   . ASP A 1 28  ? -0.184  -13.049 15.205  1.00 69.59  ? 33  ASP A C   1 
ATOM   172  O O   . ASP A 1 28  ? 0.061   -13.441 16.350  1.00 69.48  ? 33  ASP A O   1 
ATOM   173  C CB  . ASP A 1 28  ? 1.199   -14.847 14.091  1.00 73.62  ? 33  ASP A CB  1 
ATOM   174  C CG  . ASP A 1 28  ? 1.109   -15.965 15.125  1.00 76.48  ? 33  ASP A CG  1 
ATOM   175  O OD1 . ASP A 1 28  ? 0.254   -16.865 14.965  1.00 78.70  ? 33  ASP A OD1 1 
ATOM   176  O OD2 . ASP A 1 28  ? 1.901   -15.950 16.092  1.00 76.92  ? 33  ASP A OD2 1 
ATOM   177  N N   . GLY A 1 29  ? -0.579  -11.808 14.927  1.00 68.85  ? 34  GLY A N   1 
ATOM   178  C CA  . GLY A 1 29  ? -0.703  -10.807 15.971  1.00 68.23  ? 34  GLY A CA  1 
ATOM   179  C C   . GLY A 1 29  ? 0.640   -10.486 16.603  1.00 67.20  ? 34  GLY A C   1 
ATOM   180  O O   . GLY A 1 29  ? 0.729   -10.201 17.799  1.00 68.61  ? 34  GLY A O   1 
ATOM   181  N N   . LYS A 1 30  ? 1.694   -10.542 15.798  1.00 64.80  ? 35  LYS A N   1 
ATOM   182  C CA  . LYS A 1 30  ? 3.030   -10.258 16.290  1.00 63.06  ? 35  LYS A CA  1 
ATOM   183  C C   . LYS A 1 30  ? 3.495   -8.849  15.913  1.00 61.36  ? 35  LYS A C   1 
ATOM   184  O O   . LYS A 1 30  ? 4.413   -8.684  15.106  1.00 59.65  ? 35  LYS A O   1 
ATOM   185  C CB  . LYS A 1 30  ? 4.011   -11.324 15.783  1.00 64.58  ? 35  LYS A CB  1 
ATOM   186  C CG  . LYS A 1 30  ? 3.723   -12.728 16.317  1.00 66.38  ? 35  LYS A CG  1 
ATOM   187  C CD  . LYS A 1 30  ? 4.825   -13.721 15.959  1.00 67.61  ? 35  LYS A CD  1 
ATOM   188  C CE  . LYS A 1 30  ? 4.710   -15.005 16.790  1.00 69.21  ? 35  LYS A CE  1 
ATOM   189  N NZ  . LYS A 1 30  ? 5.829   -15.983 16.587  1.00 67.33  ? 35  LYS A NZ  1 
ATOM   190  N N   . LYS A 1 31  ? 2.860   -7.840  16.511  1.00 59.68  ? 36  LYS A N   1 
ATOM   191  C CA  . LYS A 1 31  ? 3.206   -6.440  16.259  1.00 59.02  ? 36  LYS A CA  1 
ATOM   192  C C   . LYS A 1 31  ? 4.691   -6.225  16.497  1.00 57.83  ? 36  LYS A C   1 
ATOM   193  O O   . LYS A 1 31  ? 5.308   -5.340  15.907  1.00 58.38  ? 36  LYS A O   1 
ATOM   194  C CB  . LYS A 1 31  ? 2.428   -5.505  17.188  1.00 60.96  ? 36  LYS A CB  1 
ATOM   195  C CG  . LYS A 1 31  ? 0.934   -5.428  16.933  1.00 63.69  ? 36  LYS A CG  1 
ATOM   196  C CD  . LYS A 1 31  ? 0.288   -4.343  17.792  1.00 65.70  ? 36  LYS A CD  1 
ATOM   197  C CE  . LYS A 1 31  ? -1.216  -4.247  17.564  1.00 65.95  ? 36  LYS A CE  1 
ATOM   198  N NZ  . LYS A 1 31  ? -1.834  -3.181  18.408  1.00 65.89  ? 36  LYS A NZ  1 
ATOM   199  N N   . ASN A 1 32  ? 5.245   -7.031  17.398  1.00 55.79  ? 37  ASN A N   1 
ATOM   200  C CA  . ASN A 1 32  ? 6.658   -6.981  17.748  1.00 52.80  ? 37  ASN A CA  1 
ATOM   201  C C   . ASN A 1 32  ? 7.547   -7.111  16.510  1.00 50.16  ? 37  ASN A C   1 
ATOM   202  O O   . ASN A 1 32  ? 8.323   -6.202  16.193  1.00 48.80  ? 37  ASN A O   1 
ATOM   203  C CB  . ASN A 1 32  ? 6.988   -8.074  18.791  1.00 54.13  ? 37  ASN A CB  1 
ATOM   204  C CG  . ASN A 1 32  ? 6.229   -9.393  18.550  1.00 52.96  ? 37  ASN A CG  1 
ATOM   205  O OD1 . ASN A 1 32  ? 5.223   -9.675  19.198  1.00 54.34  ? 37  ASN A OD1 1 
ATOM   206  N ND2 . ASN A 1 32  ? 6.726   -10.204 17.634  1.00 51.52  ? 37  ASN A ND2 1 
ATOM   207  N N   . LEU A 1 33  ? 7.369   -8.213  15.784  1.00 46.42  ? 38  LEU A N   1 
ATOM   208  C CA  . LEU A 1 33  ? 8.138   -8.493  14.583  1.00 43.08  ? 38  LEU A CA  1 
ATOM   209  C C   . LEU A 1 33  ? 7.809   -7.501  13.471  1.00 41.33  ? 38  LEU A C   1 
ATOM   210  O O   . LEU A 1 33  ? 8.709   -6.985  12.808  1.00 39.71  ? 38  LEU A O   1 
ATOM   211  C CB  . LEU A 1 33  ? 7.866   -9.929  14.114  1.00 42.96  ? 38  LEU A CB  1 
ATOM   212  C CG  . LEU A 1 33  ? 8.749   -10.500 12.993  1.00 44.35  ? 38  LEU A CG  1 
ATOM   213  C CD1 . LEU A 1 33  ? 10.222  -10.313 13.343  1.00 44.34  ? 38  LEU A CD1 1 
ATOM   214  C CD2 . LEU A 1 33  ? 8.443   -11.975 12.769  1.00 43.50  ? 38  LEU A CD2 1 
ATOM   215  N N   . ALA A 1 34  ? 6.521   -7.204  13.312  1.00 40.11  ? 39  ALA A N   1 
ATOM   216  C CA  . ALA A 1 34  ? 6.039   -6.287  12.281  1.00 39.09  ? 39  ALA A CA  1 
ATOM   217  C C   . ALA A 1 34  ? 6.702   -4.916  12.349  1.00 39.33  ? 39  ALA A C   1 
ATOM   218  O O   . ALA A 1 34  ? 7.189   -4.404  11.332  1.00 39.77  ? 39  ALA A O   1 
ATOM   219  C CB  . ALA A 1 34  ? 4.523   -6.155  12.366  1.00 36.26  ? 39  ALA A CB  1 
ATOM   220  N N   . ALA A 1 35  ? 6.746   -4.343  13.553  1.00 39.28  ? 40  ALA A N   1 
ATOM   221  C CA  . ALA A 1 35  ? 7.347   -3.027  13.783  1.00 37.29  ? 40  ALA A CA  1 
ATOM   222  C C   . ALA A 1 35  ? 8.820   -3.034  13.438  1.00 37.60  ? 40  ALA A C   1 
ATOM   223  O O   . ALA A 1 35  ? 9.312   -2.107  12.799  1.00 36.67  ? 40  ALA A O   1 
ATOM   224  C CB  . ALA A 1 35  ? 7.158   -2.608  15.217  1.00 37.53  ? 40  ALA A CB  1 
ATOM   225  N N   . ARG A 1 36  ? 9.522   -4.083  13.869  1.00 38.55  ? 41  ARG A N   1 
ATOM   226  C CA  . ARG A 1 36  ? 10.952  -4.230  13.587  1.00 38.97  ? 41  ARG A CA  1 
ATOM   227  C C   . ARG A 1 36  ? 11.180  -4.296  12.084  1.00 37.46  ? 41  ARG A C   1 
ATOM   228  O O   . ARG A 1 36  ? 12.132  -3.707  11.571  1.00 36.32  ? 41  ARG A O   1 
ATOM   229  C CB  . ARG A 1 36  ? 11.505  -5.502  14.229  1.00 41.32  ? 41  ARG A CB  1 
ATOM   230  C CG  . ARG A 1 36  ? 11.471  -5.490  15.739  1.00 47.76  ? 41  ARG A CG  1 
ATOM   231  C CD  . ARG A 1 36  ? 12.215  -6.676  16.309  1.00 49.45  ? 41  ARG A CD  1 
ATOM   232  N NE  . ARG A 1 36  ? 11.378  -7.468  17.203  1.00 52.80  ? 41  ARG A NE  1 
ATOM   233  C CZ  . ARG A 1 36  ? 11.570  -8.760  17.441  1.00 54.68  ? 41  ARG A CZ  1 
ATOM   234  N NH1 . ARG A 1 36  ? 12.576  -9.398  16.854  1.00 54.37  ? 41  ARG A NH1 1 
ATOM   235  N NH2 . ARG A 1 36  ? 10.736  -9.419  18.235  1.00 55.35  ? 41  ARG A NH2 1 
ATOM   236  N N   . ILE A 1 37  ? 10.299  -5.025  11.396  1.00 35.88  ? 42  ILE A N   1 
ATOM   237  C CA  . ILE A 1 37  ? 10.360  -5.184  9.945   1.00 34.89  ? 42  ILE A CA  1 
ATOM   238  C C   . ILE A 1 37  ? 10.243  -3.817  9.271   1.00 32.94  ? 42  ILE A C   1 
ATOM   239  O O   . ILE A 1 37  ? 11.085  -3.448  8.443   1.00 31.32  ? 42  ILE A O   1 
ATOM   240  C CB  . ILE A 1 37  ? 9.230   -6.129  9.440   1.00 35.99  ? 42  ILE A CB  1 
ATOM   241  C CG1 . ILE A 1 37  ? 9.537   -7.575  9.852   1.00 36.81  ? 42  ILE A CG1 1 
ATOM   242  C CG2 . ILE A 1 37  ? 9.083   -6.036  7.917   1.00 35.64  ? 42  ILE A CG2 1 
ATOM   243  C CD1 . ILE A 1 37  ? 8.445   -8.578  9.489   1.00 35.73  ? 42  ILE A CD1 1 
ATOM   244  N N   . PHE A 1 38  ? 9.231   -3.050  9.671   1.00 30.83  ? 43  PHE A N   1 
ATOM   245  C CA  . PHE A 1 38  ? 9.028   -1.722  9.108   1.00 29.71  ? 43  PHE A CA  1 
ATOM   246  C C   . PHE A 1 38  ? 10.180  -0.747  9.368   1.00 29.54  ? 43  PHE A C   1 
ATOM   247  O O   . PHE A 1 38  ? 10.623  -0.075  8.446   1.00 30.92  ? 43  PHE A O   1 
ATOM   248  C CB  . PHE A 1 38  ? 7.715   -1.099  9.589   1.00 28.08  ? 43  PHE A CB  1 
ATOM   249  C CG  . PHE A 1 38  ? 7.455   0.268   9.007   1.00 25.92  ? 43  PHE A CG  1 
ATOM   250  C CD1 . PHE A 1 38  ? 7.001   0.406   7.694   1.00 24.72  ? 43  PHE A CD1 1 
ATOM   251  C CD2 . PHE A 1 38  ? 7.715   1.422   9.753   1.00 24.85  ? 43  PHE A CD2 1 
ATOM   252  C CE1 . PHE A 1 38  ? 6.814   1.674   7.130   1.00 23.47  ? 43  PHE A CE1 1 
ATOM   253  C CE2 . PHE A 1 38  ? 7.535   2.697   9.201   1.00 22.50  ? 43  PHE A CE2 1 
ATOM   254  C CZ  . PHE A 1 38  ? 7.083   2.821   7.885   1.00 23.57  ? 43  PHE A CZ  1 
ATOM   255  N N   . TYR A 1 39  ? 10.649  -0.648  10.613  1.00 29.03  ? 44  TYR A N   1 
ATOM   256  C CA  . TYR A 1 39  ? 11.745  0.264   10.929  1.00 28.38  ? 44  TYR A CA  1 
ATOM   257  C C   . TYR A 1 39  ? 13.061  -0.154  10.268  1.00 28.36  ? 44  TYR A C   1 
ATOM   258  O O   . TYR A 1 39  ? 13.902  0.689   9.985   1.00 28.38  ? 44  TYR A O   1 
ATOM   259  C CB  . TYR A 1 39  ? 11.915  0.420   12.439  1.00 29.92  ? 44  TYR A CB  1 
ATOM   260  C CG  . TYR A 1 39  ? 10.700  0.979   13.147  1.00 30.91  ? 44  TYR A CG  1 
ATOM   261  C CD1 . TYR A 1 39  ? 10.129  2.190   12.761  1.00 28.47  ? 44  TYR A CD1 1 
ATOM   262  C CD2 . TYR A 1 39  ? 10.101  0.275   14.193  1.00 31.57  ? 44  TYR A CD2 1 
ATOM   263  C CE1 . TYR A 1 39  ? 8.986   2.678   13.399  1.00 29.61  ? 44  TYR A CE1 1 
ATOM   264  C CE2 . TYR A 1 39  ? 8.969   0.753   14.833  1.00 30.01  ? 44  TYR A CE2 1 
ATOM   265  C CZ  . TYR A 1 39  ? 8.416   1.945   14.435  1.00 28.95  ? 44  TYR A CZ  1 
ATOM   266  O OH  . TYR A 1 39  ? 7.283   2.380   15.076  1.00 30.31  ? 44  TYR A OH  1 
ATOM   267  N N   . ASP A 1 40  ? 13.243  -1.455  10.040  1.00 29.26  ? 45  ASP A N   1 
ATOM   268  C CA  . ASP A 1 40  ? 14.441  -1.953  9.349   1.00 30.26  ? 45  ASP A CA  1 
ATOM   269  C C   . ASP A 1 40  ? 14.357  -1.522  7.885   1.00 29.13  ? 45  ASP A C   1 
ATOM   270  O O   . ASP A 1 40  ? 15.369  -1.167  7.272   1.00 27.77  ? 45  ASP A O   1 
ATOM   271  C CB  . ASP A 1 40  ? 14.513  -3.482  9.386   1.00 32.58  ? 45  ASP A CB  1 
ATOM   272  C CG  . ASP A 1 40  ? 14.955  -4.019  10.723  1.00 36.81  ? 45  ASP A CG  1 
ATOM   273  O OD1 . ASP A 1 40  ? 15.655  -3.287  11.461  1.00 38.72  ? 45  ASP A OD1 1 
ATOM   274  O OD2 . ASP A 1 40  ? 14.595  -5.177  11.032  1.00 39.16  ? 45  ASP A OD2 1 
ATOM   275  N N   . ALA A 1 41  ? 13.149  -1.619  7.320   1.00 27.93  ? 46  ALA A N   1 
ATOM   276  C CA  . ALA A 1 41  ? 12.895  -1.222  5.942   1.00 26.55  ? 46  ALA A CA  1 
ATOM   277  C C   . ALA A 1 41  ? 13.269  0.249   5.829   1.00 27.72  ? 46  ALA A C   1 
ATOM   278  O O   . ALA A 1 41  ? 13.963  0.650   4.893   1.00 27.91  ? 46  ALA A O   1 
ATOM   279  C CB  . ALA A 1 41  ? 11.431  -1.422  5.594   1.00 23.74  ? 46  ALA A CB  1 
ATOM   280  N N   . CYS A 1 42  ? 12.856  1.035   6.825   1.00 27.17  ? 47  CYS A N   1 
ATOM   281  C CA  . CYS A 1 42  ? 13.154  2.464   6.858   1.00 27.02  ? 47  CYS A CA  1 
ATOM   282  C C   . CYS A 1 42  ? 14.657  2.696   6.876   1.00 28.66  ? 47  CYS A C   1 
ATOM   283  O O   . CYS A 1 42  ? 15.162  3.584   6.181   1.00 29.01  ? 47  CYS A O   1 
ATOM   284  C CB  . CYS A 1 42  ? 12.505  3.133   8.072   1.00 24.42  ? 47  CYS A CB  1 
ATOM   285  S SG  . CYS A 1 42  ? 10.720  3.261   7.990   1.00 24.90  ? 47  CYS A SG  1 
ATOM   286  N N   . LYS A 1 43  ? 15.367  1.883   7.658   1.00 29.32  ? 48  LYS A N   1 
ATOM   287  C CA  . LYS A 1 43  ? 16.819  1.987   7.760   1.00 29.66  ? 48  LYS A CA  1 
ATOM   288  C C   . LYS A 1 43  ? 17.422  1.716   6.399   1.00 28.43  ? 48  LYS A C   1 
ATOM   289  O O   . LYS A 1 43  ? 18.343  2.412   5.974   1.00 29.34  ? 48  LYS A O   1 
ATOM   290  C CB  . LYS A 1 43  ? 17.378  0.967   8.761   1.00 32.41  ? 48  LYS A CB  1 
ATOM   291  C CG  . LYS A 1 43  ? 16.879  1.130   10.179  1.00 37.48  ? 48  LYS A CG  1 
ATOM   292  C CD  . LYS A 1 43  ? 17.301  -0.043  11.053  1.00 42.26  ? 48  LYS A CD  1 
ATOM   293  C CE  . LYS A 1 43  ? 16.665  0.060   12.432  1.00 45.30  ? 48  LYS A CE  1 
ATOM   294  N NZ  . LYS A 1 43  ? 16.957  1.383   13.060  1.00 49.23  ? 48  LYS A NZ  1 
ATOM   295  N N   . ILE A 1 44  ? 16.879  0.712   5.715   1.00 26.48  ? 49  ILE A N   1 
ATOM   296  C CA  . ILE A 1 44  ? 17.364  0.329   4.398   1.00 26.09  ? 49  ILE A CA  1 
ATOM   297  C C   . ILE A 1 44  ? 17.135  1.443   3.391   1.00 25.16  ? 49  ILE A C   1 
ATOM   298  O O   . ILE A 1 44  ? 17.990  1.707   2.551   1.00 25.52  ? 49  ILE A O   1 
ATOM   299  C CB  . ILE A 1 44  ? 16.727  -1.009  3.932   1.00 26.98  ? 49  ILE A CB  1 
ATOM   300  C CG1 . ILE A 1 44  ? 17.207  -2.144  4.853   1.00 27.18  ? 49  ILE A CG1 1 
ATOM   301  C CG2 . ILE A 1 44  ? 17.093  -1.298  2.478   1.00 24.66  ? 49  ILE A CG2 1 
ATOM   302  C CD1 . ILE A 1 44  ? 16.502  -3.469  4.669   1.00 27.01  ? 49  ILE A CD1 1 
ATOM   303  N N   . ILE A 1 45  ? 16.003  2.122   3.516   1.00 24.03  ? 50  ILE A N   1 
ATOM   304  C CA  . ILE A 1 45  ? 15.672  3.225   2.633   1.00 24.68  ? 50  ILE A CA  1 
ATOM   305  C C   . ILE A 1 45  ? 16.692  4.342   2.810   1.00 26.64  ? 50  ILE A C   1 
ATOM   306  O O   . ILE A 1 45  ? 17.306  4.793   1.844   1.00 27.34  ? 50  ILE A O   1 
ATOM   307  C CB  . ILE A 1 45  ? 14.239  3.756   2.915   1.00 24.66  ? 50  ILE A CB  1 
ATOM   308  C CG1 . ILE A 1 45  ? 13.204  2.749   2.395   1.00 23.94  ? 50  ILE A CG1 1 
ATOM   309  C CG2 . ILE A 1 45  ? 14.033  5.132   2.274   1.00 21.74  ? 50  ILE A CG2 1 
ATOM   310  C CD1 . ILE A 1 45  ? 11.764  3.159   2.605   1.00 22.30  ? 50  ILE A CD1 1 
ATOM   311  N N   . GLN A 1 46  ? 16.899  4.749   4.060   1.00 29.12  ? 51  GLN A N   1 
ATOM   312  C CA  . GLN A 1 46  ? 17.845  5.816   4.395   1.00 31.48  ? 51  GLN A CA  1 
ATOM   313  C C   . GLN A 1 46  ? 19.268  5.496   3.949   1.00 31.37  ? 51  GLN A C   1 
ATOM   314  O O   . GLN A 1 46  ? 19.910  6.308   3.298   1.00 31.74  ? 51  GLN A O   1 
ATOM   315  C CB  . GLN A 1 46  ? 17.814  6.093   5.897   1.00 35.06  ? 51  GLN A CB  1 
ATOM   316  C CG  . GLN A 1 46  ? 18.555  7.356   6.296   1.00 41.66  ? 51  GLN A CG  1 
ATOM   317  C CD  . GLN A 1 46  ? 17.773  8.191   7.295   1.00 45.12  ? 51  GLN A CD  1 
ATOM   318  O OE1 . GLN A 1 46  ? 17.273  7.676   8.303   1.00 45.16  ? 51  GLN A OE1 1 
ATOM   319  N NE2 . GLN A 1 46  ? 17.653  9.489   7.013   1.00 46.33  ? 51  GLN A NE2 1 
ATOM   320  N N   . GLU A 1 47  ? 19.751  4.310   4.304   1.00 33.12  ? 52  GLU A N   1 
ATOM   321  C CA  . GLU A 1 47  ? 21.091  3.859   3.925   1.00 34.51  ? 52  GLU A CA  1 
ATOM   322  C C   . GLU A 1 47  ? 21.301  3.799   2.403   1.00 34.69  ? 52  GLU A C   1 
ATOM   323  O O   . GLU A 1 47  ? 22.386  4.089   1.904   1.00 35.51  ? 52  GLU A O   1 
ATOM   324  C CB  . GLU A 1 47  ? 21.359  2.471   4.521   1.00 35.18  ? 52  GLU A CB  1 
ATOM   325  C CG  . GLU A 1 47  ? 22.039  2.473   5.887   1.00 38.22  ? 52  GLU A CG  1 
ATOM   326  C CD  . GLU A 1 47  ? 23.529  2.774   5.801   1.00 39.15  ? 52  GLU A CD  1 
ATOM   327  O OE1 . GLU A 1 47  ? 24.313  1.842   5.509   1.00 41.38  ? 52  GLU A OE1 1 
ATOM   328  O OE2 . GLU A 1 47  ? 23.918  3.938   6.027   1.00 39.09  ? 52  GLU A OE2 1 
ATOM   329  N N   . LYS A 1 48  ? 20.245  3.462   1.672   1.00 33.52  ? 53  LYS A N   1 
ATOM   330  C CA  . LYS A 1 48  ? 20.321  3.327   0.227   1.00 32.69  ? 53  LYS A CA  1 
ATOM   331  C C   . LYS A 1 48  ? 20.052  4.606   -0.568  1.00 32.64  ? 53  LYS A C   1 
ATOM   332  O O   . LYS A 1 48  ? 20.617  4.787   -1.653  1.00 32.01  ? 53  LYS A O   1 
ATOM   333  C CB  . LYS A 1 48  ? 19.363  2.220   -0.208  1.00 32.76  ? 53  LYS A CB  1 
ATOM   334  C CG  . LYS A 1 48  ? 19.576  1.701   -1.602  1.00 34.31  ? 53  LYS A CG  1 
ATOM   335  C CD  . LYS A 1 48  ? 18.944  0.321   -1.755  1.00 34.88  ? 53  LYS A CD  1 
ATOM   336  C CE  . LYS A 1 48  ? 19.551  -0.685  -0.780  1.00 33.75  ? 53  LYS A CE  1 
ATOM   337  N NZ  . LYS A 1 48  ? 18.968  -2.044  -0.931  1.00 34.85  ? 53  LYS A NZ  1 
ATOM   338  N N   . THR A 1 49  ? 19.220  5.494   -0.014  1.00 31.36  ? 54  THR A N   1 
ATOM   339  C CA  . THR A 1 49  ? 18.849  6.752   -0.677  1.00 30.69  ? 54  THR A CA  1 
ATOM   340  C C   . THR A 1 49  ? 19.406  8.001   0.000   1.00 30.65  ? 54  THR A C   1 
ATOM   341  O O   . THR A 1 49  ? 19.662  9.014   -0.652  1.00 30.08  ? 54  THR A O   1 
ATOM   342  C CB  . THR A 1 49  ? 17.304  6.925   -0.756  1.00 29.14  ? 54  THR A CB  1 
ATOM   343  O OG1 . THR A 1 49  ? 16.774  7.145   0.552   1.00 28.10  ? 54  THR A OG1 1 
ATOM   344  C CG2 . THR A 1 49  ? 16.640  5.682   -1.335  1.00 32.20  ? 54  THR A CG2 1 
ATOM   345  N N   . GLY A 1 50  ? 19.557  7.934   1.315   1.00 30.79  ? 55  GLY A N   1 
ATOM   346  C CA  . GLY A 1 50  ? 20.045  9.076   2.062   1.00 32.03  ? 55  GLY A CA  1 
ATOM   347  C C   . GLY A 1 50  ? 18.878  9.997   2.374   1.00 33.59  ? 55  GLY A C   1 
ATOM   348  O O   . GLY A 1 50  ? 19.049  11.047  3.004   1.00 34.82  ? 55  GLY A O   1 
ATOM   349  N N   . GLN A 1 51  ? 17.689  9.602   1.920   1.00 33.12  ? 56  GLN A N   1 
ATOM   350  C CA  . GLN A 1 51  ? 16.470  10.371  2.139   1.00 33.68  ? 56  GLN A CA  1 
ATOM   351  C C   . GLN A 1 51  ? 15.846  9.965   3.471   1.00 33.05  ? 56  GLN A C   1 
ATOM   352  O O   . GLN A 1 51  ? 16.200  8.928   4.040   1.00 32.16  ? 56  GLN A O   1 
ATOM   353  C CB  . GLN A 1 51  ? 15.456  10.113  1.011   1.00 34.57  ? 56  GLN A CB  1 
ATOM   354  C CG  . GLN A 1 51  ? 15.876  10.585  -0.368  1.00 37.71  ? 56  GLN A CG  1 
ATOM   355  C CD  . GLN A 1 51  ? 14.836  10.267  -1.439  1.00 42.09  ? 56  GLN A CD  1 
ATOM   356  O OE1 . GLN A 1 51  ? 13.836  10.973  -1.577  1.00 47.44  ? 56  GLN A OE1 1 
ATOM   357  N NE2 . GLN A 1 51  ? 15.068  9.205   -2.199  1.00 41.52  ? 56  GLN A NE2 1 
ATOM   358  N N   . GLU A 1 52  ? 14.937  10.797  3.976   1.00 33.48  ? 57  GLU A N   1 
ATOM   359  C CA  . GLU A 1 52  ? 14.243  10.503  5.223   1.00 33.76  ? 57  GLU A CA  1 
ATOM   360  C C   . GLU A 1 52  ? 13.209  9.457   4.849   1.00 32.66  ? 57  GLU A C   1 
ATOM   361  O O   . GLU A 1 52  ? 12.323  9.719   4.032   1.00 31.97  ? 57  GLU A O   1 
ATOM   362  C CB  . GLU A 1 52  ? 13.537  11.746  5.752   1.00 38.15  ? 57  GLU A CB  1 
ATOM   363  C CG  . GLU A 1 52  ? 14.452  12.917  6.017   1.00 45.25  ? 57  GLU A CG  1 
ATOM   364  C CD  . GLU A 1 52  ? 13.689  14.190  6.352   1.00 51.40  ? 57  GLU A CD  1 
ATOM   365  O OE1 . GLU A 1 52  ? 12.456  14.254  6.119   1.00 53.74  ? 57  GLU A OE1 1 
ATOM   366  O OE2 . GLU A 1 52  ? 14.332  15.138  6.852   1.00 55.69  ? 57  GLU A OE2 1 
ATOM   367  N N   . PRO A 1 53  ? 13.317  8.250   5.431   1.00 32.28  ? 58  PRO A N   1 
ATOM   368  C CA  . PRO A 1 53  ? 12.403  7.136   5.165   1.00 30.73  ? 58  PRO A CA  1 
ATOM   369  C C   . PRO A 1 53  ? 10.916  7.402   5.410   1.00 30.53  ? 58  PRO A C   1 
ATOM   370  O O   . PRO A 1 53  ? 10.070  6.816   4.735   1.00 29.92  ? 58  PRO A O   1 
ATOM   371  C CB  . PRO A 1 53  ? 12.963  6.017   6.045   1.00 31.23  ? 58  PRO A CB  1 
ATOM   372  C CG  . PRO A 1 53  ? 13.622  6.754   7.168   1.00 31.13  ? 58  PRO A CG  1 
ATOM   373  C CD  . PRO A 1 53  ? 14.313  7.872   6.452   1.00 31.82  ? 58  PRO A CD  1 
ATOM   374  N N   . LEU A 1 54  ? 10.595  8.282   6.359   1.00 29.18  ? 59  LEU A N   1 
ATOM   375  C CA  . LEU A 1 54  ? 9.200   8.607   6.638   1.00 28.96  ? 59  LEU A CA  1 
ATOM   376  C C   . LEU A 1 54  ? 8.591   9.337   5.439   1.00 28.64  ? 59  LEU A C   1 
ATOM   377  O O   . LEU A 1 54  ? 7.441   9.090   5.070   1.00 29.12  ? 59  LEU A O   1 
ATOM   378  C CB  . LEU A 1 54  ? 9.057   9.466   7.904   1.00 29.93  ? 59  LEU A CB  1 
ATOM   379  C CG  . LEU A 1 54  ? 7.606   9.828   8.270   1.00 30.74  ? 59  LEU A CG  1 
ATOM   380  C CD1 . LEU A 1 54  ? 6.811   8.548   8.528   1.00 31.02  ? 59  LEU A CD1 1 
ATOM   381  C CD2 . LEU A 1 54  ? 7.542   10.738  9.476   1.00 27.98  ? 59  LEU A CD2 1 
ATOM   382  N N   . LYS A 1 55  ? 9.372   10.217  4.823   1.00 27.93  ? 60  LYS A N   1 
ATOM   383  C CA  . LYS A 1 55  ? 8.900   10.967  3.663   1.00 28.70  ? 60  LYS A CA  1 
ATOM   384  C C   . LYS A 1 55  ? 8.693   10.026  2.477   1.00 25.78  ? 60  LYS A C   1 
ATOM   385  O O   . LYS A 1 55  ? 7.718   10.159  1.733   1.00 24.77  ? 60  LYS A O   1 
ATOM   386  C CB  . LYS A 1 55  ? 9.903   12.065  3.301   1.00 33.91  ? 60  LYS A CB  1 
ATOM   387  C CG  . LYS A 1 55  ? 9.398   13.041  2.247   1.00 42.15  ? 60  LYS A CG  1 
ATOM   388  C CD  . LYS A 1 55  ? 10.429  14.129  1.928   1.00 46.90  ? 60  LYS A CD  1 
ATOM   389  C CE  . LYS A 1 55  ? 9.975   15.004  0.753   1.00 51.17  ? 60  LYS A CE  1 
ATOM   390  N NZ  . LYS A 1 55  ? 11.057  15.913  0.253   1.00 53.35  ? 60  LYS A NZ  1 
ATOM   391  N N   . VAL A 1 56  ? 9.594   9.051   2.336   1.00 22.96  ? 61  VAL A N   1 
ATOM   392  C CA  . VAL A 1 56  ? 9.530   8.074   1.251   1.00 22.21  ? 61  VAL A CA  1 
ATOM   393  C C   . VAL A 1 56  ? 8.308   7.170   1.401   1.00 22.66  ? 61  VAL A C   1 
ATOM   394  O O   . VAL A 1 56  ? 7.590   6.904   0.423   1.00 20.66  ? 61  VAL A O   1 
ATOM   395  C CB  . VAL A 1 56  ? 10.813  7.219   1.193   1.00 20.97  ? 61  VAL A CB  1 
ATOM   396  C CG1 . VAL A 1 56  ? 10.665  6.089   0.149   1.00 21.25  ? 61  VAL A CG1 1 
ATOM   397  C CG2 . VAL A 1 56  ? 12.014  8.108   0.858   1.00 19.60  ? 61  VAL A CG2 1 
ATOM   398  N N   . PHE A 1 57  ? 8.074   6.722   2.634   1.00 22.62  ? 62  PHE A N   1 
ATOM   399  C CA  . PHE A 1 57  ? 6.933   5.871   2.953   1.00 22.35  ? 62  PHE A CA  1 
ATOM   400  C C   . PHE A 1 57  ? 5.629   6.586   2.599   1.00 23.19  ? 62  PHE A C   1 
ATOM   401  O O   . PHE A 1 57  ? 4.760   6.015   1.941   1.00 23.97  ? 62  PHE A O   1 
ATOM   402  C CB  . PHE A 1 57  ? 6.931   5.521   4.441   1.00 19.92  ? 62  PHE A CB  1 
ATOM   403  C CG  . PHE A 1 57  ? 5.634   4.917   4.922   1.00 21.23  ? 62  PHE A CG  1 
ATOM   404  C CD1 . PHE A 1 57  ? 5.166   3.719   4.389   1.00 21.66  ? 62  PHE A CD1 1 
ATOM   405  C CD2 . PHE A 1 57  ? 4.877   5.553   5.906   1.00 20.04  ? 62  PHE A CD2 1 
ATOM   406  C CE1 . PHE A 1 57  ? 3.972   3.162   4.822   1.00 20.46  ? 62  PHE A CE1 1 
ATOM   407  C CE2 . PHE A 1 57  ? 3.676   5.001   6.348   1.00 18.88  ? 62  PHE A CE2 1 
ATOM   408  C CZ  . PHE A 1 57  ? 3.225   3.809   5.807   1.00 19.89  ? 62  PHE A CZ  1 
ATOM   409  N N   . LYS A 1 58  ? 5.497   7.833   3.053   1.00 21.85  ? 63  LYS A N   1 
ATOM   410  C CA  . LYS A 1 58  ? 4.304   8.635   2.793   1.00 23.13  ? 63  LYS A CA  1 
ATOM   411  C C   . LYS A 1 58  ? 4.059   8.900   1.306   1.00 23.35  ? 63  LYS A C   1 
ATOM   412  O O   . LYS A 1 58  ? 2.913   8.846   0.838   1.00 23.97  ? 63  LYS A O   1 
ATOM   413  C CB  . LYS A 1 58  ? 4.386   9.955   3.555   1.00 24.43  ? 63  LYS A CB  1 
ATOM   414  C CG  . LYS A 1 58  ? 4.209   9.800   5.052   1.00 25.85  ? 63  LYS A CG  1 
ATOM   415  C CD  . LYS A 1 58  ? 4.430   11.110  5.745   1.00 28.44  ? 63  LYS A CD  1 
ATOM   416  C CE  . LYS A 1 58  ? 4.156   11.006  7.230   1.00 33.04  ? 63  LYS A CE  1 
ATOM   417  N NZ  . LYS A 1 58  ? 4.661   12.227  7.931   1.00 38.95  ? 63  LYS A NZ  1 
ATOM   418  N N   . GLN A 1 59  ? 5.125   9.194   0.565   1.00 21.73  ? 64  GLN A N   1 
ATOM   419  C CA  . GLN A 1 59  ? 4.989   9.441   -0.863  1.00 21.03  ? 64  GLN A CA  1 
ATOM   420  C C   . GLN A 1 59  ? 4.570   8.144   -1.577  1.00 20.82  ? 64  GLN A C   1 
ATOM   421  O O   . GLN A 1 59  ? 3.768   8.175   -2.517  1.00 19.72  ? 64  GLN A O   1 
ATOM   422  C CB  . GLN A 1 59  ? 6.296   9.989   -1.447  1.00 22.44  ? 64  GLN A CB  1 
ATOM   423  C CG  . GLN A 1 59  ? 6.161   10.514  -2.876  1.00 22.58  ? 64  GLN A CG  1 
ATOM   424  C CD  . GLN A 1 59  ? 5.046   11.545  -3.002  1.00 26.64  ? 64  GLN A CD  1 
ATOM   425  O OE1 . GLN A 1 59  ? 5.013   12.531  -2.261  1.00 29.94  ? 64  GLN A OE1 1 
ATOM   426  N NE2 . GLN A 1 59  ? 4.106   11.301  -3.910  1.00 25.68  ? 64  GLN A NE2 1 
ATOM   427  N N   . ALA A 1 60  ? 5.095   7.011   -1.105  1.00 18.22  ? 65  ALA A N   1 
ATOM   428  C CA  . ALA A 1 60  ? 4.766   5.708   -1.678  1.00 18.01  ? 65  ALA A CA  1 
ATOM   429  C C   . ALA A 1 60  ? 3.269   5.447   -1.532  1.00 19.06  ? 65  ALA A C   1 
ATOM   430  O O   . ALA A 1 60  ? 2.603   5.065   -2.485  1.00 18.98  ? 65  ALA A O   1 
ATOM   431  C CB  . ALA A 1 60  ? 5.559   4.608   -0.977  1.00 16.63  ? 65  ALA A CB  1 
ATOM   432  N N   . VAL A 1 61  ? 2.745   5.691   -0.334  1.00 19.31  ? 66  VAL A N   1 
ATOM   433  C CA  . VAL A 1 61  ? 1.328   5.499   -0.039  1.00 19.84  ? 66  VAL A CA  1 
ATOM   434  C C   . VAL A 1 61  ? 0.455   6.428   -0.880  1.00 19.90  ? 66  VAL A C   1 
ATOM   435  O O   . VAL A 1 61  ? -0.532  6.001   -1.466  1.00 20.91  ? 66  VAL A O   1 
ATOM   436  C CB  . VAL A 1 61  ? 1.036   5.708   1.482   1.00 21.37  ? 66  VAL A CB  1 
ATOM   437  C CG1 . VAL A 1 61  ? -0.456  5.625   1.766   1.00 21.59  ? 66  VAL A CG1 1 
ATOM   438  C CG2 . VAL A 1 61  ? 1.772   4.652   2.304   1.00 20.01  ? 66  VAL A CG2 1 
ATOM   439  N N   . GLU A 1 62  ? 0.834   7.698   -0.956  1.00 21.04  ? 67  GLU A N   1 
ATOM   440  C CA  . GLU A 1 62  ? 0.089   8.676   -1.743  1.00 22.80  ? 67  GLU A CA  1 
ATOM   441  C C   . GLU A 1 62  ? -0.002  8.292   -3.225  1.00 21.97  ? 67  GLU A C   1 
ATOM   442  O O   . GLU A 1 62  ? -1.055  8.437   -3.833  1.00 21.66  ? 67  GLU A O   1 
ATOM   443  C CB  . GLU A 1 62  ? 0.732   10.060  -1.596  1.00 26.99  ? 67  GLU A CB  1 
ATOM   444  C CG  . GLU A 1 62  ? 0.075   11.168  -2.435  1.00 33.94  ? 67  GLU A CG  1 
ATOM   445  C CD  . GLU A 1 62  ? -1.324  11.567  -1.969  1.00 35.07  ? 67  GLU A CD  1 
ATOM   446  O OE1 . GLU A 1 62  ? -1.570  11.604  -0.746  1.00 34.61  ? 67  GLU A OE1 1 
ATOM   447  O OE2 . GLU A 1 62  ? -2.169  11.873  -2.838  1.00 38.23  ? 67  GLU A OE2 1 
ATOM   448  N N   . ASN A 1 63  ? 1.088   7.771   -3.782  1.00 19.82  ? 68  ASN A N   1 
ATOM   449  C CA  . ASN A 1 63  ? 1.129   7.376   -5.191  1.00 19.69  ? 68  ASN A CA  1 
ATOM   450  C C   . ASN A 1 63  ? 0.361   6.100   -5.517  1.00 18.06  ? 68  ASN A C   1 
ATOM   451  O O   . ASN A 1 63  ? 0.152   5.790   -6.685  1.00 17.78  ? 68  ASN A O   1 
ATOM   452  C CB  . ASN A 1 63  ? 2.580   7.221   -5.678  1.00 17.77  ? 68  ASN A CB  1 
ATOM   453  C CG  . ASN A 1 63  ? 3.337   8.527   -5.692  1.00 17.19  ? 68  ASN A CG  1 
ATOM   454  O OD1 . ASN A 1 63  ? 2.751   9.587   -5.835  1.00 18.42  ? 68  ASN A OD1 1 
ATOM   455  N ND2 . ASN A 1 63  ? 4.647   8.453   -5.537  1.00 20.70  ? 68  ASN A ND2 1 
ATOM   456  N N   . VAL A 1 64  ? -0.013  5.339   -4.497  1.00 16.97  ? 69  VAL A N   1 
ATOM   457  C CA  . VAL A 1 64  ? -0.753  4.095   -4.705  1.00 18.44  ? 69  VAL A CA  1 
ATOM   458  C C   . VAL A 1 64  ? -2.245  4.264   -4.423  1.00 18.71  ? 69  VAL A C   1 
ATOM   459  O O   . VAL A 1 64  ? -3.042  3.382   -4.721  1.00 21.62  ? 69  VAL A O   1 
ATOM   460  C CB  . VAL A 1 64  ? -0.159  2.938   -3.848  1.00 16.77  ? 69  VAL A CB  1 
ATOM   461  C CG1 . VAL A 1 64  ? -0.936  1.626   -4.077  1.00 17.31  ? 69  VAL A CG1 1 
ATOM   462  C CG2 . VAL A 1 64  ? 1.319   2.744   -4.207  1.00 14.87  ? 69  VAL A CG2 1 
ATOM   463  N N   . LYS A 1 65  ? -2.616  5.416   -3.875  1.00 19.18  ? 70  LYS A N   1 
ATOM   464  C CA  . LYS A 1 65  ? -4.010  5.713   -3.553  1.00 21.06  ? 70  LYS A CA  1 
ATOM   465  C C   . LYS A 1 65  ? -4.926  5.858   -4.772  1.00 21.48  ? 70  LYS A C   1 
ATOM   466  O O   . LYS A 1 65  ? -4.753  6.752   -5.590  1.00 21.39  ? 70  LYS A O   1 
ATOM   467  C CB  . LYS A 1 65  ? -4.097  6.990   -2.716  1.00 21.50  ? 70  LYS A CB  1 
ATOM   468  C CG  . LYS A 1 65  ? -3.808  6.799   -1.243  1.00 23.26  ? 70  LYS A CG  1 
ATOM   469  C CD  . LYS A 1 65  ? -3.916  8.120   -0.520  1.00 25.19  ? 70  LYS A CD  1 
ATOM   470  C CE  . LYS A 1 65  ? -3.887  7.920   0.977   1.00 28.03  ? 70  LYS A CE  1 
ATOM   471  N NZ  . LYS A 1 65  ? -3.982  9.213   1.725   1.00 31.52  ? 70  LYS A NZ  1 
ATOM   472  N N   . PRO A 1 66  ? -5.917  4.965   -4.903  1.00 23.25  ? 71  PRO A N   1 
ATOM   473  C CA  . PRO A 1 66  ? -6.841  5.038   -6.034  1.00 24.12  ? 71  PRO A CA  1 
ATOM   474  C C   . PRO A 1 66  ? -7.926  6.085   -5.766  1.00 24.97  ? 71  PRO A C   1 
ATOM   475  O O   . PRO A 1 66  ? -8.467  6.163   -4.658  1.00 25.45  ? 71  PRO A O   1 
ATOM   476  C CB  . PRO A 1 66  ? -7.428  3.632   -6.062  1.00 24.02  ? 71  PRO A CB  1 
ATOM   477  C CG  . PRO A 1 66  ? -7.515  3.310   -4.608  1.00 22.11  ? 71  PRO A CG  1 
ATOM   478  C CD  . PRO A 1 66  ? -6.182  3.766   -4.086  1.00 21.58  ? 71  PRO A CD  1 
ATOM   479  N N   . ARG A 1 67  ? -8.235  6.888   -6.779  1.00 25.81  ? 72  ARG A N   1 
ATOM   480  C CA  . ARG A 1 67  ? -9.256  7.923   -6.648  1.00 28.64  ? 72  ARG A CA  1 
ATOM   481  C C   . ARG A 1 67  ? -10.622 7.461   -7.155  1.00 28.55  ? 72  ARG A C   1 
ATOM   482  O O   . ARG A 1 67  ? -11.666 7.898   -6.658  1.00 28.63  ? 72  ARG A O   1 
ATOM   483  C CB  . ARG A 1 67  ? -8.810  9.199   -7.364  1.00 31.95  ? 72  ARG A CB  1 
ATOM   484  C CG  . ARG A 1 67  ? -8.026  10.157  -6.476  1.00 37.88  ? 72  ARG A CG  1 
ATOM   485  C CD  . ARG A 1 67  ? -6.740  9.549   -5.925  1.00 42.14  ? 72  ARG A CD  1 
ATOM   486  N NE  . ARG A 1 67  ? -6.410  10.136  -4.626  1.00 46.38  ? 72  ARG A NE  1 
ATOM   487  C CZ  . ARG A 1 67  ? -5.200  10.542  -4.253  1.00 47.29  ? 72  ARG A CZ  1 
ATOM   488  N NH1 . ARG A 1 67  ? -4.167  10.434  -5.075  1.00 49.40  ? 72  ARG A NH1 1 
ATOM   489  N NH2 . ARG A 1 67  ? -5.027  11.072  -3.048  1.00 48.25  ? 72  ARG A NH2 1 
ATOM   490  N N   . MET A 1 68  ? -10.597 6.570   -8.139  1.00 27.49  ? 73  MET A N   1 
ATOM   491  C CA  . MET A 1 68  ? -11.801 6.008   -8.740  1.00 26.90  ? 73  MET A CA  1 
ATOM   492  C C   . MET A 1 68  ? -11.563 4.509   -8.823  1.00 25.45  ? 73  MET A C   1 
ATOM   493  O O   . MET A 1 68  ? -10.414 4.070   -8.906  1.00 25.04  ? 73  MET A O   1 
ATOM   494  C CB  . MET A 1 68  ? -11.982 6.530   -10.174 1.00 28.96  ? 73  MET A CB  1 
ATOM   495  C CG  . MET A 1 68  ? -12.280 7.999   -10.322 1.00 34.17  ? 73  MET A CG  1 
ATOM   496  S SD  . MET A 1 68  ? -13.891 8.440   -9.668  1.00 41.31  ? 73  MET A SD  1 
ATOM   497  C CE  . MET A 1 68  ? -14.947 7.479   -10.720 1.00 40.55  ? 73  MET A CE  1 
ATOM   498  N N   . GLU A 1 69  ? -12.651 3.740   -8.848  1.00 25.47  ? 74  GLU A N   1 
ATOM   499  C CA  . GLU A 1 69  ? -12.596 2.280   -8.958  1.00 25.00  ? 74  GLU A CA  1 
ATOM   500  C C   . GLU A 1 69  ? -13.938 1.709   -9.424  1.00 24.38  ? 74  GLU A C   1 
ATOM   501  O O   . GLU A 1 69  ? -14.978 2.362   -9.340  1.00 23.46  ? 74  GLU A O   1 
ATOM   502  C CB  . GLU A 1 69  ? -12.265 1.648   -7.608  1.00 23.37  ? 74  GLU A CB  1 
ATOM   503  C CG  . GLU A 1 69  ? -13.439 1.692   -6.651  1.00 27.77  ? 74  GLU A CG  1 
ATOM   504  C CD  . GLU A 1 69  ? -13.188 0.960   -5.348  1.00 29.25  ? 74  GLU A CD  1 
ATOM   505  O OE1 . GLU A 1 69  ? -12.593 -0.141  -5.367  1.00 30.22  ? 74  GLU A OE1 1 
ATOM   506  O OE2 . GLU A 1 69  ? -13.611 1.487   -4.300  1.00 28.75  ? 74  GLU A OE2 1 
ATOM   507  N N   . VAL A 1 70  ? -13.892 0.489   -9.942  1.00 25.36  ? 75  VAL A N   1 
ATOM   508  C CA  . VAL A 1 70  ? -15.101 -0.215  -10.357 1.00 25.91  ? 75  VAL A CA  1 
ATOM   509  C C   . VAL A 1 70  ? -15.275 -1.159  -9.176  1.00 25.23  ? 75  VAL A C   1 
ATOM   510  O O   . VAL A 1 70  ? -14.606 -2.182  -9.070  1.00 23.79  ? 75  VAL A O   1 
ATOM   511  C CB  . VAL A 1 70  ? -14.915 -1.043  -11.654 1.00 26.30  ? 75  VAL A CB  1 
ATOM   512  C CG1 . VAL A 1 70  ? -16.175 -1.870  -11.926 1.00 26.17  ? 75  VAL A CG1 1 
ATOM   513  C CG2 . VAL A 1 70  ? -14.628 -0.133  -12.836 1.00 26.26  ? 75  VAL A CG2 1 
ATOM   514  N N   . ARG A 1 71  ? -16.113 -0.740  -8.243  1.00 26.15  ? 76  ARG A N   1 
ATOM   515  C CA  . ARG A 1 71  ? -16.364 -1.486  -7.026  1.00 27.89  ? 76  ARG A CA  1 
ATOM   516  C C   . ARG A 1 71  ? -17.305 -2.686  -7.146  1.00 28.20  ? 76  ARG A C   1 
ATOM   517  O O   . ARG A 1 71  ? -18.382 -2.594  -7.728  1.00 26.97  ? 76  ARG A O   1 
ATOM   518  C CB  . ARG A 1 71  ? -16.882 -0.514  -5.963  1.00 28.75  ? 76  ARG A CB  1 
ATOM   519  C CG  . ARG A 1 71  ? -16.960 -1.092  -4.574  1.00 28.97  ? 76  ARG A CG  1 
ATOM   520  C CD  . ARG A 1 71  ? -15.588 -1.296  -3.999  1.00 29.11  ? 76  ARG A CD  1 
ATOM   521  N NE  . ARG A 1 71  ? -15.663 -1.581  -2.573  1.00 31.17  ? 76  ARG A NE  1 
ATOM   522  C CZ  . ARG A 1 71  ? -16.031 -0.702  -1.648  1.00 32.00  ? 76  ARG A CZ  1 
ATOM   523  N NH1 . ARG A 1 71  ? -16.362 0.538   -1.984  1.00 33.72  ? 76  ARG A NH1 1 
ATOM   524  N NH2 . ARG A 1 71  ? -16.060 -1.071  -0.377  1.00 34.17  ? 76  ARG A NH2 1 
ATOM   525  N N   . SER A 1 72  ? -16.882 -3.807  -6.570  1.00 29.88  ? 77  SER A N   1 
ATOM   526  C CA  . SER A 1 72  ? -17.679 -5.029  -6.560  1.00 32.17  ? 77  SER A CA  1 
ATOM   527  C C   . SER A 1 72  ? -18.657 -4.923  -5.403  1.00 32.36  ? 77  SER A C   1 
ATOM   528  O O   . SER A 1 72  ? -18.242 -4.760  -4.247  1.00 32.70  ? 77  SER A O   1 
ATOM   529  C CB  . SER A 1 72  ? -16.796 -6.256  -6.318  1.00 33.19  ? 77  SER A CB  1 
ATOM   530  O OG  . SER A 1 72  ? -16.112 -6.650  -7.487  1.00 38.53  ? 77  SER A OG  1 
ATOM   531  N N   . ARG A 1 73  ? -19.949 -4.999  -5.710  1.00 31.26  ? 78  ARG A N   1 
ATOM   532  C CA  . ARG A 1 73  ? -20.969 -4.923  -4.670  1.00 31.01  ? 78  ARG A CA  1 
ATOM   533  C C   . ARG A 1 73  ? -22.155 -5.830  -4.939  1.00 28.38  ? 78  ARG A C   1 
ATOM   534  O O   . ARG A 1 73  ? -22.627 -5.941  -6.072  1.00 27.68  ? 78  ARG A O   1 
ATOM   535  C CB  . ARG A 1 73  ? -21.443 -3.481  -4.458  1.00 33.70  ? 78  ARG A CB  1 
ATOM   536  C CG  . ARG A 1 73  ? -21.970 -2.783  -5.694  1.00 40.43  ? 78  ARG A CG  1 
ATOM   537  C CD  . ARG A 1 73  ? -22.362 -1.333  -5.382  1.00 47.77  ? 78  ARG A CD  1 
ATOM   538  N NE  . ARG A 1 73  ? -23.654 -1.198  -4.701  1.00 53.19  ? 78  ARG A NE  1 
ATOM   539  C CZ  . ARG A 1 73  ? -24.475 -0.157  -4.842  1.00 54.93  ? 78  ARG A CZ  1 
ATOM   540  N NH1 . ARG A 1 73  ? -24.147 0.849   -5.643  1.00 56.92  ? 78  ARG A NH1 1 
ATOM   541  N NH2 . ARG A 1 73  ? -25.629 -0.118  -4.186  1.00 56.43  ? 78  ARG A NH2 1 
ATOM   542  N N   . ARG A 1 74  ? -22.626 -6.482  -3.882  1.00 24.38  ? 79  ARG A N   1 
ATOM   543  C CA  . ARG A 1 74  ? -23.769 -7.360  -3.995  1.00 22.14  ? 79  ARG A CA  1 
ATOM   544  C C   . ARG A 1 74  ? -25.027 -6.584  -3.622  1.00 22.30  ? 79  ARG A C   1 
ATOM   545  O O   . ARG A 1 74  ? -25.093 -5.967  -2.558  1.00 23.28  ? 79  ARG A O   1 
ATOM   546  C CB  . ARG A 1 74  ? -23.592 -8.555  -3.072  1.00 20.49  ? 79  ARG A CB  1 
ATOM   547  C CG  . ARG A 1 74  ? -24.642 -9.634  -3.248  1.00 20.73  ? 79  ARG A CG  1 
ATOM   548  C CD  . ARG A 1 74  ? -24.318 -10.791 -2.361  1.00 19.55  ? 79  ARG A CD  1 
ATOM   549  N NE  . ARG A 1 74  ? -25.306 -11.852 -2.425  1.00 18.70  ? 79  ARG A NE  1 
ATOM   550  C CZ  . ARG A 1 74  ? -25.258 -12.860 -3.284  1.00 18.57  ? 79  ARG A CZ  1 
ATOM   551  N NH1 . ARG A 1 74  ? -24.283 -12.931 -4.186  1.00 16.72  ? 79  ARG A NH1 1 
ATOM   552  N NH2 . ARG A 1 74  ? -26.099 -13.870 -3.142  1.00 16.57  ? 79  ARG A NH2 1 
ATOM   553  N N   . VAL A 1 75  ? -25.998 -6.559  -4.527  1.00 20.60  ? 80  VAL A N   1 
ATOM   554  C CA  . VAL A 1 75  ? -27.244 -5.856  -4.280  1.00 20.64  ? 80  VAL A CA  1 
ATOM   555  C C   . VAL A 1 75  ? -28.429 -6.763  -4.599  1.00 20.41  ? 80  VAL A C   1 
ATOM   556  O O   . VAL A 1 75  ? -28.532 -7.285  -5.712  1.00 19.89  ? 80  VAL A O   1 
ATOM   557  C CB  . VAL A 1 75  ? -27.326 -4.561  -5.121  1.00 22.12  ? 80  VAL A CB  1 
ATOM   558  C CG1 . VAL A 1 75  ? -28.626 -3.803  -4.827  1.00 22.11  ? 80  VAL A CG1 1 
ATOM   559  C CG2 . VAL A 1 75  ? -26.134 -3.678  -4.828  1.00 20.99  ? 80  VAL A CG2 1 
ATOM   560  N N   . GLY A 1 76  ? -29.286 -6.984  -3.601  1.00 19.11  ? 81  GLY A N   1 
ATOM   561  C CA  . GLY A 1 76  ? -30.458 -7.821  -3.783  1.00 19.37  ? 81  GLY A CA  1 
ATOM   562  C C   . GLY A 1 76  ? -30.131 -9.239  -4.204  1.00 21.78  ? 81  GLY A C   1 
ATOM   563  O O   . GLY A 1 76  ? -30.828 -9.827  -5.022  1.00 22.64  ? 81  GLY A O   1 
ATOM   564  N N   . GLY A 1 77  ? -29.029 -9.765  -3.679  1.00 21.62  ? 82  GLY A N   1 
ATOM   565  C CA  . GLY A 1 77  ? -28.618 -11.118 -4.000  1.00 21.17  ? 82  GLY A CA  1 
ATOM   566  C C   . GLY A 1 77  ? -27.846 -11.287 -5.296  1.00 22.97  ? 82  GLY A C   1 
ATOM   567  O O   . GLY A 1 77  ? -27.566 -12.421 -5.694  1.00 23.17  ? 82  GLY A O   1 
ATOM   568  N N   . ALA A 1 78  ? -27.535 -10.189 -5.984  1.00 21.94  ? 83  ALA A N   1 
ATOM   569  C CA  . ALA A 1 78  ? -26.780 -10.287 -7.237  1.00 22.69  ? 83  ALA A CA  1 
ATOM   570  C C   . ALA A 1 78  ? -25.503 -9.474  -7.171  1.00 23.44  ? 83  ALA A C   1 
ATOM   571  O O   . ALA A 1 78  ? -25.446 -8.434  -6.517  1.00 24.29  ? 83  ALA A O   1 
ATOM   572  C CB  . ALA A 1 78  ? -27.627 -9.858  -8.429  1.00 21.03  ? 83  ALA A CB  1 
ATOM   573  N N   . ASN A 1 79  ? -24.481 -9.948  -7.868  1.00 23.40  ? 84  ASN A N   1 
ATOM   574  C CA  . ASN A 1 79  ? -23.195 -9.275  -7.874  1.00 23.54  ? 84  ASN A CA  1 
ATOM   575  C C   . ASN A 1 79  ? -23.072 -8.262  -9.002  1.00 24.62  ? 84  ASN A C   1 
ATOM   576  O O   . ASN A 1 79  ? -23.267 -8.582  -10.174 1.00 24.63  ? 84  ASN A O   1 
ATOM   577  C CB  . ASN A 1 79  ? -22.065 -10.306 -7.916  1.00 23.45  ? 84  ASN A CB  1 
ATOM   578  C CG  . ASN A 1 79  ? -22.175 -11.327 -6.799  1.00 24.33  ? 84  ASN A CG  1 
ATOM   579  O OD1 . ASN A 1 79  ? -22.463 -10.983 -5.661  1.00 26.23  ? 84  ASN A OD1 1 
ATOM   580  N ND2 . ASN A 1 79  ? -21.969 -12.592 -7.131  1.00 24.73  ? 84  ASN A ND2 1 
ATOM   581  N N   . TYR A 1 80  ? -22.758 -7.025  -8.615  1.00 25.15  ? 85  TYR A N   1 
ATOM   582  C CA  . TYR A 1 80  ? -22.595 -5.914  -9.544  1.00 24.51  ? 85  TYR A CA  1 
ATOM   583  C C   . TYR A 1 80  ? -21.223 -5.245  -9.438  1.00 25.22  ? 85  TYR A C   1 
ATOM   584  O O   . TYR A 1 80  ? -20.508 -5.406  -8.443  1.00 23.41  ? 85  TYR A O   1 
ATOM   585  C CB  . TYR A 1 80  ? -23.690 -4.871  -9.303  1.00 23.38  ? 85  TYR A CB  1 
ATOM   586  C CG  . TYR A 1 80  ? -25.084 -5.394  -9.555  1.00 21.92  ? 85  TYR A CG  1 
ATOM   587  C CD1 . TYR A 1 80  ? -25.590 -5.478  -10.850 1.00 21.84  ? 85  TYR A CD1 1 
ATOM   588  C CD2 . TYR A 1 80  ? -25.887 -5.835  -8.500  1.00 22.96  ? 85  TYR A CD2 1 
ATOM   589  C CE1 . TYR A 1 80  ? -26.870 -5.993  -11.096 1.00 21.70  ? 85  TYR A CE1 1 
ATOM   590  C CE2 . TYR A 1 80  ? -27.168 -6.356  -8.730  1.00 20.68  ? 85  TYR A CE2 1 
ATOM   591  C CZ  . TYR A 1 80  ? -27.654 -6.432  -10.034 1.00 22.44  ? 85  TYR A CZ  1 
ATOM   592  O OH  . TYR A 1 80  ? -28.916 -6.946  -10.282 1.00 19.40  ? 85  TYR A OH  1 
ATOM   593  N N   . GLN A 1 81  ? -20.878 -4.500  -10.490 1.00 26.38  ? 86  GLN A N   1 
ATOM   594  C CA  . GLN A 1 81  ? -19.622 -3.755  -10.589 1.00 28.91  ? 86  GLN A CA  1 
ATOM   595  C C   . GLN A 1 81  ? -19.993 -2.298  -10.853 1.00 27.87  ? 86  GLN A C   1 
ATOM   596  O O   . GLN A 1 81  ? -20.435 -1.924  -11.935 1.00 26.63  ? 86  GLN A O   1 
ATOM   597  C CB  . GLN A 1 81  ? -18.745 -4.322  -11.709 1.00 31.46  ? 86  GLN A CB  1 
ATOM   598  C CG  . GLN A 1 81  ? -18.418 -5.790  -11.508 1.00 34.93  ? 86  GLN A CG  1 
ATOM   599  C CD  . GLN A 1 81  ? -17.645 -6.397  -12.647 1.00 39.04  ? 86  GLN A CD  1 
ATOM   600  O OE1 . GLN A 1 81  ? -16.909 -7.365  -12.461 1.00 42.47  ? 86  GLN A OE1 1 
ATOM   601  N NE2 . GLN A 1 81  ? -17.816 -5.851  -13.842 1.00 41.69  ? 86  GLN A NE2 1 
ATOM   602  N N   . VAL A 1 82  ? -19.839 -1.492  -9.818  1.00 29.64  ? 87  VAL A N   1 
ATOM   603  C CA  . VAL A 1 82  ? -20.206 -0.091  -9.863  1.00 31.71  ? 87  VAL A CA  1 
ATOM   604  C C   . VAL A 1 82  ? -19.037 0.886   -9.919  1.00 31.96  ? 87  VAL A C   1 
ATOM   605  O O   . VAL A 1 82  ? -18.134 0.834   -9.084  1.00 32.85  ? 87  VAL A O   1 
ATOM   606  C CB  . VAL A 1 82  ? -21.077 0.242   -8.614  1.00 30.93  ? 87  VAL A CB  1 
ATOM   607  C CG1 . VAL A 1 82  ? -21.631 1.650   -8.693  1.00 30.54  ? 87  VAL A CG1 1 
ATOM   608  C CG2 . VAL A 1 82  ? -22.210 -0.763  -8.494  1.00 31.72  ? 87  VAL A CG2 1 
ATOM   609  N N   . PRO A 1 83  ? -19.009 1.752   -10.950 1.00 32.51  ? 88  PRO A N   1 
ATOM   610  C CA  . PRO A 1 83  ? -17.940 2.746   -11.074 1.00 33.15  ? 88  PRO A CA  1 
ATOM   611  C C   . PRO A 1 83  ? -18.227 3.777   -9.972  1.00 33.44  ? 88  PRO A C   1 
ATOM   612  O O   . PRO A 1 83  ? -19.374 4.166   -9.769  1.00 34.51  ? 88  PRO A O   1 
ATOM   613  C CB  . PRO A 1 83  ? -18.200 3.351   -12.460 1.00 31.65  ? 88  PRO A CB  1 
ATOM   614  C CG  . PRO A 1 83  ? -18.879 2.270   -13.194 1.00 31.10  ? 88  PRO A CG  1 
ATOM   615  C CD  . PRO A 1 83  ? -19.839 1.736   -12.162 1.00 33.18  ? 88  PRO A CD  1 
ATOM   616  N N   . MET A 1 84  ? -17.208 4.195   -9.236  1.00 33.77  ? 89  MET A N   1 
ATOM   617  C CA  . MET A 1 84  ? -17.437 5.159   -8.168  1.00 34.27  ? 89  MET A CA  1 
ATOM   618  C C   . MET A 1 84  ? -16.142 5.717   -7.599  1.00 34.47  ? 89  MET A C   1 
ATOM   619  O O   . MET A 1 84  ? -15.068 5.145   -7.780  1.00 34.90  ? 89  MET A O   1 
ATOM   620  C CB  . MET A 1 84  ? -18.264 4.514   -7.047  1.00 34.33  ? 89  MET A CB  1 
ATOM   621  C CG  . MET A 1 84  ? -17.574 3.345   -6.352  1.00 37.89  ? 89  MET A CG  1 
ATOM   622  S SD  . MET A 1 84  ? -18.620 2.369   -5.222  1.00 42.11  ? 89  MET A SD  1 
ATOM   623  C CE  . MET A 1 84  ? -18.165 3.041   -3.655  1.00 41.37  ? 89  MET A CE  1 
ATOM   624  N N   . GLU A 1 85  ? -16.251 6.854   -6.927  1.00 34.47  ? 90  GLU A N   1 
ATOM   625  C CA  . GLU A 1 85  ? -15.095 7.481   -6.301  1.00 34.51  ? 90  GLU A CA  1 
ATOM   626  C C   . GLU A 1 85  ? -14.755 6.705   -5.036  1.00 31.14  ? 90  GLU A C   1 
ATOM   627  O O   . GLU A 1 85  ? -15.622 6.094   -4.412  1.00 30.46  ? 90  GLU A O   1 
ATOM   628  C CB  . GLU A 1 85  ? -15.392 8.935   -5.955  1.00 38.71  ? 90  GLU A CB  1 
ATOM   629  C CG  . GLU A 1 85  ? -15.706 9.791   -7.169  1.00 46.34  ? 90  GLU A CG  1 
ATOM   630  C CD  . GLU A 1 85  ? -14.780 10.979  -7.291  1.00 49.99  ? 90  GLU A CD  1 
ATOM   631  O OE1 . GLU A 1 85  ? -14.466 11.589  -6.244  1.00 49.67  ? 90  GLU A OE1 1 
ATOM   632  O OE2 . GLU A 1 85  ? -14.364 11.292  -8.432  1.00 53.33  ? 90  GLU A OE2 1 
ATOM   633  N N   . VAL A 1 86  ? -13.484 6.726   -4.672  1.00 28.03  ? 91  VAL A N   1 
ATOM   634  C CA  . VAL A 1 86  ? -13.017 6.008   -3.498  1.00 26.74  ? 91  VAL A CA  1 
ATOM   635  C C   . VAL A 1 86  ? -12.928 6.946   -2.307  1.00 25.35  ? 91  VAL A C   1 
ATOM   636  O O   . VAL A 1 86  ? -12.314 7.992   -2.399  1.00 24.90  ? 91  VAL A O   1 
ATOM   637  C CB  . VAL A 1 86  ? -11.625 5.384   -3.763  1.00 24.59  ? 91  VAL A CB  1 
ATOM   638  C CG1 . VAL A 1 86  ? -11.204 4.515   -2.589  1.00 24.59  ? 91  VAL A CG1 1 
ATOM   639  C CG2 . VAL A 1 86  ? -11.648 4.578   -5.050  1.00 22.61  ? 91  VAL A CG2 1 
ATOM   640  N N   . SER A 1 87  ? -13.572 6.585   -1.206  1.00 26.51  ? 92  SER A N   1 
ATOM   641  C CA  . SER A 1 87  ? -13.533 7.394   0.011   1.00 28.01  ? 92  SER A CA  1 
ATOM   642  C C   . SER A 1 87  ? -12.101 7.463   0.527   1.00 29.58  ? 92  SER A C   1 
ATOM   643  O O   . SER A 1 87  ? -11.313 6.542   0.319   1.00 30.18  ? 92  SER A O   1 
ATOM   644  C CB  . SER A 1 87  ? -14.399 6.759   1.097   1.00 28.39  ? 92  SER A CB  1 
ATOM   645  O OG  . SER A 1 87  ? -13.843 5.533   1.549   1.00 29.85  ? 92  SER A OG  1 
ATOM   646  N N   . PRO A 1 88  ? -11.739 8.565   1.195   1.00 30.36  ? 93  PRO A N   1 
ATOM   647  C CA  . PRO A 1 88  ? -10.373 8.670   1.718   1.00 30.45  ? 93  PRO A CA  1 
ATOM   648  C C   . PRO A 1 88  ? -9.974  7.464   2.590   1.00 31.34  ? 93  PRO A C   1 
ATOM   649  O O   . PRO A 1 88  ? -8.823  7.020   2.542   1.00 29.69  ? 93  PRO A O   1 
ATOM   650  C CB  . PRO A 1 88  ? -10.401 9.995   2.492   1.00 30.64  ? 93  PRO A CB  1 
ATOM   651  C CG  . PRO A 1 88  ? -11.876 10.334  2.631   1.00 31.73  ? 93  PRO A CG  1 
ATOM   652  C CD  . PRO A 1 88  ? -12.474 9.827   1.375   1.00 30.21  ? 93  PRO A CD  1 
ATOM   653  N N   . ARG A 1 89  ? -10.946 6.893   3.311   1.00 31.25  ? 94  ARG A N   1 
ATOM   654  C CA  . ARG A 1 89  ? -10.718 5.729   4.178   1.00 30.69  ? 94  ARG A CA  1 
ATOM   655  C C   . ARG A 1 89  ? -10.273 4.536   3.343   1.00 28.46  ? 94  ARG A C   1 
ATOM   656  O O   . ARG A 1 89  ? -9.274  3.875   3.641   1.00 26.46  ? 94  ARG A O   1 
ATOM   657  C CB  . ARG A 1 89  ? -12.008 5.343   4.920   1.00 33.38  ? 94  ARG A CB  1 
ATOM   658  C CG  . ARG A 1 89  ? -11.812 4.226   5.961   1.00 38.08  ? 94  ARG A CG  1 
ATOM   659  C CD  . ARG A 1 89  ? -13.006 3.276   6.071   1.00 41.27  ? 94  ARG A CD  1 
ATOM   660  N NE  . ARG A 1 89  ? -13.151 2.417   4.888   1.00 48.94  ? 94  ARG A NE  1 
ATOM   661  C CZ  . ARG A 1 89  ? -12.295 1.456   4.536   1.00 50.37  ? 94  ARG A CZ  1 
ATOM   662  N NH1 . ARG A 1 89  ? -11.217 1.219   5.275   1.00 52.92  ? 94  ARG A NH1 1 
ATOM   663  N NH2 . ARG A 1 89  ? -12.507 0.731   3.441   1.00 48.52  ? 94  ARG A NH2 1 
ATOM   664  N N   . ARG A 1 90  ? -11.055 4.257   2.311   1.00 26.37  ? 95  ARG A N   1 
ATOM   665  C CA  . ARG A 1 90  ? -10.772 3.149   1.426   1.00 26.21  ? 95  ARG A CA  1 
ATOM   666  C C   . ARG A 1 90  ? -9.524  3.398   0.573   1.00 25.53  ? 95  ARG A C   1 
ATOM   667  O O   . ARG A 1 90  ? -8.877  2.448   0.139   1.00 25.58  ? 95  ARG A O   1 
ATOM   668  C CB  . ARG A 1 90  ? -11.987 2.843   0.549   1.00 24.00  ? 95  ARG A CB  1 
ATOM   669  C CG  . ARG A 1 90  ? -11.804 1.600   -0.304  1.00 25.15  ? 95  ARG A CG  1 
ATOM   670  C CD  . ARG A 1 90  ? -13.089 1.162   -0.959  1.00 24.09  ? 95  ARG A CD  1 
ATOM   671  N NE  . ARG A 1 90  ? -12.856 0.191   -2.026  1.00 23.96  ? 95  ARG A NE  1 
ATOM   672  C CZ  . ARG A 1 90  ? -12.664 -1.110  -1.848  1.00 24.77  ? 95  ARG A CZ  1 
ATOM   673  N NH1 . ARG A 1 90  ? -12.661 -1.627  -0.630  1.00 27.66  ? 95  ARG A NH1 1 
ATOM   674  N NH2 . ARG A 1 90  ? -12.527 -1.906  -2.899  1.00 24.46  ? 95  ARG A NH2 1 
ATOM   675  N N   . GLN A 1 91  ? -9.181  4.662   0.337   1.00 25.10  ? 96  GLN A N   1 
ATOM   676  C CA  . GLN A 1 91  ? -7.987  4.977   -0.449  1.00 25.30  ? 96  GLN A CA  1 
ATOM   677  C C   . GLN A 1 91  ? -6.755  4.462   0.284   1.00 25.90  ? 96  GLN A C   1 
ATOM   678  O O   . GLN A 1 91  ? -5.842  3.882   -0.316  1.00 25.32  ? 96  GLN A O   1 
ATOM   679  C CB  . GLN A 1 91  ? -7.858  6.483   -0.668  1.00 24.49  ? 96  GLN A CB  1 
ATOM   680  C CG  . GLN A 1 91  ? -8.769  7.024   -1.740  1.00 26.75  ? 96  GLN A CG  1 
ATOM   681  C CD  . GLN A 1 91  ? -8.408  8.430   -2.142  1.00 28.04  ? 96  GLN A CD  1 
ATOM   682  O OE1 . GLN A 1 91  ? -7.264  8.837   -2.021  1.00 30.21  ? 96  GLN A OE1 1 
ATOM   683  N NE2 . GLN A 1 91  ? -9.382  9.177   -2.637  1.00 31.25  ? 96  GLN A NE2 1 
ATOM   684  N N   . GLN A 1 92  ? -6.762  4.649   1.599   1.00 26.75  ? 97  GLN A N   1 
ATOM   685  C CA  . GLN A 1 92  ? -5.664  4.223   2.454   1.00 27.52  ? 97  GLN A CA  1 
ATOM   686  C C   . GLN A 1 92  ? -5.593  2.709   2.621   1.00 27.44  ? 97  GLN A C   1 
ATOM   687  O O   . GLN A 1 92  ? -4.498  2.138   2.597   1.00 28.47  ? 97  GLN A O   1 
ATOM   688  C CB  . GLN A 1 92  ? -5.772  4.888   3.827   1.00 28.45  ? 97  GLN A CB  1 
ATOM   689  C CG  . GLN A 1 92  ? -4.635  4.529   4.748   1.00 27.34  ? 97  GLN A CG  1 
ATOM   690  C CD  . GLN A 1 92  ? -4.711  5.273   6.040   1.00 27.62  ? 97  GLN A CD  1 
ATOM   691  O OE1 . GLN A 1 92  ? -4.733  6.499   6.051   1.00 27.95  ? 97  GLN A OE1 1 
ATOM   692  N NE2 . GLN A 1 92  ? -4.752  4.541   7.147   1.00 27.82  ? 97  GLN A NE2 1 
ATOM   693  N N   . SER A 1 93  ? -6.748  2.070   2.827   1.00 25.90  ? 98  SER A N   1 
ATOM   694  C CA  . SER A 1 93  ? -6.796  0.621   2.983   1.00 24.95  ? 98  SER A CA  1 
ATOM   695  C C   . SER A 1 93  ? -6.339  -0.041  1.687   1.00 23.58  ? 98  SER A C   1 
ATOM   696  O O   . SER A 1 93  ? -5.580  -1.003  1.710   1.00 23.56  ? 98  SER A O   1 
ATOM   697  C CB  . SER A 1 93  ? -8.213  0.158   3.332   1.00 29.45  ? 98  SER A CB  1 
ATOM   698  O OG  . SER A 1 93  ? -8.987  -0.080  2.164   1.00 35.14  ? 98  SER A OG  1 
ATOM   699  N N   . LEU A 1 94  ? -6.795  0.477   0.552   1.00 22.59  ? 99  LEU A N   1 
ATOM   700  C CA  . LEU A 1 94  ? -6.388  -0.082  -0.728  1.00 22.52  ? 99  LEU A CA  1 
ATOM   701  C C   . LEU A 1 94  ? -4.899  0.150   -0.973  1.00 22.06  ? 99  LEU A C   1 
ATOM   702  O O   . LEU A 1 94  ? -4.197  -0.776  -1.367  1.00 22.68  ? 99  LEU A O   1 
ATOM   703  C CB  . LEU A 1 94  ? -7.236  0.471   -1.877  1.00 21.27  ? 99  LEU A CB  1 
ATOM   704  C CG  . LEU A 1 94  ? -8.656  -0.103  -1.984  1.00 20.89  ? 99  LEU A CG  1 
ATOM   705  C CD1 . LEU A 1 94  ? -9.441  0.565   -3.095  1.00 19.10  ? 99  LEU A CD1 1 
ATOM   706  C CD2 . LEU A 1 94  ? -8.573  -1.606  -2.216  1.00 21.47  ? 99  LEU A CD2 1 
ATOM   707  N N   . ALA A 1 95  ? -4.415  1.360   -0.679  1.00 22.57  ? 100 ALA A N   1 
ATOM   708  C CA  . ALA A 1 95  ? -2.994  1.712   -0.853  1.00 21.52  ? 100 ALA A CA  1 
ATOM   709  C C   . ALA A 1 95  ? -2.076  0.796   -0.043  1.00 22.26  ? 100 ALA A C   1 
ATOM   710  O O   . ALA A 1 95  ? -1.109  0.256   -0.580  1.00 21.98  ? 100 ALA A O   1 
ATOM   711  C CB  . ALA A 1 95  ? -2.745  3.172   -0.464  1.00 20.20  ? 100 ALA A CB  1 
ATOM   712  N N   . LEU A 1 96  ? -2.394  0.607   1.238   1.00 22.82  ? 101 LEU A N   1 
ATOM   713  C CA  . LEU A 1 96  ? -1.596  -0.255  2.113   1.00 23.02  ? 101 LEU A CA  1 
ATOM   714  C C   . LEU A 1 96  ? -1.685  -1.724  1.694   1.00 22.62  ? 101 LEU A C   1 
ATOM   715  O O   . LEU A 1 96  ? -0.682  -2.434  1.690   1.00 23.13  ? 101 LEU A O   1 
ATOM   716  C CB  . LEU A 1 96  ? -2.009  -0.074  3.583   1.00 22.17  ? 101 LEU A CB  1 
ATOM   717  C CG  . LEU A 1 96  ? -1.840  1.344   4.154   1.00 21.84  ? 101 LEU A CG  1 
ATOM   718  C CD1 . LEU A 1 96  ? -2.280  1.412   5.591   1.00 24.49  ? 101 LEU A CD1 1 
ATOM   719  C CD2 . LEU A 1 96  ? -0.409  1.793   4.061   1.00 23.75  ? 101 LEU A CD2 1 
ATOM   720  N N   . ARG A 1 97  ? -2.878  -2.157  1.294   1.00 23.26  ? 102 ARG A N   1 
ATOM   721  C CA  . ARG A 1 97  ? -3.098  -3.532  0.847   1.00 22.14  ? 102 ARG A CA  1 
ATOM   722  C C   . ARG A 1 97  ? -2.202  -3.857  -0.343  1.00 23.49  ? 102 ARG A C   1 
ATOM   723  O O   . ARG A 1 97  ? -1.413  -4.797  -0.292  1.00 23.29  ? 102 ARG A O   1 
ATOM   724  C CB  . ARG A 1 97  ? -4.559  -3.742  0.452   1.00 21.94  ? 102 ARG A CB  1 
ATOM   725  C CG  . ARG A 1 97  ? -4.859  -5.143  -0.047  1.00 26.30  ? 102 ARG A CG  1 
ATOM   726  C CD  . ARG A 1 97  ? -6.190  -5.225  -0.775  1.00 27.73  ? 102 ARG A CD  1 
ATOM   727  N NE  . ARG A 1 97  ? -7.308  -4.849  0.084   1.00 33.68  ? 102 ARG A NE  1 
ATOM   728  C CZ  . ARG A 1 97  ? -8.573  -4.733  -0.321  1.00 34.83  ? 102 ARG A CZ  1 
ATOM   729  N NH1 . ARG A 1 97  ? -8.903  -4.964  -1.588  1.00 33.63  ? 102 ARG A NH1 1 
ATOM   730  N NH2 . ARG A 1 97  ? -9.513  -4.372  0.548   1.00 35.76  ? 102 ARG A NH2 1 
ATOM   731  N N   . TRP A 1 98  ? -2.286  -3.031  -1.387  1.00 23.88  ? 103 TRP A N   1 
ATOM   732  C CA  . TRP A 1 98  ? -1.500  -3.213  -2.606  1.00 22.26  ? 103 TRP A CA  1 
ATOM   733  C C   . TRP A 1 98  ? -0.001  -3.112  -2.368  1.00 22.61  ? 103 TRP A C   1 
ATOM   734  O O   . TRP A 1 98  ? 0.775   -3.821  -3.009  1.00 23.39  ? 103 TRP A O   1 
ATOM   735  C CB  . TRP A 1 98  ? -1.955  -2.222  -3.681  1.00 22.71  ? 103 TRP A CB  1 
ATOM   736  C CG  . TRP A 1 98  ? -3.404  -2.413  -4.039  1.00 25.38  ? 103 TRP A CG  1 
ATOM   737  C CD1 . TRP A 1 98  ? -4.162  -3.533  -3.813  1.00 24.90  ? 103 TRP A CD1 1 
ATOM   738  C CD2 . TRP A 1 98  ? -4.277  -1.459  -4.664  1.00 23.45  ? 103 TRP A CD2 1 
ATOM   739  N NE1 . TRP A 1 98  ? -5.443  -3.331  -4.252  1.00 23.69  ? 103 TRP A NE1 1 
ATOM   740  C CE2 . TRP A 1 98  ? -5.547  -2.073  -4.780  1.00 23.22  ? 103 TRP A CE2 1 
ATOM   741  C CE3 . TRP A 1 98  ? -4.113  -0.148  -5.136  1.00 24.94  ? 103 TRP A CE3 1 
ATOM   742  C CZ2 . TRP A 1 98  ? -6.647  -1.418  -5.350  1.00 20.83  ? 103 TRP A CZ2 1 
ATOM   743  C CZ3 . TRP A 1 98  ? -5.213  0.502   -5.705  1.00 23.34  ? 103 TRP A CZ3 1 
ATOM   744  C CH2 . TRP A 1 98  ? -6.463  -0.140  -5.805  1.00 22.04  ? 103 TRP A CH2 1 
ATOM   745  N N   . LEU A 1 99  ? 0.419   -2.232  -1.460  1.00 22.53  ? 104 LEU A N   1 
ATOM   746  C CA  . LEU A 1 99  ? 1.843   -2.116  -1.159  1.00 22.96  ? 104 LEU A CA  1 
ATOM   747  C C   . LEU A 1 99  ? 2.347   -3.451  -0.594  1.00 23.52  ? 104 LEU A C   1 
ATOM   748  O O   . LEU A 1 99  ? 3.321   -4.016  -1.089  1.00 22.72  ? 104 LEU A O   1 
ATOM   749  C CB  . LEU A 1 99  ? 2.104   -0.970  -0.176  1.00 20.04  ? 104 LEU A CB  1 
ATOM   750  C CG  . LEU A 1 99  ? 2.074   0.426   -0.802  1.00 19.70  ? 104 LEU A CG  1 
ATOM   751  C CD1 . LEU A 1 99  ? 2.053   1.487   0.279   1.00 19.09  ? 104 LEU A CD1 1 
ATOM   752  C CD2 . LEU A 1 99  ? 3.274   0.611   -1.725  1.00 19.06  ? 104 LEU A CD2 1 
ATOM   753  N N   . VAL A 1 100 ? 1.633   -3.971  0.404   1.00 24.53  ? 105 VAL A N   1 
ATOM   754  C CA  . VAL A 1 100 ? 1.987   -5.240  1.041   1.00 24.29  ? 105 VAL A CA  1 
ATOM   755  C C   . VAL A 1 100 ? 1.881   -6.425  0.079   1.00 23.02  ? 105 VAL A C   1 
ATOM   756  O O   . VAL A 1 100 ? 2.731   -7.312  0.094   1.00 23.46  ? 105 VAL A O   1 
ATOM   757  C CB  . VAL A 1 100 ? 1.114   -5.496  2.297   1.00 24.56  ? 105 VAL A CB  1 
ATOM   758  C CG1 . VAL A 1 100 ? 1.448   -6.862  2.905   1.00 23.99  ? 105 VAL A CG1 1 
ATOM   759  C CG2 . VAL A 1 100 ? 1.328   -4.377  3.326   1.00 22.35  ? 105 VAL A CG2 1 
ATOM   760  N N   . GLN A 1 101 ? 0.848   -6.428  -0.762  1.00 22.90  ? 106 GLN A N   1 
ATOM   761  C CA  . GLN A 1 101 ? 0.644   -7.504  -1.736  1.00 24.24  ? 106 GLN A CA  1 
ATOM   762  C C   . GLN A 1 101 ? 1.766   -7.565  -2.754  1.00 23.82  ? 106 GLN A C   1 
ATOM   763  O O   . GLN A 1 101 ? 2.162   -8.647  -3.165  1.00 23.81  ? 106 GLN A O   1 
ATOM   764  C CB  . GLN A 1 101 ? -0.673  -7.336  -2.482  1.00 24.91  ? 106 GLN A CB  1 
ATOM   765  C CG  . GLN A 1 101 ? -1.901  -7.753  -1.714  1.00 30.82  ? 106 GLN A CG  1 
ATOM   766  C CD  . GLN A 1 101 ? -3.185  -7.582  -2.524  1.00 33.65  ? 106 GLN A CD  1 
ATOM   767  O OE1 . GLN A 1 101 ? -4.281  -7.628  -1.972  1.00 39.33  ? 106 GLN A OE1 1 
ATOM   768  N NE2 . GLN A 1 101 ? -3.053  -7.390  -3.834  1.00 36.12  ? 106 GLN A NE2 1 
ATOM   769  N N   . ALA A 1 102 ? 2.266   -6.404  -3.167  1.00 22.23  ? 107 ALA A N   1 
ATOM   770  C CA  . ALA A 1 102 ? 3.353   -6.333  -4.141  1.00 21.37  ? 107 ALA A CA  1 
ATOM   771  C C   . ALA A 1 102 ? 4.686   -6.720  -3.489  1.00 21.46  ? 107 ALA A C   1 
ATOM   772  O O   . ALA A 1 102 ? 5.464   -7.512  -4.033  1.00 21.25  ? 107 ALA A O   1 
ATOM   773  C CB  . ALA A 1 102 ? 3.432   -4.927  -4.719  1.00 20.76  ? 107 ALA A CB  1 
ATOM   774  N N   . ALA A 1 103 ? 4.936   -6.169  -2.305  1.00 21.33  ? 108 ALA A N   1 
ATOM   775  C CA  . ALA A 1 103 ? 6.170   -6.458  -1.593  1.00 20.41  ? 108 ALA A CA  1 
ATOM   776  C C   . ALA A 1 103 ? 6.229   -7.947  -1.294  1.00 21.17  ? 108 ALA A C   1 
ATOM   777  O O   . ALA A 1 103 ? 7.300   -8.549  -1.337  1.00 21.74  ? 108 ALA A O   1 
ATOM   778  C CB  . ALA A 1 103 ? 6.245   -5.650  -0.303  1.00 17.54  ? 108 ALA A CB  1 
ATOM   779  N N   . ASN A 1 104 ? 5.060   -8.538  -1.055  1.00 22.41  ? 109 ASN A N   1 
ATOM   780  C CA  . ASN A 1 104 ? 4.944   -9.952  -0.746  1.00 25.80  ? 109 ASN A CA  1 
ATOM   781  C C   . ASN A 1 104 ? 5.402   -10.854 -1.887  1.00 26.20  ? 109 ASN A C   1 
ATOM   782  O O   . ASN A 1 104 ? 5.694   -12.036 -1.679  1.00 24.98  ? 109 ASN A O   1 
ATOM   783  C CB  . ASN A 1 104 ? 3.504   -10.295 -0.373  1.00 29.60  ? 109 ASN A CB  1 
ATOM   784  C CG  . ASN A 1 104 ? 3.388   -11.642 0.291   1.00 35.89  ? 109 ASN A CG  1 
ATOM   785  O OD1 . ASN A 1 104 ? 2.638   -12.516 -0.151  1.00 40.69  ? 109 ASN A OD1 1 
ATOM   786  N ND2 . ASN A 1 104 ? 4.147   -11.829 1.359   1.00 40.03  ? 109 ASN A ND2 1 
ATOM   787  N N   . GLN A 1 105 ? 5.432   -10.304 -3.100  1.00 26.11  ? 110 GLN A N   1 
ATOM   788  C CA  . GLN A 1 105 ? 5.862   -11.070 -4.269  1.00 25.66  ? 110 GLN A CA  1 
ATOM   789  C C   . GLN A 1 105 ? 7.217   -10.623 -4.807  1.00 24.14  ? 110 GLN A C   1 
ATOM   790  O O   . GLN A 1 105 ? 7.609   -10.971 -5.913  1.00 22.62  ? 110 GLN A O   1 
ATOM   791  C CB  . GLN A 1 105 ? 4.787   -11.029 -5.348  1.00 27.27  ? 110 GLN A CB  1 
ATOM   792  C CG  . GLN A 1 105 ? 3.492   -11.686 -4.894  1.00 29.90  ? 110 GLN A CG  1 
ATOM   793  C CD  . GLN A 1 105 ? 2.361   -11.532 -5.884  1.00 32.93  ? 110 GLN A CD  1 
ATOM   794  O OE1 . GLN A 1 105 ? 1.478   -12.383 -5.961  1.00 36.88  ? 110 GLN A OE1 1 
ATOM   795  N NE2 . GLN A 1 105 ? 2.367   -10.437 -6.634  1.00 33.10  ? 110 GLN A NE2 1 
ATOM   796  N N   . ARG A 1 106 ? 7.922   -9.822  -4.017  1.00 24.08  ? 111 ARG A N   1 
ATOM   797  C CA  . ARG A 1 106 ? 9.253   -9.359  -4.382  1.00 24.33  ? 111 ARG A CA  1 
ATOM   798  C C   . ARG A 1 106 ? 10.195  -10.550 -4.190  1.00 25.11  ? 111 ARG A C   1 
ATOM   799  O O   . ARG A 1 106 ? 9.949   -11.412 -3.346  1.00 24.53  ? 111 ARG A O   1 
ATOM   800  C CB  . ARG A 1 106 ? 9.663   -8.167  -3.512  1.00 23.24  ? 111 ARG A CB  1 
ATOM   801  C CG  . ARG A 1 106 ? 9.005   -6.865  -3.924  1.00 23.16  ? 111 ARG A CG  1 
ATOM   802  C CD  . ARG A 1 106 ? 10.026  -5.897  -4.488  1.00 24.85  ? 111 ARG A CD  1 
ATOM   803  N NE  . ARG A 1 106 ? 9.371   -4.731  -5.055  1.00 25.03  ? 111 ARG A NE  1 
ATOM   804  C CZ  . ARG A 1 106 ? 9.937   -3.858  -5.882  1.00 24.82  ? 111 ARG A CZ  1 
ATOM   805  N NH1 . ARG A 1 106 ? 11.205  -3.979  -6.251  1.00 22.39  ? 111 ARG A NH1 1 
ATOM   806  N NH2 . ARG A 1 106 ? 9.189   -2.896  -6.397  1.00 26.88  ? 111 ARG A NH2 1 
ATOM   807  N N   . PRO A 1 107 ? 11.268  -10.626 -4.992  1.00 26.01  ? 112 PRO A N   1 
ATOM   808  C CA  . PRO A 1 107 ? 12.233  -11.732 -4.905  1.00 26.64  ? 112 PRO A CA  1 
ATOM   809  C C   . PRO A 1 107 ? 13.171  -11.867 -3.686  1.00 26.52  ? 112 PRO A C   1 
ATOM   810  O O   . PRO A 1 107 ? 13.703  -12.949 -3.443  1.00 27.27  ? 112 PRO A O   1 
ATOM   811  C CB  . PRO A 1 107 ? 13.001  -11.597 -6.216  1.00 25.71  ? 112 PRO A CB  1 
ATOM   812  C CG  . PRO A 1 107 ? 12.971  -10.103 -6.466  1.00 25.56  ? 112 PRO A CG  1 
ATOM   813  C CD  . PRO A 1 107 ? 11.560  -9.749  -6.141  1.00 24.20  ? 112 PRO A CD  1 
ATOM   814  N N   . GLU A 1 108 ? 13.327  -10.815 -2.890  1.00 26.61  ? 113 GLU A N   1 
ATOM   815  C CA  . GLU A 1 108 ? 14.225  -10.873 -1.735  1.00 27.69  ? 113 GLU A CA  1 
ATOM   816  C C   . GLU A 1 108 ? 13.773  -11.774 -0.585  1.00 26.63  ? 113 GLU A C   1 
ATOM   817  O O   . GLU A 1 108 ? 12.581  -11.958 -0.348  1.00 26.60  ? 113 GLU A O   1 
ATOM   818  C CB  . GLU A 1 108 ? 14.524  -9.476  -1.207  1.00 27.50  ? 113 GLU A CB  1 
ATOM   819  C CG  . GLU A 1 108 ? 15.121  -8.547  -2.230  1.00 31.06  ? 113 GLU A CG  1 
ATOM   820  C CD  . GLU A 1 108 ? 14.090  -7.914  -3.139  1.00 32.54  ? 113 GLU A CD  1 
ATOM   821  O OE1 . GLU A 1 108 ? 12.884  -7.953  -2.826  1.00 34.17  ? 113 GLU A OE1 1 
ATOM   822  O OE2 . GLU A 1 108 ? 14.493  -7.363  -4.174  1.00 35.56  ? 113 GLU A OE2 1 
ATOM   823  N N   . ARG A 1 109 ? 14.747  -12.319 0.132   1.00 27.73  ? 114 ARG A N   1 
ATOM   824  C CA  . ARG A 1 109 ? 14.481  -13.218 1.251   1.00 30.51  ? 114 ARG A CA  1 
ATOM   825  C C   . ARG A 1 109 ? 13.951  -12.524 2.499   1.00 29.28  ? 114 ARG A C   1 
ATOM   826  O O   . ARG A 1 109 ? 13.068  -13.043 3.169   1.00 28.67  ? 114 ARG A O   1 
ATOM   827  C CB  . ARG A 1 109 ? 15.741  -14.021 1.606   1.00 34.01  ? 114 ARG A CB  1 
ATOM   828  C CG  . ARG A 1 109 ? 16.297  -14.867 0.472   1.00 39.26  ? 114 ARG A CG  1 
ATOM   829  C CD  . ARG A 1 109 ? 17.456  -15.714 0.953   1.00 43.69  ? 114 ARG A CD  1 
ATOM   830  N NE  . ARG A 1 109 ? 18.256  -16.263 -0.141  1.00 50.29  ? 114 ARG A NE  1 
ATOM   831  C CZ  . ARG A 1 109 ? 17.828  -17.163 -1.027  1.00 53.65  ? 114 ARG A CZ  1 
ATOM   832  N NH1 . ARG A 1 109 ? 16.586  -17.635 -0.970  1.00 54.66  ? 114 ARG A NH1 1 
ATOM   833  N NH2 . ARG A 1 109 ? 18.656  -17.607 -1.969  1.00 55.04  ? 114 ARG A NH2 1 
ATOM   834  N N   . ARG A 1 110 ? 14.512  -11.363 2.819   1.00 29.90  ? 115 ARG A N   1 
ATOM   835  C CA  . ARG A 1 110 ? 14.094  -10.598 3.992   1.00 31.30  ? 115 ARG A CA  1 
ATOM   836  C C   . ARG A 1 110 ? 12.863  -9.752  3.685   1.00 30.58  ? 115 ARG A C   1 
ATOM   837  O O   . ARG A 1 110 ? 12.823  -9.059  2.665   1.00 28.89  ? 115 ARG A O   1 
ATOM   838  C CB  . ARG A 1 110 ? 15.222  -9.674  4.460   1.00 32.79  ? 115 ARG A CB  1 
ATOM   839  C CG  . ARG A 1 110 ? 16.475  -10.384 4.935   1.00 36.34  ? 115 ARG A CG  1 
ATOM   840  C CD  . ARG A 1 110 ? 17.552  -9.378  5.346   1.00 39.72  ? 115 ARG A CD  1 
ATOM   841  N NE  . ARG A 1 110 ? 17.130  -8.501  6.445   1.00 42.42  ? 115 ARG A NE  1 
ATOM   842  C CZ  . ARG A 1 110 ? 17.707  -7.336  6.741   1.00 42.55  ? 115 ARG A CZ  1 
ATOM   843  N NH1 . ARG A 1 110 ? 18.738  -6.896  6.023   1.00 43.39  ? 115 ARG A NH1 1 
ATOM   844  N NH2 . ARG A 1 110 ? 17.247  -6.605  7.752   1.00 40.37  ? 115 ARG A NH2 1 
ATOM   845  N N   . ALA A 1 111 ? 11.884  -9.791  4.584   1.00 28.91  ? 116 ALA A N   1 
ATOM   846  C CA  . ALA A 1 111 ? 10.654  -9.023  4.425   1.00 28.77  ? 116 ALA A CA  1 
ATOM   847  C C   . ALA A 1 111 ? 10.944  -7.525  4.437   1.00 29.31  ? 116 ALA A C   1 
ATOM   848  O O   . ALA A 1 111 ? 10.353  -6.764  3.673   1.00 30.41  ? 116 ALA A O   1 
ATOM   849  C CB  . ALA A 1 111 ? 9.677   -9.367  5.525   1.00 28.99  ? 116 ALA A CB  1 
ATOM   850  N N   . ALA A 1 112 ? 11.867  -7.110  5.298   1.00 27.47  ? 117 ALA A N   1 
ATOM   851  C CA  . ALA A 1 112 ? 12.241  -5.706  5.398   1.00 26.61  ? 117 ALA A CA  1 
ATOM   852  C C   . ALA A 1 112 ? 12.824  -5.196  4.085   1.00 24.62  ? 117 ALA A C   1 
ATOM   853  O O   . ALA A 1 112 ? 12.602  -4.052  3.708   1.00 23.78  ? 117 ALA A O   1 
ATOM   854  C CB  . ALA A 1 112 ? 13.239  -5.503  6.534   1.00 28.17  ? 117 ALA A CB  1 
ATOM   855  N N   . VAL A 1 113 ? 13.568  -6.052  3.394   1.00 23.68  ? 118 VAL A N   1 
ATOM   856  C CA  . VAL A 1 113 ? 14.172  -5.685  2.123   1.00 23.40  ? 118 VAL A CA  1 
ATOM   857  C C   . VAL A 1 113 ? 13.109  -5.597  1.019   1.00 24.37  ? 118 VAL A C   1 
ATOM   858  O O   . VAL A 1 113 ? 13.141  -4.687  0.195   1.00 24.23  ? 118 VAL A O   1 
ATOM   859  C CB  . VAL A 1 113 ? 15.286  -6.678  1.733   1.00 22.91  ? 118 VAL A CB  1 
ATOM   860  C CG1 . VAL A 1 113 ? 15.960  -6.238  0.458   1.00 23.37  ? 118 VAL A CG1 1 
ATOM   861  C CG2 . VAL A 1 113 ? 16.312  -6.766  2.843   1.00 22.91  ? 118 VAL A CG2 1 
ATOM   862  N N   . ARG A 1 114 ? 12.156  -6.528  1.022   1.00 24.85  ? 119 ARG A N   1 
ATOM   863  C CA  . ARG A 1 114 ? 11.076  -6.549  0.030   1.00 22.82  ? 119 ARG A CA  1 
ATOM   864  C C   . ARG A 1 114 ? 10.231  -5.291  0.200   1.00 23.46  ? 119 ARG A C   1 
ATOM   865  O O   . ARG A 1 114 ? 9.828   -4.654  -0.773  1.00 21.54  ? 119 ARG A O   1 
ATOM   866  C CB  . ARG A 1 114 ? 10.189  -7.786  0.229   1.00 22.64  ? 119 ARG A CB  1 
ATOM   867  C CG  . ARG A 1 114 ? 10.851  -9.121  -0.116  1.00 22.25  ? 119 ARG A CG  1 
ATOM   868  C CD  . ARG A 1 114 ? 9.831   -10.258 -0.164  1.00 22.08  ? 119 ARG A CD  1 
ATOM   869  N NE  . ARG A 1 114 ? 9.141   -10.474 1.110   1.00 23.72  ? 119 ARG A NE  1 
ATOM   870  C CZ  . ARG A 1 114 ? 9.467   -11.408 2.005   1.00 22.79  ? 119 ARG A CZ  1 
ATOM   871  N NH1 . ARG A 1 114 ? 10.479  -12.236 1.790   1.00 22.90  ? 119 ARG A NH1 1 
ATOM   872  N NH2 . ARG A 1 114 ? 8.783   -11.506 3.129   1.00 23.09  ? 119 ARG A NH2 1 
ATOM   873  N N   . ILE A 1 115 ? 9.960   -4.945  1.453   1.00 22.93  ? 120 ILE A N   1 
ATOM   874  C CA  . ILE A 1 115 ? 9.177   -3.756  1.771   1.00 24.30  ? 120 ILE A CA  1 
ATOM   875  C C   . ILE A 1 115 ? 9.908   -2.471  1.369   1.00 23.65  ? 120 ILE A C   1 
ATOM   876  O O   . ILE A 1 115 ? 9.308   -1.589  0.754   1.00 24.50  ? 120 ILE A O   1 
ATOM   877  C CB  . ILE A 1 115 ? 8.815   -3.719  3.274   1.00 24.34  ? 120 ILE A CB  1 
ATOM   878  C CG1 . ILE A 1 115 ? 7.854   -4.863  3.596   1.00 24.51  ? 120 ILE A CG1 1 
ATOM   879  C CG2 . ILE A 1 115 ? 8.167   -2.389  3.651   1.00 26.69  ? 120 ILE A CG2 1 
ATOM   880  C CD1 . ILE A 1 115 ? 7.647   -5.063  5.055   1.00 25.33  ? 120 ILE A CD1 1 
ATOM   881  N N   . ALA A 1 116 ? 11.199  -2.374  1.697   1.00 22.23  ? 121 ALA A N   1 
ATOM   882  C CA  . ALA A 1 116 ? 11.993  -1.188  1.359   1.00 21.19  ? 121 ALA A CA  1 
ATOM   883  C C   . ALA A 1 116 ? 12.036  -0.970  -0.144  1.00 20.99  ? 121 ALA A C   1 
ATOM   884  O O   . ALA A 1 116 ? 11.881  0.153   -0.613  1.00 20.19  ? 121 ALA A O   1 
ATOM   885  C CB  . ALA A 1 116 ? 13.407  -1.316  1.897   1.00 21.19  ? 121 ALA A CB  1 
ATOM   886  N N   . HIS A 1 117 ? 12.203  -2.060  -0.889  1.00 20.69  ? 122 HIS A N   1 
ATOM   887  C CA  . HIS A 1 117 ? 12.278  -2.005  -2.346  1.00 21.55  ? 122 HIS A CA  1 
ATOM   888  C C   . HIS A 1 117 ? 10.948  -1.632  -3.013  1.00 21.43  ? 122 HIS A C   1 
ATOM   889  O O   . HIS A 1 117 ? 10.929  -0.950  -4.045  1.00 20.28  ? 122 HIS A O   1 
ATOM   890  C CB  . HIS A 1 117 ? 12.826  -3.329  -2.900  1.00 21.69  ? 122 HIS A CB  1 
ATOM   891  C CG  . HIS A 1 117 ? 14.278  -3.562  -2.595  1.00 24.85  ? 122 HIS A CG  1 
ATOM   892  N ND1 . HIS A 1 117 ? 14.972  -4.659  -3.060  1.00 25.79  ? 122 HIS A ND1 1 
ATOM   893  C CD2 . HIS A 1 117 ? 15.175  -2.830  -1.884  1.00 24.22  ? 122 HIS A CD2 1 
ATOM   894  C CE1 . HIS A 1 117 ? 16.227  -4.594  -2.655  1.00 25.24  ? 122 HIS A CE1 1 
ATOM   895  N NE2 . HIS A 1 117 ? 16.374  -3.492  -1.938  1.00 25.45  ? 122 HIS A NE2 1 
ATOM   896  N N   . GLU A 1 118 ? 9.838   -2.076  -2.422  1.00 20.80  ? 123 GLU A N   1 
ATOM   897  C CA  . GLU A 1 118 ? 8.521   -1.755  -2.961  1.00 20.91  ? 123 GLU A CA  1 
ATOM   898  C C   . GLU A 1 118 ? 8.194   -0.294  -2.670  1.00 21.18  ? 123 GLU A C   1 
ATOM   899  O O   . GLU A 1 118 ? 7.659   0.395   -3.527  1.00 21.03  ? 123 GLU A O   1 
ATOM   900  C CB  . GLU A 1 118 ? 7.439   -2.649  -2.359  1.00 20.98  ? 123 GLU A CB  1 
ATOM   901  C CG  . GLU A 1 118 ? 6.053   -2.440  -2.976  1.00 21.75  ? 123 GLU A CG  1 
ATOM   902  C CD  . GLU A 1 118 ? 5.989   -2.769  -4.477  1.00 23.36  ? 123 GLU A CD  1 
ATOM   903  O OE1 . GLU A 1 118 ? 6.635   -3.738  -4.925  1.00 21.38  ? 123 GLU A OE1 1 
ATOM   904  O OE2 . GLU A 1 118 ? 5.271   -2.066  -5.211  1.00 22.71  ? 123 GLU A OE2 1 
ATOM   905  N N   . LEU A 1 119 ? 8.526   0.164   -1.461  1.00 20.08  ? 124 LEU A N   1 
ATOM   906  C CA  . LEU A 1 119 ? 8.285   1.549   -1.045  1.00 18.34  ? 124 LEU A CA  1 
ATOM   907  C C   . LEU A 1 119 ? 9.073   2.546   -1.890  1.00 17.54  ? 124 LEU A C   1 
ATOM   908  O O   . LEU A 1 119 ? 8.541   3.575   -2.305  1.00 16.00  ? 124 LEU A O   1 
ATOM   909  C CB  . LEU A 1 119 ? 8.629   1.740   0.433   1.00 16.62  ? 124 LEU A CB  1 
ATOM   910  C CG  . LEU A 1 119 ? 7.706   1.073   1.457   1.00 15.84  ? 124 LEU A CG  1 
ATOM   911  C CD1 . LEU A 1 119 ? 8.207   1.320   2.864   1.00 14.72  ? 124 LEU A CD1 1 
ATOM   912  C CD2 . LEU A 1 119 ? 6.299   1.610   1.285   1.00 14.41  ? 124 LEU A CD2 1 
ATOM   913  N N   . MET A 1 120 ? 10.338  2.237   -2.150  1.00 16.72  ? 125 MET A N   1 
ATOM   914  C CA  . MET A 1 120 ? 11.168  3.122   -2.956  1.00 18.47  ? 125 MET A CA  1 
ATOM   915  C C   . MET A 1 120 ? 10.637  3.210   -4.391  1.00 19.08  ? 125 MET A C   1 
ATOM   916  O O   . MET A 1 120 ? 10.587  4.287   -4.977  1.00 18.66  ? 125 MET A O   1 
ATOM   917  C CB  . MET A 1 120 ? 12.629  2.671   -2.933  1.00 18.61  ? 125 MET A CB  1 
ATOM   918  C CG  . MET A 1 120 ? 13.325  2.953   -1.599  1.00 21.75  ? 125 MET A CG  1 
ATOM   919  S SD  . MET A 1 120 ? 15.093  2.557   -1.565  1.00 23.21  ? 125 MET A SD  1 
ATOM   920  C CE  . MET A 1 120 ? 15.054  0.796   -1.868  1.00 20.42  ? 125 MET A CE  1 
ATOM   921  N N   . ASP A 1 121 ? 10.185  2.086   -4.935  1.00 18.88  ? 126 ASP A N   1 
ATOM   922  C CA  . ASP A 1 121 ? 9.638   2.086   -6.284  1.00 18.78  ? 126 ASP A CA  1 
ATOM   923  C C   . ASP A 1 121 ? 8.384   2.929   -6.343  1.00 18.23  ? 126 ASP A C   1 
ATOM   924  O O   . ASP A 1 121 ? 8.286   3.839   -7.161  1.00 16.99  ? 126 ASP A O   1 
ATOM   925  C CB  . ASP A 1 121 ? 9.333   0.663   -6.751  1.00 19.21  ? 126 ASP A CB  1 
ATOM   926  C CG  . ASP A 1 121 ? 10.482  0.041   -7.515  1.00 22.43  ? 126 ASP A CG  1 
ATOM   927  O OD1 . ASP A 1 121 ? 11.544  0.670   -7.641  1.00 23.34  ? 126 ASP A OD1 1 
ATOM   928  O OD2 . ASP A 1 121 ? 10.323  -1.079  -8.029  1.00 27.42  ? 126 ASP A OD2 1 
ATOM   929  N N   . ALA A 1 122 ? 7.446   2.645   -5.445  1.00 18.03  ? 127 ALA A N   1 
ATOM   930  C CA  . ALA A 1 122 ? 6.176   3.368   -5.401  1.00 19.93  ? 127 ALA A CA  1 
ATOM   931  C C   . ALA A 1 122 ? 6.348   4.884   -5.220  1.00 21.47  ? 127 ALA A C   1 
ATOM   932  O O   . ALA A 1 122 ? 5.637   5.672   -5.863  1.00 20.44  ? 127 ALA A O   1 
ATOM   933  C CB  . ALA A 1 122 ? 5.260   2.782   -4.310  1.00 18.19  ? 127 ALA A CB  1 
ATOM   934  N N   . ALA A 1 123 ? 7.305   5.284   -4.378  1.00 20.61  ? 128 ALA A N   1 
ATOM   935  C CA  . ALA A 1 123 ? 7.567   6.703   -4.129  1.00 20.15  ? 128 ALA A CA  1 
ATOM   936  C C   . ALA A 1 123 ? 8.056   7.385   -5.401  1.00 18.45  ? 128 ALA A C   1 
ATOM   937  O O   . ALA A 1 123 ? 7.857   8.584   -5.568  1.00 18.16  ? 128 ALA A O   1 
ATOM   938  C CB  . ALA A 1 123 ? 8.587   6.876   -3.003  1.00 22.49  ? 128 ALA A CB  1 
ATOM   939  N N   . GLU A 1 124 ? 8.689   6.608   -6.282  1.00 18.58  ? 129 GLU A N   1 
ATOM   940  C CA  . GLU A 1 124 ? 9.181   7.104   -7.566  1.00 19.17  ? 129 GLU A CA  1 
ATOM   941  C C   . GLU A 1 124 ? 8.119   6.925   -8.655  1.00 20.52  ? 129 GLU A C   1 
ATOM   942  O O   . GLU A 1 124 ? 8.373   7.182   -9.835  1.00 21.35  ? 129 GLU A O   1 
ATOM   943  C CB  . GLU A 1 124 ? 10.470  6.380   -7.964  1.00 20.10  ? 129 GLU A CB  1 
ATOM   944  C CG  . GLU A 1 124 ? 11.681  6.811   -7.156  1.00 23.94  ? 129 GLU A CG  1 
ATOM   945  C CD  . GLU A 1 124 ? 12.921  5.931   -7.350  1.00 24.30  ? 129 GLU A CD  1 
ATOM   946  O OE1 . GLU A 1 124 ? 12.923  5.038   -8.222  1.00 23.90  ? 129 GLU A OE1 1 
ATOM   947  O OE2 . GLU A 1 124 ? 13.903  6.152   -6.608  1.00 25.07  ? 129 GLU A OE2 1 
ATOM   948  N N   . GLY A 1 125 ? 6.934   6.468   -8.253  1.00 21.76  ? 130 GLY A N   1 
ATOM   949  C CA  . GLY A 1 125 ? 5.832   6.266   -9.183  1.00 21.09  ? 130 GLY A CA  1 
ATOM   950  C C   . GLY A 1 125 ? 5.911   5.014   -10.036 1.00 23.30  ? 130 GLY A C   1 
ATOM   951  O O   . GLY A 1 125 ? 5.306   4.967   -11.104 1.00 24.56  ? 130 GLY A O   1 
ATOM   952  N N   . LYS A 1 126 ? 6.644   4.000   -9.579  1.00 22.64  ? 131 LYS A N   1 
ATOM   953  C CA  . LYS A 1 126 ? 6.779   2.745   -10.331 1.00 24.15  ? 131 LYS A CA  1 
ATOM   954  C C   . LYS A 1 126 ? 6.481   1.521   -9.444  1.00 23.57  ? 131 LYS A C   1 
ATOM   955  O O   . LYS A 1 126 ? 6.217   1.658   -8.243  1.00 21.02  ? 131 LYS A O   1 
ATOM   956  C CB  . LYS A 1 126 ? 8.184   2.638   -10.946 1.00 27.34  ? 131 LYS A CB  1 
ATOM   957  C CG  . LYS A 1 126 ? 9.282   2.343   -9.932  1.00 32.23  ? 131 LYS A CG  1 
ATOM   958  C CD  . LYS A 1 126 ? 10.515  3.215   -10.123 1.00 34.64  ? 131 LYS A CD  1 
ATOM   959  C CE  . LYS A 1 126 ? 11.630  2.511   -10.897 1.00 35.27  ? 131 LYS A CE  1 
ATOM   960  N NZ  . LYS A 1 126 ? 12.213  1.305   -10.233 1.00 31.82  ? 131 LYS A NZ  1 
ATOM   961  N N   . GLY A 1 127 ? 6.507   0.330   -10.040 1.00 21.99  ? 132 GLY A N   1 
ATOM   962  C CA  . GLY A 1 127 ? 6.238   -0.878  -9.277  1.00 20.51  ? 132 GLY A CA  1 
ATOM   963  C C   . GLY A 1 127 ? 4.828   -1.403  -9.481  1.00 20.87  ? 132 GLY A C   1 
ATOM   964  O O   . GLY A 1 127 ? 3.992   -0.728  -10.090 1.00 19.37  ? 132 GLY A O   1 
ATOM   965  N N   . GLY A 1 128 ? 4.566   -2.600  -8.950  1.00 20.90  ? 133 GLY A N   1 
ATOM   966  C CA  . GLY A 1 128 ? 3.270   -3.247  -9.089  1.00 17.97  ? 133 GLY A CA  1 
ATOM   967  C C   . GLY A 1 128 ? 2.123   -2.629  -8.318  1.00 18.32  ? 133 GLY A C   1 
ATOM   968  O O   . GLY A 1 128 ? 0.972   -2.735  -8.739  1.00 18.36  ? 133 GLY A O   1 
ATOM   969  N N   . ALA A 1 129 ? 2.408   -2.030  -7.165  1.00 17.85  ? 134 ALA A N   1 
ATOM   970  C CA  . ALA A 1 129 ? 1.348   -1.395  -6.381  1.00 17.46  ? 134 ALA A CA  1 
ATOM   971  C C   . ALA A 1 129 ? 0.812   -0.196  -7.157  1.00 18.34  ? 134 ALA A C   1 
ATOM   972  O O   . ALA A 1 129 ? -0.402  -0.039  -7.301  1.00 19.78  ? 134 ALA A O   1 
ATOM   973  C CB  . ALA A 1 129 ? 1.868   -0.961  -5.019  1.00 16.12  ? 134 ALA A CB  1 
ATOM   974  N N   . VAL A 1 130 ? 1.726   0.628   -7.672  1.00 18.51  ? 135 VAL A N   1 
ATOM   975  C CA  . VAL A 1 130 ? 1.360   1.799   -8.463  1.00 18.26  ? 135 VAL A CA  1 
ATOM   976  C C   . VAL A 1 130 ? 0.643   1.368   -9.744  1.00 19.74  ? 135 VAL A C   1 
ATOM   977  O O   . VAL A 1 130 ? -0.351  1.975   -10.127 1.00 22.68  ? 135 VAL A O   1 
ATOM   978  C CB  . VAL A 1 130 ? 2.600   2.689   -8.788  1.00 17.91  ? 135 VAL A CB  1 
ATOM   979  C CG1 . VAL A 1 130 ? 2.267   3.725   -9.883  1.00 15.72  ? 135 VAL A CG1 1 
ATOM   980  C CG2 . VAL A 1 130 ? 3.063   3.410   -7.510  1.00 15.10  ? 135 VAL A CG2 1 
ATOM   981  N N   . LYS A 1 131 ? 1.120   0.295   -10.369 1.00 19.70  ? 136 LYS A N   1 
ATOM   982  C CA  . LYS A 1 131 ? 0.520   -0.232  -11.588 1.00 21.36  ? 136 LYS A CA  1 
ATOM   983  C C   . LYS A 1 131 ? -0.917  -0.681  -11.316 1.00 22.36  ? 136 LYS A C   1 
ATOM   984  O O   . LYS A 1 131 ? -1.807  -0.465  -12.140 1.00 22.48  ? 136 LYS A O   1 
ATOM   985  C CB  . LYS A 1 131 ? 1.330   -1.425  -12.082 1.00 25.24  ? 136 LYS A CB  1 
ATOM   986  C CG  . LYS A 1 131 ? 1.550   -1.451  -13.576 1.00 31.52  ? 136 LYS A CG  1 
ATOM   987  C CD  . LYS A 1 131 ? 0.272   -1.690  -14.348 1.00 34.49  ? 136 LYS A CD  1 
ATOM   988  C CE  . LYS A 1 131 ? 0.541   -1.634  -15.849 1.00 37.74  ? 136 LYS A CE  1 
ATOM   989  N NZ  . LYS A 1 131 ? -0.689  -1.900  -16.636 1.00 40.17  ? 136 LYS A NZ  1 
ATOM   990  N N   . LYS A 1 132 ? -1.136  -1.313  -10.166 1.00 22.11  ? 137 LYS A N   1 
ATOM   991  C CA  . LYS A 1 132 ? -2.471  -1.777  -9.783  1.00 22.74  ? 137 LYS A CA  1 
ATOM   992  C C   . LYS A 1 132 ? -3.408  -0.579  -9.691  1.00 22.61  ? 137 LYS A C   1 
ATOM   993  O O   . LYS A 1 132 ? -4.499  -0.596  -10.250 1.00 22.41  ? 137 LYS A O   1 
ATOM   994  C CB  . LYS A 1 132 ? -2.413  -2.513  -8.438  1.00 23.81  ? 137 LYS A CB  1 
ATOM   995  C CG  . LYS A 1 132 ? -3.766  -2.903  -7.859  1.00 25.72  ? 137 LYS A CG  1 
ATOM   996  C CD  . LYS A 1 132 ? -4.507  -3.899  -8.730  1.00 27.84  ? 137 LYS A CD  1 
ATOM   997  C CE  . LYS A 1 132 ? -5.808  -4.331  -8.056  1.00 30.89  ? 137 LYS A CE  1 
ATOM   998  N NZ  . LYS A 1 132 ? -6.565  -5.331  -8.871  1.00 34.55  ? 137 LYS A NZ  1 
ATOM   999  N N   . LYS A 1 133 ? -2.955  0.468   -9.008  1.00 23.59  ? 138 LYS A N   1 
ATOM   1000 C CA  . LYS A 1 133 ? -3.737  1.692   -8.852  1.00 23.89  ? 138 LYS A CA  1 
ATOM   1001 C C   . LYS A 1 133 ? -4.124  2.281   -10.216 1.00 24.42  ? 138 LYS A C   1 
ATOM   1002 O O   . LYS A 1 133 ? -5.268  2.704   -10.419 1.00 23.06  ? 138 LYS A O   1 
ATOM   1003 C CB  . LYS A 1 133 ? -2.938  2.737   -8.079  1.00 23.07  ? 138 LYS A CB  1 
ATOM   1004 C CG  . LYS A 1 133 ? -3.758  3.978   -7.813  1.00 26.55  ? 138 LYS A CG  1 
ATOM   1005 C CD  . LYS A 1 133 ? -2.927  5.223   -7.893  1.00 29.23  ? 138 LYS A CD  1 
ATOM   1006 C CE  . LYS A 1 133 ? -2.355  5.391   -9.269  1.00 30.98  ? 138 LYS A CE  1 
ATOM   1007 N NZ  . LYS A 1 133 ? -1.439  6.542   -9.224  1.00 35.80  ? 138 LYS A NZ  1 
ATOM   1008 N N   . GLU A 1 134 ? -3.146  2.338   -11.126 1.00 24.95  ? 139 GLU A N   1 
ATOM   1009 C CA  . GLU A 1 134 ? -3.345  2.862   -12.478 1.00 24.22  ? 139 GLU A CA  1 
ATOM   1010 C C   . GLU A 1 134 ? -4.363  2.037   -13.257 1.00 25.08  ? 139 GLU A C   1 
ATOM   1011 O O   . GLU A 1 134 ? -5.224  2.598   -13.924 1.00 25.36  ? 139 GLU A O   1 
ATOM   1012 C CB  . GLU A 1 134 ? -2.007  2.942   -13.215 1.00 22.20  ? 139 GLU A CB  1 
ATOM   1013 C CG  . GLU A 1 134 ? -1.111  4.032   -12.635 1.00 24.18  ? 139 GLU A CG  1 
ATOM   1014 C CD  . GLU A 1 134 ? 0.324   4.008   -13.140 1.00 28.48  ? 139 GLU A CD  1 
ATOM   1015 O OE1 . GLU A 1 134 ? 0.732   3.039   -13.818 1.00 30.35  ? 139 GLU A OE1 1 
ATOM   1016 O OE2 . GLU A 1 134 ? 1.065   4.966   -12.828 1.00 27.91  ? 139 GLU A OE2 1 
ATOM   1017 N N   . ASP A 1 135 ? -4.281  0.710   -13.129 1.00 26.31  ? 140 ASP A N   1 
ATOM   1018 C CA  . ASP A 1 135 ? -5.213  -0.212  -13.793 1.00 25.98  ? 140 ASP A CA  1 
ATOM   1019 C C   . ASP A 1 135 ? -6.635  -0.028  -13.251 1.00 24.94  ? 140 ASP A C   1 
ATOM   1020 O O   . ASP A 1 135 ? -7.596  0.003   -14.009 1.00 23.94  ? 140 ASP A O   1 
ATOM   1021 C CB  . ASP A 1 135 ? -4.768  -1.667  -13.576 1.00 25.66  ? 140 ASP A CB  1 
ATOM   1022 C CG  . ASP A 1 135 ? -3.547  -2.043  -14.400 1.00 26.20  ? 140 ASP A CG  1 
ATOM   1023 O OD1 . ASP A 1 135 ? -3.194  -1.303  -15.334 1.00 27.89  ? 140 ASP A OD1 1 
ATOM   1024 O OD2 . ASP A 1 135 ? -2.943  -3.092  -14.125 1.00 25.61  ? 140 ASP A OD2 1 
ATOM   1025 N N   . VAL A 1 136 ? -6.746  0.101   -11.929 1.00 23.55  ? 141 VAL A N   1 
ATOM   1026 C CA  . VAL A 1 136 ? -8.025  0.302   -11.255 1.00 23.03  ? 141 VAL A CA  1 
ATOM   1027 C C   . VAL A 1 136 ? -8.691  1.613   -11.695 1.00 23.63  ? 141 VAL A C   1 
ATOM   1028 O O   . VAL A 1 136 ? -9.882  1.639   -12.001 1.00 23.12  ? 141 VAL A O   1 
ATOM   1029 C CB  . VAL A 1 136 ? -7.852  0.243   -9.708  1.00 21.19  ? 141 VAL A CB  1 
ATOM   1030 C CG1 . VAL A 1 136 ? -9.101  0.722   -9.011  1.00 19.81  ? 141 VAL A CG1 1 
ATOM   1031 C CG2 . VAL A 1 136 ? -7.551  -1.196  -9.265  1.00 19.04  ? 141 VAL A CG2 1 
ATOM   1032 N N   . GLU A 1 137 ? -7.928  2.698   -11.744 1.00 24.71  ? 142 GLU A N   1 
ATOM   1033 C CA  . GLU A 1 137 ? -8.484  3.977   -12.180 1.00 28.02  ? 142 GLU A CA  1 
ATOM   1034 C C   . GLU A 1 137 ? -8.822  3.958   -13.672 1.00 31.02  ? 142 GLU A C   1 
ATOM   1035 O O   . GLU A 1 137 ? -9.780  4.597   -14.108 1.00 31.59  ? 142 GLU A O   1 
ATOM   1036 C CB  . GLU A 1 137 ? -7.512  5.117   -11.885 1.00 26.19  ? 142 GLU A CB  1 
ATOM   1037 C CG  . GLU A 1 137 ? -7.476  5.520   -10.425 1.00 27.42  ? 142 GLU A CG  1 
ATOM   1038 C CD  . GLU A 1 137 ? -6.462  6.608   -10.134 1.00 27.80  ? 142 GLU A CD  1 
ATOM   1039 O OE1 . GLU A 1 137 ? -5.590  6.859   -10.988 1.00 30.24  ? 142 GLU A OE1 1 
ATOM   1040 O OE2 . GLU A 1 137 ? -6.524  7.205   -9.040  1.00 29.19  ? 142 GLU A OE2 1 
ATOM   1041 N N   . ARG A 1 138 ? -8.029  3.223   -14.448 1.00 33.52  ? 143 ARG A N   1 
ATOM   1042 C CA  . ARG A 1 138 ? -8.238  3.104   -15.883 1.00 36.89  ? 143 ARG A CA  1 
ATOM   1043 C C   . ARG A 1 138 ? -9.536  2.371   -16.157 1.00 39.38  ? 143 ARG A C   1 
ATOM   1044 O O   . ARG A 1 138 ? -10.303 2.765   -17.034 1.00 38.66  ? 143 ARG A O   1 
ATOM   1045 C CB  . ARG A 1 138 ? -7.061  2.370   -16.518 1.00 38.54  ? 143 ARG A CB  1 
ATOM   1046 C CG  . ARG A 1 138 ? -7.274  1.930   -17.958 1.00 44.40  ? 143 ARG A CG  1 
ATOM   1047 C CD  . ARG A 1 138 ? -6.015  2.102   -18.815 1.00 47.57  ? 143 ARG A CD  1 
ATOM   1048 N NE  . ARG A 1 138 ? -4.777  2.022   -18.042 1.00 50.84  ? 143 ARG A NE  1 
ATOM   1049 C CZ  . ARG A 1 138 ? -4.264  0.903   -17.542 1.00 52.12  ? 143 ARG A CZ  1 
ATOM   1050 N NH1 . ARG A 1 138 ? -4.867  -0.267  -17.725 1.00 52.64  ? 143 ARG A NH1 1 
ATOM   1051 N NH2 . ARG A 1 138 ? -3.162  0.968   -16.817 1.00 52.54  ? 143 ARG A NH2 1 
ATOM   1052 N N   . MET A 1 139 ? -9.783  1.313   -15.390 1.00 43.94  ? 144 MET A N   1 
ATOM   1053 C CA  . MET A 1 139 ? -11.001 0.522   -15.526 1.00 47.79  ? 144 MET A CA  1 
ATOM   1054 C C   . MET A 1 139 ? -12.210 1.372   -15.173 1.00 49.16  ? 144 MET A C   1 
ATOM   1055 O O   . MET A 1 139 ? -13.236 1.303   -15.841 1.00 52.31  ? 144 MET A O   1 
ATOM   1056 C CB  . MET A 1 139 ? -10.969 -0.701  -14.604 1.00 50.28  ? 144 MET A CB  1 
ATOM   1057 C CG  . MET A 1 139 ? -9.884  -1.710  -14.926 1.00 56.38  ? 144 MET A CG  1 
ATOM   1058 S SD  . MET A 1 139 ? -9.924  -2.271  -16.642 1.00 66.64  ? 144 MET A SD  1 
ATOM   1059 C CE  . MET A 1 139 ? -10.935 -3.786  -16.489 1.00 65.43  ? 144 MET A CE  1 
ATOM   1060 N N   . ALA A 1 140 ? -12.077 2.186   -14.131 1.00 48.91  ? 145 ALA A N   1 
ATOM   1061 C CA  . ALA A 1 140 ? -13.165 3.038   -13.681 1.00 50.59  ? 145 ALA A CA  1 
ATOM   1062 C C   . ALA A 1 140 ? -13.444 4.218   -14.607 1.00 53.37  ? 145 ALA A C   1 
ATOM   1063 O O   . ALA A 1 140 ? -14.547 4.761   -14.616 1.00 53.67  ? 145 ALA A O   1 
ATOM   1064 C CB  . ALA A 1 140 ? -12.879 3.530   -12.285 1.00 49.45  ? 145 ALA A CB  1 
ATOM   1065 N N   . GLU A 1 141 ? -12.442 4.612   -15.382 1.00 56.74  ? 146 GLU A N   1 
ATOM   1066 C CA  . GLU A 1 141 ? -12.577 5.741   -16.294 1.00 61.22  ? 146 GLU A CA  1 
ATOM   1067 C C   . GLU A 1 141 ? -12.382 5.297   -17.737 1.00 62.24  ? 146 GLU A C   1 
ATOM   1068 O O   . GLU A 1 141 ? -13.382 4.873   -18.352 1.00 62.33  ? 146 GLU A O   1 
ATOM   1069 C CB  . GLU A 1 141 ? -11.562 6.831   -15.931 1.00 64.17  ? 146 GLU A CB  1 
ATOM   1070 C CG  . GLU A 1 141 ? -11.692 7.370   -14.507 1.00 69.63  ? 146 GLU A CG  1 
ATOM   1071 C CD  . GLU A 1 141 ? -12.831 8.367   -14.347 1.00 72.74  ? 146 GLU A CD  1 
ATOM   1072 O OE1 . GLU A 1 141 ? -13.974 8.058   -14.747 1.00 73.68  ? 146 GLU A OE1 1 
ATOM   1073 O OE2 . GLU A 1 141 ? -12.574 9.476   -13.832 1.00 74.91  ? 146 GLU A OE2 1 
ATOM   1074 N N   . ALA A 1 147 ? -20.218 0.511   -22.404 1.00 73.99  ? 152 ALA A N   1 
ATOM   1075 C CA  . ALA A 1 147 ? -19.930 -0.155  -23.698 1.00 72.26  ? 152 ALA A CA  1 
ATOM   1076 C C   . ALA A 1 147 ? -20.932 -1.271  -23.963 1.00 71.63  ? 152 ALA A C   1 
ATOM   1077 O O   . ALA A 1 147 ? -21.964 -1.367  -23.296 1.00 70.55  ? 152 ALA A O   1 
ATOM   1078 C CB  . ALA A 1 147 ? -18.512 -0.718  -23.680 1.00 72.99  ? 152 ALA A CB  1 
ATOM   1079 N N   . HIS A 1 148 ? -20.658 -2.069  -24.988 1.00 71.77  ? 153 HIS A N   1 
ATOM   1080 C CA  . HIS A 1 148 ? -21.507 -3.207  -25.318 1.00 71.62  ? 153 HIS A CA  1 
ATOM   1081 C C   . HIS A 1 148 ? -20.763 -4.423  -24.790 1.00 70.94  ? 153 HIS A C   1 
ATOM   1082 O O   . HIS A 1 148 ? -20.834 -4.731  -23.598 1.00 70.94  ? 153 HIS A O   1 
ATOM   1083 C CB  . HIS A 1 148 ? -21.735 -3.295  -26.829 1.00 72.23  ? 153 HIS A CB  1 
ATOM   1084 C CG  . HIS A 1 148 ? -23.001 -2.640  -27.278 1.00 73.56  ? 153 HIS A CG  1 
ATOM   1085 N ND1 . HIS A 1 148 ? -23.020 -1.606  -28.187 1.00 74.69  ? 153 HIS A ND1 1 
ATOM   1086 C CD2 . HIS A 1 148 ? -24.290 -2.848  -26.919 1.00 73.90  ? 153 HIS A CD2 1 
ATOM   1087 C CE1 . HIS A 1 148 ? -24.265 -1.204  -28.369 1.00 75.10  ? 153 HIS A CE1 1 
ATOM   1088 N NE2 . HIS A 1 148 ? -25.055 -1.943  -27.611 1.00 75.13  ? 153 HIS A NE2 1 
ATOM   1089 N N   . TYR A 1 149 ? -20.033 -5.112  -25.670 1.00 69.28  ? 154 TYR A N   1 
ATOM   1090 C CA  . TYR A 1 149 ? -19.232 -6.246  -25.230 1.00 68.07  ? 154 TYR A CA  1 
ATOM   1091 C C   . TYR A 1 149 ? -18.103 -5.575  -24.479 1.00 66.58  ? 154 TYR A C   1 
ATOM   1092 O O   . TYR A 1 149 ? -17.387 -4.770  -25.059 1.00 65.90  ? 154 TYR A O   1 
ATOM   1093 C CB  . TYR A 1 149 ? -18.681 -7.044  -26.403 1.00 68.04  ? 154 TYR A CB  1 
ATOM   1094 C CG  . TYR A 1 149 ? -17.881 -8.244  -25.951 1.00 67.51  ? 154 TYR A CG  1 
ATOM   1095 C CD1 . TYR A 1 149 ? -18.508 -9.462  -25.704 1.00 67.63  ? 154 TYR A CD1 1 
ATOM   1096 C CD2 . TYR A 1 149 ? -16.503 -8.152  -25.736 1.00 67.65  ? 154 TYR A CD2 1 
ATOM   1097 C CE1 . TYR A 1 149 ? -17.791 -10.556 -25.244 1.00 69.05  ? 154 TYR A CE1 1 
ATOM   1098 C CE2 . TYR A 1 149 ? -15.776 -9.239  -25.276 1.00 68.56  ? 154 TYR A CE2 1 
ATOM   1099 C CZ  . TYR A 1 149 ? -16.428 -10.438 -25.028 1.00 69.13  ? 154 TYR A CZ  1 
ATOM   1100 O OH  . TYR A 1 149 ? -15.731 -11.527 -24.557 1.00 70.81  ? 154 TYR A OH  1 
ATOM   1101 N N   . ARG A 1 150 ? -17.969 -5.849  -23.185 1.00 65.64  ? 155 ARG A N   1 
ATOM   1102 C CA  . ARG A 1 150 ? -16.896 -5.173  -22.492 1.00 64.38  ? 155 ARG A CA  1 
ATOM   1103 C C   . ARG A 1 150 ? -15.554 -5.853  -22.644 1.00 62.62  ? 155 ARG A C   1 
ATOM   1104 O O   . ARG A 1 150 ? -15.454 -7.076  -22.689 1.00 60.48  ? 155 ARG A O   1 
ATOM   1105 C CB  . ARG A 1 150 ? -17.202 -4.785  -21.032 1.00 66.08  ? 155 ARG A CB  1 
ATOM   1106 C CG  . ARG A 1 150 ? -18.504 -5.277  -20.451 1.00 66.91  ? 155 ARG A CG  1 
ATOM   1107 C CD  . ARG A 1 150 ? -19.035 -4.221  -19.465 1.00 69.30  ? 155 ARG A CD  1 
ATOM   1108 N NE  . ARG A 1 150 ? -19.785 -3.192  -20.180 1.00 70.74  ? 155 ARG A NE  1 
ATOM   1109 C CZ  . ARG A 1 150 ? -20.375 -2.157  -19.596 1.00 71.16  ? 155 ARG A CZ  1 
ATOM   1110 N NH1 . ARG A 1 150 ? -20.223 -1.948  -18.302 1.00 71.55  ? 155 ARG A NH1 1 
ATOM   1111 N NH2 . ARG A 1 150 ? -21.045 -1.287  -20.330 1.00 72.01  ? 155 ARG A NH2 1 
ATOM   1112 N N   . TRP A 1 151 ? -14.548 -5.010  -22.870 1.00 61.85  ? 156 TRP A N   1 
ATOM   1113 C CA  . TRP A 1 151 ? -13.165 -5.434  -23.095 1.00 60.83  ? 156 TRP A CA  1 
ATOM   1114 C C   . TRP A 1 151 ? -12.275 -5.080  -21.902 1.00 62.14  ? 156 TRP A C   1 
ATOM   1115 O O   . TRP A 1 151 ? -11.208 -5.724  -21.727 1.00 63.47  ? 156 TRP A O   1 
ATOM   1116 C CB  . TRP A 1 151 ? -12.648 -4.766  -24.369 1.00 58.45  ? 156 TRP A CB  1 
ATOM   1117 C CG  . TRP A 1 151 ? -13.554 -4.931  -25.559 1.00 56.51  ? 156 TRP A CG  1 
ATOM   1118 C CD1 . TRP A 1 151 ? -14.638 -4.169  -25.881 1.00 56.58  ? 156 TRP A CD1 1 
ATOM   1119 C CD2 . TRP A 1 151 ? -13.440 -5.920  -26.584 1.00 54.83  ? 156 TRP A CD2 1 
ATOM   1120 N NE1 . TRP A 1 151 ? -15.212 -4.628  -27.045 1.00 54.97  ? 156 TRP A NE1 1 
ATOM   1121 C CE2 . TRP A 1 151 ? -14.496 -5.700  -27.497 1.00 52.95  ? 156 TRP A CE2 1 
ATOM   1122 C CE3 . TRP A 1 151 ? -12.551 -6.970  -26.822 1.00 55.08  ? 156 TRP A CE3 1 
ATOM   1123 C CZ2 . TRP A 1 151 ? -14.684 -6.493  -28.625 1.00 51.41  ? 156 TRP A CZ2 1 
ATOM   1124 C CZ3 . TRP A 1 151 ? -12.738 -7.760  -27.945 1.00 53.36  ? 156 TRP A CZ3 1 
ATOM   1125 C CH2 . TRP A 1 151 ? -13.798 -7.515  -28.833 1.00 51.85  ? 156 TRP A CH2 1 
ATOM   1126 O OXT . TRP A 1 151 ? -12.638 -4.163  -21.127 1.00 62.88  ? 156 TRP A OXT 1 
HETATM 1127 O O   . HOH B 2 .   ? 4.542   0.149   -6.614  1.00 18.30  ? 157 HOH A O   1 
HETATM 1128 O O   . HOH B 2 .   ? -23.357 -15.083 -5.528  1.00 25.72  ? 158 HOH A O   1 
HETATM 1129 O O   . HOH B 2 .   ? -23.395 -11.349 -11.104 1.00 33.94  ? 159 HOH A O   1 
HETATM 1130 O O   . HOH B 2 .   ? -27.607 -9.102  -1.248  1.00 30.50  ? 160 HOH A O   1 
HETATM 1131 O O   . HOH B 2 .   ? 12.805  -11.590 7.162   1.00 23.31  ? 161 HOH A O   1 
HETATM 1132 O O   . HOH B 2 .   ? 13.098  6.585   -3.501  1.00 36.46  ? 162 HOH A O   1 
HETATM 1133 O O   . HOH B 2 .   ? -11.590 -0.539  -11.254 1.00 30.86  ? 163 HOH A O   1 
HETATM 1134 O O   . HOH B 2 .   ? 16.333  -14.456 8.551   1.00 94.87  ? 164 HOH A O   1 
HETATM 1135 O O   . HOH B 2 .   ? 10.308  -13.833 -2.479  1.00 83.18  ? 165 HOH A O   1 
HETATM 1136 O O   . HOH B 2 .   ? -6.867  8.619   3.113   1.00 29.16  ? 166 HOH A O   1 
HETATM 1137 O O   . HOH B 2 .   ? 12.679  -2.378  -8.468  1.00 38.94  ? 167 HOH A O   1 
HETATM 1138 O O   . HOH B 2 .   ? 21.829  -1.818  -2.729  1.00 36.89  ? 168 HOH A O   1 
HETATM 1139 O O   . HOH B 2 .   ? 5.369   1.432   17.026  1.00 38.51  ? 169 HOH A O   1 
HETATM 1140 O O   . HOH B 2 .   ? -3.753  -1.919  8.446   1.00 31.68  ? 170 HOH A O   1 
HETATM 1141 O O   . HOH B 2 .   ? -4.809  5.017   -15.039 1.00 31.68  ? 171 HOH A O   1 
HETATM 1142 O O   . HOH B 2 .   ? -15.312 3.257   -3.593  1.00 26.54  ? 172 HOH A O   1 
HETATM 1143 O O   . HOH B 2 .   ? 13.378  -8.717  7.297   1.00 33.59  ? 173 HOH A O   1 
HETATM 1144 O O   . HOH B 2 .   ? 6.703   -8.620  2.635   1.00 37.27  ? 174 HOH A O   1 
HETATM 1145 O O   . HOH B 2 .   ? 2.814   7.885   -9.376  1.00 32.74  ? 175 HOH A O   1 
HETATM 1146 O O   . HOH B 2 .   ? 6.385   10.388  -7.339  1.00 37.21  ? 176 HOH A O   1 
HETATM 1147 O O   . HOH B 2 .   ? 13.417  -5.718  -5.916  1.00 45.27  ? 177 HOH A O   1 
HETATM 1148 O O   . HOH B 2 .   ? -5.866  1.670   6.739   1.00 30.15  ? 178 HOH A O   1 
HETATM 1149 O O   . HOH B 2 .   ? -2.826  8.468   -6.208  1.00 42.30  ? 179 HOH A O   1 
HETATM 1150 O O   . HOH B 2 .   ? -1.332  9.802   1.022   1.00 44.83  ? 180 HOH A O   1 
HETATM 1151 O O   . HOH B 2 .   ? 1.637   -7.615  -8.618  1.00 50.81  ? 181 HOH A O   1 
HETATM 1152 O O   . HOH B 2 .   ? -0.436  -4.912  -10.957 1.00 60.28  ? 182 HOH A O   1 
HETATM 1153 O O   . HOH B 2 .   ? 12.437  8.191   16.934  1.00 67.36  ? 183 HOH A O   1 
HETATM 1154 O O   . HOH B 2 .   ? -12.929 10.170  -1.799  1.00 100.06 ? 184 HOH A O   1 
HETATM 1155 O O   . HOH B 2 .   ? 17.314  -9.922  1.395   1.00 36.10  ? 185 HOH A O   1 
HETATM 1156 O O   . HOH B 2 .   ? -19.760 -2.508  -14.658 1.00 51.40  ? 186 HOH A O   1 
HETATM 1157 O O   . HOH B 2 .   ? 3.095   12.634  1.439   1.00 52.67  ? 187 HOH A O   1 
HETATM 1158 O O   . HOH B 2 .   ? -5.283  -2.610  4.275   1.00 42.95  ? 188 HOH A O   1 
HETATM 1159 O O   . HOH B 2 .   ? 6.067   12.180  1.328   1.00 32.72  ? 189 HOH A O   1 
HETATM 1160 O O   . HOH B 2 .   ? -18.141 5.535   -1.314  1.00 96.05  ? 190 HOH A O   1 
HETATM 1161 O O   . HOH B 2 .   ? -1.814  -7.453  1.982   1.00 81.27  ? 191 HOH A O   1 
HETATM 1162 O O   . HOH B 2 .   ? -25.069 -12.455 -9.123  1.00 32.25  ? 192 HOH A O   1 
HETATM 1163 O O   . HOH B 2 .   ? 8.068   -12.758 -1.113  1.00 84.07  ? 193 HOH A O   1 
HETATM 1164 O O   . HOH B 2 .   ? 10.449  11.241  -1.538  1.00 47.12  ? 194 HOH A O   1 
HETATM 1165 O O   . HOH B 2 .   ? 17.598  -11.624 -0.845  1.00 46.35  ? 195 HOH A O   1 
HETATM 1166 O O   . HOH B 2 .   ? 12.226  15.891  3.914   1.00 75.66  ? 196 HOH A O   1 
HETATM 1167 O O   . HOH B 2 .   ? -29.116 -5.482  -0.996  1.00 32.65  ? 197 HOH A O   1 
HETATM 1168 O O   . HOH B 2 .   ? -15.716 3.137   2.089   1.00 54.96  ? 198 HOH A O   1 
HETATM 1169 O O   . HOH B 2 .   ? -15.054 4.119   -1.018  1.00 24.29  ? 199 HOH A O   1 
HETATM 1170 O O   . HOH B 2 .   ? -7.426  -4.180  -11.666 1.00 47.98  ? 200 HOH A O   1 
HETATM 1171 O O   . HOH B 2 .   ? 15.860  -10.848 7.910   1.00 42.41  ? 201 HOH A O   1 
HETATM 1172 O O   . HOH B 2 .   ? 14.733  -7.454  9.656   1.00 37.70  ? 202 HOH A O   1 
HETATM 1173 O O   . HOH B 2 .   ? -14.864 -8.555  -4.955  1.00 56.20  ? 203 HOH A O   1 
HETATM 1174 O O   . HOH B 2 .   ? 0.786   9.567   2.767   1.00 30.38  ? 204 HOH A O   1 
HETATM 1175 O O   . HOH B 2 .   ? 3.280   6.379   -11.878 1.00 55.20  ? 205 HOH A O   1 
HETATM 1176 O O   . HOH B 2 .   ? -21.209 -12.754 -10.101 1.00 29.57  ? 206 HOH A O   1 
HETATM 1177 O O   . HOH B 2 .   ? 3.597   -13.822 3.877   1.00 82.24  ? 207 HOH A O   1 
HETATM 1178 O O   . HOH B 2 .   ? -0.664  -4.852  -5.620  1.00 33.21  ? 208 HOH A O   1 
HETATM 1179 O O   . HOH B 2 .   ? -18.654 8.479   -7.374  1.00 55.90  ? 209 HOH A O   1 
HETATM 1180 O O   . HOH B 2 .   ? -10.068 -1.384  -6.118  1.00 99.50  ? 210 HOH A O   1 
HETATM 1181 O O   . HOH B 2 .   ? 15.567  -18.835 0.902   1.00 99.43  ? 211 HOH A O   1 
HETATM 1182 O O   . HOH B 2 .   ? 7.305   13.667  -0.960  1.00 34.68  ? 212 HOH A O   1 
HETATM 1183 O O   . HOH B 2 .   ? 0.205   -10.709 -3.259  1.00 56.87  ? 213 HOH A O   1 
HETATM 1184 O O   . HOH B 2 .   ? -8.687  -8.810  -0.797  1.00 48.95  ? 214 HOH A O   1 
HETATM 1185 O O   . HOH B 2 .   ? 17.073  -7.628  -5.156  1.00 74.10  ? 215 HOH A O   1 
HETATM 1186 O O   . HOH B 2 .   ? -6.746  10.309  0.557   1.00 42.20  ? 216 HOH A O   1 
HETATM 1187 O O   . HOH B 2 .   ? 13.230  -11.033 14.904  1.00 46.04  ? 217 HOH A O   1 
HETATM 1188 O O   . HOH B 2 .   ? 17.210  -19.703 2.850   1.00 100.06 ? 218 HOH A O   1 
HETATM 1189 O O   . HOH B 2 .   ? -22.196 4.303   -11.280 1.00 78.89  ? 219 HOH A O   1 
HETATM 1190 O O   . HOH B 2 .   ? 20.409  -14.451 -0.741  1.00 77.94  ? 220 HOH A O   1 
HETATM 1191 O O   . HOH B 2 .   ? -3.675  6.200   -12.709 1.00 73.82  ? 221 HOH A O   1 
HETATM 1192 O O   . HOH B 2 .   ? -8.351  3.173   5.919   1.00 28.65  ? 222 HOH A O   1 
HETATM 1193 O O   . HOH B 2 .   ? -2.125  -15.678 11.350  1.00 57.91  ? 223 HOH A O   1 
HETATM 1194 O O   . HOH B 2 .   ? -0.122  -10.708 0.372   1.00 57.59  ? 224 HOH A O   1 
HETATM 1195 O O   . HOH B 2 .   ? 14.697  -1.709  13.860  1.00 62.86  ? 225 HOH A O   1 
HETATM 1196 O O   . HOH B 2 .   ? 23.610  5.797   0.094   1.00 48.57  ? 226 HOH A O   1 
HETATM 1197 O O   . HOH B 2 .   ? -0.138  -10.354 7.160   1.00 40.13  ? 227 HOH A O   1 
HETATM 1198 O O   . HOH B 2 .   ? -3.699  1.667   17.565  1.00 45.05  ? 228 HOH A O   1 
HETATM 1199 O O   . HOH B 2 .   ? -7.596  -5.623  -3.847  1.00 41.51  ? 229 HOH A O   1 
HETATM 1200 O O   . HOH B 2 .   ? 14.136  8.914   10.536  1.00 38.90  ? 230 HOH A O   1 
HETATM 1201 O O   . HOH B 2 .   ? -7.316  -4.475  3.532   1.00 52.53  ? 231 HOH A O   1 
HETATM 1202 O O   . HOH B 2 .   ? 18.639  -12.041 8.050   1.00 72.15  ? 232 HOH A O   1 
HETATM 1203 O O   . HOH B 2 .   ? 15.065  13.818  2.825   1.00 52.30  ? 233 HOH A O   1 
HETATM 1204 O O   . HOH B 2 .   ? 9.871   -17.049 7.000   1.00 88.31  ? 234 HOH A O   1 
HETATM 1205 O O   . HOH B 2 .   ? -6.972  6.950   -16.343 1.00 68.50  ? 235 HOH A O   1 
HETATM 1206 O O   . HOH B 2 .   ? 10.191  -11.275 7.653   1.00 100.06 ? 236 HOH A O   1 
HETATM 1207 O O   . HOH B 2 .   ? -23.466 -14.816 -8.506  1.00 34.66  ? 237 HOH A O   1 
HETATM 1208 O O   . HOH B 2 .   ? 20.143  3.047   8.303   1.00 48.04  ? 238 HOH A O   1 
HETATM 1209 O O   . HOH B 2 .   ? 6.403   -5.394  20.313  1.00 42.48  ? 239 HOH A O   1 
HETATM 1210 O O   . HOH B 2 .   ? -20.639 -1.556  -0.511  1.00 67.43  ? 240 HOH A O   1 
HETATM 1211 O O   . HOH B 2 .   ? -14.224 -0.963  -17.708 1.00 61.83  ? 241 HOH A O   1 
HETATM 1212 O O   . HOH B 2 .   ? -5.875  10.074  -9.552  1.00 37.47  ? 242 HOH A O   1 
HETATM 1213 O O   . HOH B 2 .   ? 0.099   6.867   -11.455 1.00 42.16  ? 243 HOH A O   1 
HETATM 1214 O O   . HOH B 2 .   ? 11.742  9.072   -3.155  1.00 46.47  ? 244 HOH A O   1 
HETATM 1215 O O   . HOH B 2 .   ? -3.787  7.544   8.472   1.00 59.27  ? 245 HOH A O   1 
HETATM 1216 O O   . HOH B 2 .   ? 3.988   1.530   -12.291 1.00 72.22  ? 246 HOH A O   1 
HETATM 1217 O O   . HOH B 2 .   ? -20.941 -0.145  -15.227 1.00 39.17  ? 247 HOH A O   1 
HETATM 1218 O O   . HOH B 2 .   ? -4.175  5.422   10.133  1.00 62.43  ? 248 HOH A O   1 
HETATM 1219 O O   . HOH B 2 .   ? -3.538  8.088   -9.524  1.00 61.60  ? 249 HOH A O   1 
HETATM 1220 O O   . HOH B 2 .   ? 5.912   -16.930 8.006   1.00 34.96  ? 250 HOH A O   1 
HETATM 1221 O O   . HOH B 2 .   ? -13.997 -4.091  -5.802  1.00 45.62  ? 251 HOH A O   1 
HETATM 1222 O O   . HOH B 2 .   ? 12.179  9.885   8.350   1.00 72.12  ? 252 HOH A O   1 
HETATM 1223 O O   . HOH B 2 .   ? -4.547  11.748  -0.429  1.00 43.44  ? 253 HOH A O   1 
HETATM 1224 O O   . HOH B 2 .   ? -9.369  -4.096  -5.616  1.00 46.83  ? 254 HOH A O   1 
HETATM 1225 O O   . HOH B 2 .   ? -5.562  -1.059  6.392   1.00 39.01  ? 255 HOH A O   1 
HETATM 1226 O O   . HOH B 2 .   ? 9.005   5.516   7.175   1.00 58.97  ? 256 HOH A O   1 
HETATM 1227 O O   . HOH B 2 .   ? 14.236  -4.434  14.143  1.00 56.91  ? 257 HOH A O   1 
HETATM 1228 O O   . HOH B 2 .   ? 1.654   -13.910 -3.374  1.00 42.15  ? 258 HOH A O   1 
HETATM 1229 O O   . HOH B 2 .   ? 12.568  5.351   -11.200 1.00 82.54  ? 259 HOH A O   1 
HETATM 1230 O O   . HOH B 2 .   ? -10.980 -2.933  -12.505 1.00 55.60  ? 260 HOH A O   1 
HETATM 1231 O O   . HOH B 2 .   ? -3.241  -0.674  16.056  1.00 47.79  ? 261 HOH A O   1 
HETATM 1232 O O   . HOH B 2 .   ? -5.150  -0.721  11.138  1.00 53.74  ? 262 HOH A O   1 
HETATM 1233 O O   . HOH B 2 .   ? -22.796 -4.596  -1.131  1.00 65.14  ? 263 HOH A O   1 
HETATM 1234 O O   . HOH B 2 .   ? -0.730  -4.365  -15.321 1.00 100.06 ? 264 HOH A O   1 
HETATM 1235 O O   . HOH B 2 .   ? 4.212   -9.140  21.482  1.00 79.86  ? 265 HOH A O   1 
HETATM 1236 O O   . HOH B 2 .   ? 4.629   10.301  -9.584  1.00 67.03  ? 266 HOH A O   1 
HETATM 1237 O O   . HOH B 2 .   ? 14.307  7.506   -10.583 1.00 93.61  ? 267 HOH A O   1 
HETATM 1238 O O   . HOH B 2 .   ? 3.152   -9.419  2.344   1.00 70.36  ? 268 HOH A O   1 
HETATM 1239 O O   . HOH B 2 .   ? -7.121  -1.057  -16.439 1.00 75.86  ? 269 HOH A O   1 
HETATM 1240 O O   . HOH B 2 .   ? 22.375  5.535   7.518   1.00 74.99  ? 270 HOH A O   1 
HETATM 1241 O O   . HOH B 2 .   ? 0.573   11.282  -5.744  1.00 70.38  ? 271 HOH A O   1 
HETATM 1242 O O   . HOH B 2 .   ? 7.050   13.426  6.769   1.00 57.96  ? 272 HOH A O   1 
HETATM 1243 O O   . HOH B 2 .   ? 3.805   -10.049 12.540  1.00 54.60  ? 273 HOH A O   1 
HETATM 1244 O O   . HOH B 2 .   ? -0.560  10.694  12.097  1.00 60.21  ? 274 HOH A O   1 
HETATM 1245 O O   . HOH B 2 .   ? -13.340 2.391   -19.413 1.00 59.55  ? 275 HOH A O   1 
HETATM 1246 O O   . HOH B 2 .   ? -20.226 -1.295  -3.208  1.00 62.56  ? 276 HOH A O   1 
HETATM 1247 O O   . HOH B 2 .   ? -14.934 -4.679  -9.492  1.00 76.50  ? 277 HOH A O   1 
HETATM 1248 O O   . HOH B 2 .   ? 0.213   10.560  -8.482  1.00 50.26  ? 278 HOH A O   1 
HETATM 1249 O O   . HOH B 2 .   ? -1.089  -7.803  18.108  1.00 70.16  ? 279 HOH A O   1 
HETATM 1250 O O   . HOH B 2 .   ? 0.331   7.970   -8.266  1.00 40.05  ? 280 HOH A O   1 
HETATM 1251 O O   . HOH B 2 .   ? 21.543  12.831  3.170   1.00 58.15  ? 281 HOH A O   1 
HETATM 1252 O O   . HOH B 2 .   ? -13.091 -10.201 -6.911  1.00 73.93  ? 282 HOH A O   1 
HETATM 1253 O O   . HOH B 2 .   ? -16.694 -7.232  -9.808  1.00 58.77  ? 283 HOH A O   1 
HETATM 1254 O O   . HOH B 2 .   ? -0.809  1.500   -16.186 1.00 55.97  ? 284 HOH A O   1 
HETATM 1255 O O   . HOH B 2 .   ? -15.758 -4.086  -3.142  1.00 44.83  ? 285 HOH A O   1 
HETATM 1256 O O   . HOH B 2 .   ? 6.600   -9.564  5.128   1.00 58.16  ? 286 HOH A O   1 
HETATM 1257 O O   . HOH B 2 .   ? 15.794  5.612   9.940   1.00 59.05  ? 287 HOH A O   1 
HETATM 1258 O O   . HOH B 2 .   ? 10.301  -0.577  -10.984 1.00 68.26  ? 288 HOH A O   1 
HETATM 1259 O O   . HOH B 2 .   ? 13.482  -16.024 0.026   1.00 92.83  ? 289 HOH A O   1 
HETATM 1260 O O   . HOH B 2 .   ? -7.924  6.528   8.395   1.00 60.16  ? 290 HOH A O   1 
HETATM 1261 O O   . HOH B 2 .   ? -3.643  8.545   18.000  1.00 57.98  ? 291 HOH A O   1 
HETATM 1262 O O   . HOH B 2 .   ? 16.322  -14.913 -4.154  1.00 53.92  ? 292 HOH A O   1 
HETATM 1263 O O   . HOH B 2 .   ? 10.896  12.332  9.689   1.00 64.51  ? 293 HOH A O   1 
HETATM 1264 O O   . HOH B 2 .   ? 14.975  -7.553  17.506  1.00 54.12  ? 294 HOH A O   1 
HETATM 1265 O O   . HOH B 2 .   ? -8.521  7.325   5.856   1.00 55.70  ? 295 HOH A O   1 
HETATM 1266 O O   . HOH B 2 .   ? 2.939   0.953   15.674  1.00 67.75  ? 296 HOH A O   1 
HETATM 1267 O O   . HOH B 2 .   ? -1.213  -6.622  -7.543  1.00 64.70  ? 297 HOH A O   1 
HETATM 1268 O O   . HOH B 2 .   ? 6.249   -16.529 13.258  1.00 77.58  ? 298 HOH A O   1 
HETATM 1269 O O   . HOH B 2 .   ? -3.176  -4.661  -12.015 1.00 52.45  ? 299 HOH A O   1 
HETATM 1270 O O   . HOH B 2 .   ? 1.566   13.434  5.801   1.00 80.98  ? 300 HOH A O   1 
HETATM 1271 O O   . HOH B 2 .   ? 5.037   -11.556 4.013   1.00 74.17  ? 301 HOH A O   1 
HETATM 1272 O O   . HOH B 2 .   ? -11.751 -2.473  -8.052  1.00 53.36  ? 302 HOH A O   1 
# 
